data_8PWL
#
_entry.id   8PWL
#
_cell.length_a   1.00
_cell.length_b   1.00
_cell.length_c   1.00
_cell.angle_alpha   90.00
_cell.angle_beta   90.00
_cell.angle_gamma   90.00
#
_symmetry.space_group_name_H-M   'P 1'
#
_entity_poly.entity_id   1
_entity_poly.type   'polypeptide(L)'
_entity_poly.pdbx_seq_one_letter_code
;GMERAMEQLNRLTRSLRRARTVELPEDNETAVYTLMPMVMADQHRSVSELLSNSKFDVNYAFGRVKRSLLHIAANCGSVE
CLVLLLKKGANPNYQDISGCTPLHLAARNGQKKCMSKLLEYSADVNICNNEGLTAIHWLAVNGRTELLHDLVQHVSDVDV
EDAMGQTALHVACQNGHKTTVQCLLDSGADINRPNVSGATPLYFACSHGQRDTAQILLLRGAKYLPDKNGVTPLDLCVQG
GYGETCEVLIQYHPRLFQTIIQMTQNEDLRENMLRQVLEHLSQQSESQYLKILTSLAEVATTNGHKLLSLSSNYDAQMKS
LLRIVRMFCHVFRIGPSSPSNGIDMGYNGNKTPRSQVFKPLELLWHSLDEWLVLIATELMKNKRDSTEITSILLKQKGQD
QDAASIPPFEPPGPGSYENLSTGTRESKPDALAGRQEASADCQDVISMTANRLSAVIQAFYMCCSCQMPPGMTSPRFIEF
VCKHDEVLKCFVNRNPKIIFDHFHFLLECPELMSRFMHIIKAQPFKDRCEWFYEHLHSGQPDSDMVHRPVNENDILLVHR
DSIFRSSCEVVSKANCAKLKQGIAVRFHGEEGMGQGVVREWFDILSNEIVNPDYALFTQSADGTTFQPNSNSYVNPDHLN
YFRFAGQILGLALNHRQLVNIYFTRSFYKHILGIPVNYQDVASIDPEYAKNLQWILDNDISDLGLELTFSVETDVFGAME
EVPLKPGGGSILVTQNNKAEYVQLVTELRMTRAIQPQINAFLQGFHMFIPPSLIQLFDEYELELLLSGMPEIDVSDWIKN
TEYTSGYEREDPVIQWFWEVVEDITQEERVLLLQFVTGSSRVPHGGFANIMGGSGLQNFTIAAVPYTPNLLPTSSTCINM
LKLPEYPSKEILKDRLLVALHCGSYGYTMA
;
_entity_poly.pdbx_strand_id   A,B
#
# COMPACT_ATOMS: atom_id res chain seq x y z
N MET A 2 66.95 39.13 -38.11
CA MET A 2 66.15 39.03 -39.33
C MET A 2 64.69 39.15 -38.86
N GLU A 3 63.74 39.29 -39.78
CA GLU A 3 62.37 39.62 -39.43
C GLU A 3 61.74 38.56 -38.52
N ARG A 4 60.59 38.92 -37.93
CA ARG A 4 59.91 38.05 -36.98
C ARG A 4 59.29 36.81 -37.62
N ALA A 5 59.46 36.61 -38.93
CA ALA A 5 58.93 35.42 -39.58
C ALA A 5 59.57 34.16 -39.00
N MET A 6 60.89 34.17 -38.83
CA MET A 6 61.56 33.03 -38.19
C MET A 6 61.14 32.90 -36.74
N GLU A 7 61.03 34.03 -36.03
CA GLU A 7 60.68 34.00 -34.62
C GLU A 7 59.31 33.37 -34.39
N GLN A 8 58.33 33.70 -35.21
CA GLN A 8 57.03 33.07 -35.08
C GLN A 8 57.00 31.65 -35.63
N LEU A 9 57.92 31.31 -36.53
CA LEU A 9 57.94 29.96 -37.11
C LEU A 9 58.35 28.92 -36.07
N ASN A 10 59.41 29.20 -35.31
CA ASN A 10 59.83 28.23 -34.30
C ASN A 10 58.90 28.24 -33.09
N ARG A 11 58.25 29.37 -32.80
CA ARG A 11 57.27 29.41 -31.72
C ARG A 11 56.04 28.56 -32.06
N LEU A 12 55.62 28.59 -33.32
CA LEU A 12 54.54 27.68 -33.73
C LEU A 12 55.06 26.25 -33.89
N THR A 13 56.35 26.09 -34.20
CA THR A 13 56.93 24.75 -34.28
C THR A 13 56.93 24.09 -32.90
N ARG A 14 57.36 24.81 -31.88
CA ARG A 14 57.30 24.30 -30.52
C ARG A 14 55.86 24.23 -30.00
N SER A 15 54.94 24.96 -30.62
CA SER A 15 53.53 24.82 -30.28
C SER A 15 52.98 23.49 -30.76
N LEU A 16 53.26 23.12 -32.01
CA LEU A 16 52.80 21.85 -32.54
C LEU A 16 53.62 20.66 -32.03
N ARG A 17 54.78 20.92 -31.43
CA ARG A 17 55.63 19.85 -30.92
C ARG A 17 55.38 19.56 -29.44
N ARG A 18 55.23 20.60 -28.62
CA ARG A 18 55.12 20.40 -27.17
C ARG A 18 54.03 21.28 -26.57
N ALA A 19 53.02 21.66 -27.36
CA ALA A 19 51.90 22.47 -26.89
C ALA A 19 52.37 23.78 -26.27
N ARG A 20 53.45 24.34 -26.80
CA ARG A 20 54.04 25.54 -26.23
C ARG A 20 53.30 26.79 -26.71
N THR A 21 53.50 27.89 -25.99
CA THR A 21 52.86 29.15 -26.30
C THR A 21 53.73 30.01 -27.21
N VAL A 22 53.10 31.05 -27.76
CA VAL A 22 53.79 32.03 -28.60
C VAL A 22 53.81 33.40 -27.95
N GLU A 23 52.63 33.91 -27.58
CA GLU A 23 52.53 35.20 -26.89
C GLU A 23 51.23 35.21 -26.10
N LEU A 24 51.15 36.13 -25.14
CA LEU A 24 49.99 36.25 -24.26
C LEU A 24 49.43 37.66 -24.34
N PRO A 25 48.15 37.83 -24.67
CA PRO A 25 47.57 39.18 -24.68
C PRO A 25 47.57 39.80 -23.29
N GLU A 26 47.72 41.13 -23.26
CA GLU A 26 47.86 41.86 -22.01
C GLU A 26 46.53 42.22 -21.36
N ASP A 27 45.41 42.10 -22.07
CA ASP A 27 44.12 42.41 -21.48
C ASP A 27 43.80 41.43 -20.36
N ASN A 28 43.36 41.97 -19.22
CA ASN A 28 43.29 41.17 -17.99
C ASN A 28 42.27 40.03 -18.12
N GLU A 29 41.05 40.34 -18.57
CA GLU A 29 40.01 39.32 -18.58
C GLU A 29 40.29 38.21 -19.57
N THR A 30 40.91 38.54 -20.71
CA THR A 30 41.24 37.51 -21.69
C THR A 30 42.47 36.71 -21.25
N ALA A 31 43.44 37.37 -20.62
CA ALA A 31 44.65 36.68 -20.20
C ALA A 31 44.36 35.62 -19.16
N VAL A 32 43.54 35.97 -18.16
CA VAL A 32 43.24 35.00 -17.10
C VAL A 32 42.36 33.88 -17.64
N TYR A 33 41.40 34.21 -18.50
CA TYR A 33 40.47 33.22 -19.03
C TYR A 33 41.06 32.33 -20.10
N THR A 34 42.37 32.41 -20.33
CA THR A 34 43.08 31.44 -21.17
C THR A 34 44.07 30.60 -20.37
N LEU A 35 44.10 30.73 -19.04
CA LEU A 35 45.12 30.10 -18.22
C LEU A 35 44.52 29.26 -17.08
N MET A 36 43.34 28.66 -17.29
CA MET A 36 42.93 27.60 -16.37
C MET A 36 43.56 26.24 -16.70
N PRO A 37 43.44 25.74 -17.95
CA PRO A 37 43.71 24.30 -18.17
C PRO A 37 45.08 23.82 -17.74
N MET A 38 46.14 24.63 -17.96
CA MET A 38 47.46 24.19 -17.51
C MET A 38 47.62 24.28 -16.00
N VAL A 39 46.78 25.07 -15.33
CA VAL A 39 46.77 25.10 -13.86
C VAL A 39 45.88 23.99 -13.29
N MET A 40 45.00 23.41 -14.10
CA MET A 40 44.16 22.31 -13.63
C MET A 40 45.01 21.13 -13.19
N ALA A 41 46.02 20.78 -13.98
CA ALA A 41 46.86 19.61 -13.72
C ALA A 41 48.25 19.98 -13.22
N ASP A 42 48.46 21.23 -12.81
CA ASP A 42 49.76 21.70 -12.33
C ASP A 42 50.85 21.50 -13.38
N GLN A 43 50.56 21.93 -14.60
CA GLN A 43 51.54 21.83 -15.68
C GLN A 43 52.62 22.90 -15.49
N HIS A 44 53.65 22.56 -14.70
CA HIS A 44 54.68 23.54 -14.37
C HIS A 44 55.47 23.98 -15.60
N ARG A 45 55.66 23.09 -16.57
CA ARG A 45 56.42 23.45 -17.76
C ARG A 45 55.70 24.54 -18.56
N SER A 46 54.37 24.44 -18.69
CA SER A 46 53.62 25.42 -19.47
C SER A 46 53.65 26.79 -18.80
N VAL A 47 53.32 26.85 -17.51
CA VAL A 47 53.25 28.14 -16.82
C VAL A 47 54.64 28.78 -16.70
N SER A 48 55.69 27.97 -16.59
CA SER A 48 57.04 28.51 -16.58
C SER A 48 57.36 29.22 -17.88
N GLU A 49 56.94 28.63 -19.01
CA GLU A 49 57.13 29.29 -20.29
C GLU A 49 56.28 30.55 -20.41
N LEU A 50 55.08 30.54 -19.81
CA LEU A 50 54.24 31.72 -19.82
C LEU A 50 54.90 32.87 -19.08
N LEU A 51 55.49 32.60 -17.91
CA LEU A 51 56.15 33.67 -17.16
C LEU A 51 57.35 34.22 -17.90
N SER A 52 57.96 33.42 -18.78
CA SER A 52 59.09 33.91 -19.57
C SER A 52 58.67 35.04 -20.49
N ASN A 53 57.49 34.93 -21.09
CA ASN A 53 56.96 35.94 -22.01
C ASN A 53 55.55 36.30 -21.57
N SER A 54 55.43 37.26 -20.64
CA SER A 54 54.13 37.72 -20.19
C SER A 54 54.30 39.08 -19.51
N LYS A 55 53.22 39.86 -19.54
CA LYS A 55 53.12 41.14 -18.85
C LYS A 55 51.84 41.22 -18.04
N PHE A 56 51.33 40.07 -17.62
CA PHE A 56 50.05 39.98 -16.92
C PHE A 56 50.29 39.94 -15.41
N ASP A 57 49.54 40.76 -14.67
CA ASP A 57 49.66 40.78 -13.23
C ASP A 57 49.10 39.50 -12.63
N VAL A 58 49.76 39.00 -11.57
CA VAL A 58 49.32 37.80 -10.89
C VAL A 58 48.36 38.10 -9.74
N ASN A 59 48.01 39.36 -9.52
CA ASN A 59 47.11 39.78 -8.44
C ASN A 59 45.79 40.30 -8.98
N TYR A 60 45.27 39.65 -10.02
CA TYR A 60 44.07 40.11 -10.70
C TYR A 60 42.81 39.52 -10.07
N ALA A 61 41.71 40.26 -10.18
CA ALA A 61 40.40 39.85 -9.68
C ALA A 61 39.51 39.49 -10.84
N PHE A 62 38.89 38.31 -10.78
CA PHE A 62 38.07 37.82 -11.88
C PHE A 62 37.00 36.89 -11.34
N GLY A 63 35.87 36.84 -12.03
CA GLY A 63 34.80 35.92 -11.68
C GLY A 63 33.82 36.50 -10.67
N ARG A 64 32.75 35.74 -10.43
CA ARG A 64 31.73 36.14 -9.47
C ARG A 64 32.25 36.18 -8.05
N VAL A 65 33.32 35.43 -7.75
CA VAL A 65 33.91 35.42 -6.41
C VAL A 65 35.10 36.37 -6.32
N LYS A 66 35.58 36.90 -7.46
CA LYS A 66 36.75 37.77 -7.50
C LYS A 66 37.98 37.07 -6.91
N ARG A 67 38.25 35.86 -7.41
CA ARG A 67 39.40 35.09 -6.98
C ARG A 67 40.63 35.51 -7.78
N SER A 68 41.80 35.09 -7.29
CA SER A 68 43.06 35.30 -7.98
C SER A 68 43.57 33.97 -8.53
N LEU A 69 44.67 34.05 -9.28
CA LEU A 69 45.26 32.86 -9.87
C LEU A 69 45.67 31.85 -8.80
N LEU A 70 46.09 32.35 -7.64
CA LEU A 70 46.53 31.46 -6.56
C LEU A 70 45.36 30.68 -5.98
N HIS A 71 44.14 31.20 -6.09
CA HIS A 71 42.98 30.49 -5.56
C HIS A 71 42.68 29.22 -6.36
N ILE A 72 42.91 29.25 -7.68
CA ILE A 72 42.77 28.04 -8.48
C ILE A 72 43.78 27.00 -8.04
N ALA A 73 45.03 27.42 -7.80
CA ALA A 73 46.06 26.48 -7.36
C ALA A 73 45.71 25.86 -6.02
N ALA A 74 45.19 26.66 -5.08
CA ALA A 74 44.79 26.12 -3.78
C ALA A 74 43.63 25.16 -3.92
N ASN A 75 42.64 25.51 -4.75
CA ASN A 75 41.48 24.63 -4.93
C ASN A 75 41.86 23.33 -5.62
N CYS A 76 42.68 23.41 -6.67
CA CYS A 76 43.07 22.23 -7.43
C CYS A 76 44.12 21.38 -6.74
N GLY A 77 44.73 21.88 -5.66
CA GLY A 77 45.79 21.15 -5.00
C GLY A 77 47.14 21.24 -5.66
N SER A 78 47.27 22.05 -6.70
CA SER A 78 48.55 22.20 -7.39
C SER A 78 49.58 22.87 -6.48
N VAL A 79 50.84 22.49 -6.67
CA VAL A 79 51.93 22.96 -5.83
C VAL A 79 53.01 23.69 -6.62
N GLU A 80 53.38 23.16 -7.79
CA GLU A 80 54.49 23.75 -8.54
C GLU A 80 54.13 25.10 -9.12
N CYS A 81 52.88 25.26 -9.59
CA CYS A 81 52.49 26.52 -10.22
C CYS A 81 52.48 27.66 -9.21
N LEU A 82 51.99 27.41 -7.99
CA LEU A 82 51.93 28.49 -7.00
C LEU A 82 53.33 28.90 -6.55
N VAL A 83 54.29 27.99 -6.58
CA VAL A 83 55.66 28.32 -6.21
C VAL A 83 56.22 29.36 -7.18
N LEU A 84 56.03 29.12 -8.48
CA LEU A 84 56.49 30.09 -9.48
C LEU A 84 55.56 31.30 -9.58
N LEU A 85 54.27 31.13 -9.27
CA LEU A 85 53.38 32.27 -9.21
C LEU A 85 53.78 33.23 -8.09
N LEU A 86 54.13 32.68 -6.92
CA LEU A 86 54.60 33.51 -5.81
C LEU A 86 55.93 34.17 -6.15
N LYS A 87 56.81 33.45 -6.86
CA LYS A 87 58.09 34.02 -7.26
C LYS A 87 57.91 35.20 -8.20
N LYS A 88 56.82 35.21 -8.98
CA LYS A 88 56.55 36.33 -9.87
C LYS A 88 56.24 37.61 -9.12
N GLY A 89 55.78 37.51 -7.87
CA GLY A 89 55.43 38.68 -7.09
C GLY A 89 54.00 38.65 -6.61
N ALA A 90 53.42 37.45 -6.51
CA ALA A 90 52.05 37.31 -6.08
C ALA A 90 51.90 37.65 -4.59
N ASN A 91 50.77 38.25 -4.25
CA ASN A 91 50.48 38.60 -2.87
C ASN A 91 49.65 37.49 -2.22
N PRO A 92 50.16 36.81 -1.20
CA PRO A 92 49.36 35.78 -0.52
C PRO A 92 48.27 36.32 0.37
N ASN A 93 48.18 37.63 0.55
CA ASN A 93 47.17 38.25 1.39
C ASN A 93 45.96 38.75 0.60
N TYR A 94 45.80 38.28 -0.64
CA TYR A 94 44.66 38.65 -1.46
C TYR A 94 43.37 38.12 -0.85
N GLN A 95 42.25 38.75 -1.22
CA GLN A 95 40.95 38.41 -0.67
C GLN A 95 39.90 38.34 -1.77
N ASP A 96 38.90 37.50 -1.54
CA ASP A 96 37.80 37.32 -2.48
C ASP A 96 36.67 38.29 -2.12
N ILE A 97 35.47 38.07 -2.67
CA ILE A 97 34.33 38.94 -2.39
C ILE A 97 34.05 38.98 -0.88
N SER A 98 34.12 37.83 -0.22
CA SER A 98 33.90 37.74 1.21
C SER A 98 35.18 37.92 2.02
N GLY A 99 36.30 38.22 1.36
CA GLY A 99 37.57 38.32 2.06
C GLY A 99 38.30 37.00 2.18
N CYS A 100 38.11 36.09 1.23
CA CYS A 100 38.71 34.75 1.31
C CYS A 100 40.19 34.82 0.94
N THR A 101 41.04 34.63 1.94
CA THR A 101 42.47 34.49 1.68
C THR A 101 42.74 33.18 0.95
N PRO A 102 43.77 33.14 0.10
CA PRO A 102 44.17 31.84 -0.49
C PRO A 102 44.53 30.80 0.55
N LEU A 103 44.92 31.21 1.76
CA LEU A 103 45.09 30.25 2.84
C LEU A 103 43.78 29.55 3.16
N HIS A 104 42.67 30.29 3.18
CA HIS A 104 41.37 29.71 3.49
C HIS A 104 40.95 28.70 2.44
N LEU A 105 41.12 29.02 1.16
CA LEU A 105 40.75 28.09 0.10
C LEU A 105 41.59 26.82 0.15
N ALA A 106 42.89 26.96 0.40
CA ALA A 106 43.73 25.78 0.60
C ALA A 106 43.28 25.00 1.84
N ALA A 107 42.87 25.72 2.88
CA ALA A 107 42.32 25.07 4.06
C ALA A 107 40.98 24.42 3.76
N ARG A 108 40.20 25.00 2.84
CA ARG A 108 38.88 24.44 2.52
C ARG A 108 39.01 23.04 1.93
N ASN A 109 40.01 22.83 1.08
CA ASN A 109 40.26 21.51 0.49
C ASN A 109 41.24 20.68 1.31
N GLY A 110 41.76 21.21 2.41
CA GLY A 110 42.69 20.46 3.23
C GLY A 110 43.99 20.11 2.54
N GLN A 111 44.56 21.04 1.81
CA GLN A 111 45.81 20.81 1.07
C GLN A 111 46.98 21.15 1.98
N LYS A 112 47.67 20.12 2.47
CA LYS A 112 48.81 20.34 3.35
C LYS A 112 49.96 21.05 2.63
N LYS A 113 50.26 20.61 1.42
CA LYS A 113 51.41 21.16 0.69
C LYS A 113 51.16 22.60 0.26
N CYS A 114 49.94 22.89 -0.22
CA CYS A 114 49.66 24.22 -0.75
C CYS A 114 49.80 25.30 0.33
N MET A 115 49.29 25.04 1.53
CA MET A 115 49.37 26.03 2.58
C MET A 115 50.79 26.18 3.13
N SER A 116 51.62 25.15 2.98
CA SER A 116 52.98 25.20 3.53
C SER A 116 53.82 26.24 2.80
N LYS A 117 53.85 26.20 1.48
CA LYS A 117 54.62 27.19 0.72
C LYS A 117 53.91 28.54 0.69
N LEU A 118 52.58 28.55 0.73
CA LEU A 118 51.84 29.80 0.72
C LEU A 118 52.11 30.61 1.99
N LEU A 119 52.16 29.93 3.14
CA LEU A 119 52.51 30.61 4.39
C LEU A 119 53.97 31.03 4.39
N GLU A 120 54.84 30.28 3.72
CA GLU A 120 56.27 30.58 3.68
C GLU A 120 56.59 31.89 2.97
N TYR A 121 55.64 32.45 2.22
CA TYR A 121 55.86 33.66 1.42
C TYR A 121 55.28 34.90 2.09
N SER A 122 55.39 34.98 3.42
CA SER A 122 54.96 36.16 4.19
C SER A 122 53.46 36.40 4.02
N ALA A 123 52.68 35.42 4.46
CA ALA A 123 51.22 35.49 4.41
C ALA A 123 50.68 35.73 5.81
N ASP A 124 49.80 36.73 5.94
CA ASP A 124 49.21 37.04 7.24
C ASP A 124 48.21 35.96 7.64
N VAL A 125 48.27 35.55 8.90
CA VAL A 125 47.39 34.50 9.42
C VAL A 125 46.16 35.05 10.13
N ASN A 126 46.07 36.37 10.33
CA ASN A 126 44.98 36.98 11.06
C ASN A 126 43.85 37.47 10.16
N ILE A 127 43.93 37.24 8.85
CA ILE A 127 42.89 37.71 7.95
C ILE A 127 41.63 36.87 8.16
N CYS A 128 40.49 37.54 8.29
CA CYS A 128 39.22 36.89 8.57
C CYS A 128 38.24 37.16 7.42
N ASN A 129 37.25 36.29 7.31
CA ASN A 129 36.25 36.39 6.25
C ASN A 129 35.18 37.41 6.64
N ASN A 130 34.10 37.46 5.86
CA ASN A 130 33.01 38.38 6.17
C ASN A 130 32.34 38.02 7.49
N GLU A 131 32.22 36.72 7.78
CA GLU A 131 31.64 36.25 9.02
C GLU A 131 32.65 36.23 10.17
N GLY A 132 33.86 36.74 9.95
CA GLY A 132 34.87 36.79 10.98
C GLY A 132 35.72 35.55 11.12
N LEU A 133 35.51 34.54 10.27
CA LEU A 133 36.30 33.31 10.35
C LEU A 133 37.70 33.57 9.81
N THR A 134 38.70 33.41 10.69
CA THR A 134 40.10 33.56 10.30
C THR A 134 40.56 32.27 9.63
N ALA A 135 41.87 32.14 9.42
CA ALA A 135 42.41 30.94 8.80
C ALA A 135 42.12 29.71 9.64
N ILE A 136 42.48 29.76 10.93
CA ILE A 136 42.31 28.59 11.81
C ILE A 136 40.85 28.19 11.93
N HIS A 137 39.94 29.16 11.79
CA HIS A 137 38.51 28.82 11.84
C HIS A 137 38.11 27.93 10.68
N TRP A 138 38.64 28.21 9.48
CA TRP A 138 38.37 27.35 8.33
C TRP A 138 38.98 25.97 8.53
N LEU A 139 40.18 25.89 9.10
CA LEU A 139 40.80 24.60 9.40
C LEU A 139 39.99 23.82 10.43
N ALA A 140 39.26 24.52 11.29
CA ALA A 140 38.46 23.85 12.32
C ALA A 140 37.19 23.23 11.75
N VAL A 141 36.71 23.70 10.60
CA VAL A 141 35.48 23.15 10.03
C VAL A 141 35.71 21.71 9.58
N ASN A 142 36.81 21.46 8.86
CA ASN A 142 37.17 20.10 8.46
C ASN A 142 38.06 19.40 9.47
N GLY A 143 38.57 20.12 10.47
CA GLY A 143 39.27 19.51 11.59
C GLY A 143 40.52 18.72 11.27
N ARG A 144 41.42 19.30 10.48
CA ARG A 144 42.71 18.66 10.19
C ARG A 144 43.71 19.13 11.25
N THR A 145 44.01 18.25 12.20
CA THR A 145 44.81 18.65 13.36
C THR A 145 46.26 18.95 12.97
N GLU A 146 46.83 18.18 12.04
CA GLU A 146 48.22 18.40 11.66
C GLU A 146 48.42 19.79 11.06
N LEU A 147 47.48 20.24 10.23
CA LEU A 147 47.57 21.59 9.69
C LEU A 147 47.29 22.65 10.76
N LEU A 148 46.56 22.30 11.81
CA LEU A 148 46.43 23.21 12.94
C LEU A 148 47.75 23.36 13.68
N HIS A 149 48.50 22.26 13.82
CA HIS A 149 49.68 22.26 14.69
C HIS A 149 50.73 23.26 14.22
N ASP A 150 51.07 23.23 12.93
CA ASP A 150 52.07 24.15 12.42
C ASP A 150 51.53 25.56 12.25
N LEU A 151 50.23 25.71 11.98
CA LEU A 151 49.66 27.03 11.75
C LEU A 151 49.61 27.83 13.06
N VAL A 152 49.14 27.22 14.14
CA VAL A 152 49.05 27.93 15.41
C VAL A 152 50.43 28.30 15.93
N GLN A 153 51.48 27.62 15.46
CA GLN A 153 52.83 28.04 15.78
C GLN A 153 53.13 29.41 15.20
N HIS A 154 52.51 29.76 14.08
CA HIS A 154 52.65 31.06 13.46
C HIS A 154 51.50 32.01 13.79
N VAL A 155 50.57 31.59 14.65
CA VAL A 155 49.42 32.40 15.04
C VAL A 155 49.64 32.87 16.47
N SER A 156 49.51 34.19 16.68
CA SER A 156 49.80 34.76 18.00
C SER A 156 48.74 34.35 19.03
N ASP A 157 47.47 34.48 18.67
CA ASP A 157 46.37 34.24 19.60
C ASP A 157 45.47 33.13 19.08
N VAL A 158 45.18 32.15 19.94
CA VAL A 158 44.29 31.05 19.58
C VAL A 158 42.87 31.29 20.03
N ASP A 159 42.59 32.42 20.69
CA ASP A 159 41.26 32.74 21.19
C ASP A 159 40.58 33.82 20.35
N VAL A 160 40.94 33.90 19.06
CA VAL A 160 40.35 34.90 18.17
C VAL A 160 38.89 34.55 17.92
N GLU A 161 38.01 35.53 18.08
CA GLU A 161 36.57 35.34 17.90
C GLU A 161 36.13 35.91 16.57
N ASP A 162 35.15 35.24 15.96
CA ASP A 162 34.59 35.69 14.69
C ASP A 162 33.52 36.76 14.95
N ALA A 163 32.76 37.10 13.91
CA ALA A 163 31.68 38.07 14.09
C ALA A 163 30.61 37.53 15.05
N MET A 164 30.31 36.23 14.96
CA MET A 164 29.38 35.61 15.89
C MET A 164 29.91 35.59 17.31
N GLY A 165 31.22 35.70 17.49
CA GLY A 165 31.82 35.63 18.80
C GLY A 165 32.34 34.27 19.21
N GLN A 166 32.47 33.35 18.28
CA GLN A 166 32.93 31.99 18.56
C GLN A 166 34.40 31.86 18.19
N THR A 167 35.18 31.28 19.10
CA THR A 167 36.58 31.00 18.83
C THR A 167 36.71 29.74 17.98
N ALA A 168 37.95 29.39 17.62
CA ALA A 168 38.18 28.16 16.89
C ALA A 168 37.80 26.94 17.73
N LEU A 169 37.90 27.05 19.05
CA LEU A 169 37.54 25.93 19.92
C LEU A 169 36.04 25.65 19.88
N HIS A 170 35.22 26.71 19.84
CA HIS A 170 33.78 26.53 19.88
C HIS A 170 33.28 25.75 18.66
N VAL A 171 33.76 26.12 17.47
CA VAL A 171 33.35 25.39 16.27
C VAL A 171 33.99 24.01 16.23
N ALA A 172 35.22 23.87 16.74
CA ALA A 172 35.85 22.55 16.80
C ALA A 172 35.10 21.62 17.74
N CYS A 173 34.67 22.13 18.90
CA CYS A 173 33.86 21.33 19.80
C CYS A 173 32.49 21.03 19.19
N GLN A 174 31.96 21.95 18.38
CA GLN A 174 30.70 21.71 17.70
C GLN A 174 30.81 20.54 16.73
N ASN A 175 31.91 20.45 15.99
CA ASN A 175 32.12 19.35 15.07
C ASN A 175 32.54 18.06 15.75
N GLY A 176 32.93 18.11 17.03
CA GLY A 176 33.27 16.92 17.77
C GLY A 176 34.50 16.18 17.28
N HIS A 177 35.57 16.91 16.98
CA HIS A 177 36.84 16.32 16.56
C HIS A 177 37.78 16.30 17.75
N LYS A 178 38.22 15.09 18.13
CA LYS A 178 38.95 14.92 19.38
C LYS A 178 40.33 15.55 19.33
N THR A 179 41.09 15.31 18.25
CA THR A 179 42.46 15.79 18.18
C THR A 179 42.52 17.31 18.04
N THR A 180 41.54 17.90 17.34
CA THR A 180 41.58 19.34 17.11
C THR A 180 41.36 20.12 18.41
N VAL A 181 40.36 19.72 19.20
CA VAL A 181 40.08 20.44 20.44
C VAL A 181 41.22 20.26 21.44
N GLN A 182 41.85 19.08 21.46
CA GLN A 182 43.02 18.88 22.32
C GLN A 182 44.17 19.78 21.91
N CYS A 183 44.45 19.86 20.61
CA CYS A 183 45.57 20.67 20.14
C CYS A 183 45.35 22.16 20.43
N LEU A 184 44.11 22.63 20.28
CA LEU A 184 43.82 24.03 20.57
C LEU A 184 44.02 24.35 22.05
N LEU A 185 43.60 23.43 22.93
CA LEU A 185 43.67 23.71 24.37
C LEU A 185 45.11 23.76 24.86
N ASP A 186 45.95 22.84 24.40
CA ASP A 186 47.34 22.82 24.85
C ASP A 186 48.18 23.92 24.22
N SER A 187 47.64 24.65 23.24
CA SER A 187 48.36 25.74 22.59
C SER A 187 48.28 27.04 23.38
N GLY A 188 47.53 27.08 24.48
CA GLY A 188 47.43 28.28 25.29
C GLY A 188 46.03 28.85 25.35
N ALA A 189 45.06 28.12 24.81
CA ALA A 189 43.67 28.58 24.82
C ALA A 189 43.06 28.44 26.21
N ASP A 190 42.03 29.24 26.46
CA ASP A 190 41.32 29.19 27.72
C ASP A 190 40.27 28.08 27.68
N ILE A 191 40.30 27.20 28.69
CA ILE A 191 39.37 26.08 28.71
C ILE A 191 37.94 26.56 28.97
N ASN A 192 37.79 27.67 29.68
CA ASN A 192 36.47 28.21 30.03
C ASN A 192 36.27 29.58 29.40
N ARG A 193 36.64 29.73 28.14
CA ARG A 193 36.49 31.01 27.46
C ARG A 193 35.02 31.29 27.15
N PRO A 194 34.45 32.38 27.62
CA PRO A 194 33.06 32.67 27.33
C PRO A 194 32.87 33.38 26.00
N ASN A 195 31.71 33.16 25.39
CA ASN A 195 31.36 33.78 24.12
C ASN A 195 30.62 35.08 24.38
N VAL A 196 30.01 35.65 23.34
CA VAL A 196 29.23 36.87 23.50
C VAL A 196 28.05 36.65 24.44
N SER A 197 27.50 35.44 24.46
CA SER A 197 26.41 35.09 25.35
C SER A 197 26.91 34.55 26.69
N GLY A 198 28.20 34.68 26.97
CA GLY A 198 28.75 34.20 28.23
C GLY A 198 28.63 32.70 28.43
N ALA A 199 28.88 31.92 27.37
CA ALA A 199 28.73 30.48 27.41
C ALA A 199 30.11 29.82 27.36
N THR A 200 30.31 28.86 28.26
CA THR A 200 31.54 28.08 28.27
C THR A 200 31.60 27.19 27.03
N PRO A 201 32.79 26.74 26.63
CA PRO A 201 32.86 25.80 25.50
C PRO A 201 32.06 24.53 25.72
N LEU A 202 31.86 24.11 26.98
CA LEU A 202 31.03 22.94 27.25
C LEU A 202 29.55 23.20 26.96
N TYR A 203 29.13 24.48 26.93
CA TYR A 203 27.75 24.79 26.59
C TYR A 203 27.42 24.32 25.17
N PHE A 204 28.32 24.55 24.23
CA PHE A 204 28.13 24.06 22.87
C PHE A 204 28.37 22.56 22.76
N ALA A 205 29.24 22.01 23.62
CA ALA A 205 29.51 20.58 23.57
C ALA A 205 28.28 19.77 23.96
N CYS A 206 27.55 20.19 25.00
CA CYS A 206 26.37 19.46 25.42
C CYS A 206 25.20 19.68 24.47
N SER A 207 25.17 20.83 23.78
CA SER A 207 24.11 21.08 22.81
C SER A 207 24.16 20.09 21.65
N HIS A 208 25.36 19.78 21.17
CA HIS A 208 25.54 18.80 20.11
C HIS A 208 25.79 17.39 20.63
N GLY A 209 25.88 17.22 21.95
CA GLY A 209 26.03 15.90 22.53
C GLY A 209 27.32 15.18 22.19
N GLN A 210 28.44 15.90 22.20
CA GLN A 210 29.75 15.31 21.94
C GLN A 210 30.30 14.82 23.27
N ARG A 211 30.01 13.55 23.58
CA ARG A 211 30.37 12.99 24.89
C ARG A 211 31.88 12.93 25.08
N ASP A 212 32.60 12.38 24.10
CA ASP A 212 34.03 12.17 24.26
C ASP A 212 34.79 13.50 24.31
N THR A 213 34.36 14.49 23.54
CA THR A 213 35.02 15.79 23.56
C THR A 213 34.85 16.46 24.93
N ALA A 214 33.66 16.33 25.52
CA ALA A 214 33.42 16.91 26.83
C ALA A 214 34.25 16.21 27.90
N GLN A 215 34.41 14.89 27.77
CA GLN A 215 35.10 14.12 28.81
C GLN A 215 36.54 14.59 29.00
N ILE A 216 37.24 14.88 27.89
CA ILE A 216 38.59 15.43 28.00
C ILE A 216 38.55 16.82 28.63
N LEU A 217 37.56 17.63 28.25
CA LEU A 217 37.46 18.98 28.79
C LEU A 217 37.28 18.96 30.30
N LEU A 218 36.36 18.12 30.79
CA LEU A 218 36.17 17.99 32.23
C LEU A 218 37.42 17.42 32.91
N LEU A 219 38.01 16.37 32.33
CA LEU A 219 39.20 15.78 32.91
C LEU A 219 40.42 16.70 32.83
N ARG A 220 40.40 17.69 31.94
CA ARG A 220 41.51 18.64 31.83
C ARG A 220 41.35 19.86 32.71
N GLY A 221 40.22 19.99 33.42
CA GLY A 221 40.05 21.09 34.34
C GLY A 221 38.97 22.09 33.96
N ALA A 222 37.95 21.62 33.25
CA ALA A 222 36.84 22.50 32.89
C ALA A 222 36.03 22.85 34.13
N LYS A 223 35.49 24.07 34.14
CA LYS A 223 34.68 24.57 35.25
C LYS A 223 33.22 24.58 34.84
N TYR A 224 32.37 23.99 35.68
CA TYR A 224 30.94 23.93 35.42
C TYR A 224 30.32 25.28 35.74
N LEU A 225 29.92 26.01 34.71
CA LEU A 225 29.29 27.31 34.86
C LEU A 225 28.13 27.43 33.89
N PRO A 226 27.10 28.19 34.24
CA PRO A 226 25.99 28.42 33.31
C PRO A 226 26.32 29.56 32.34
N ASP A 227 25.34 29.89 31.51
CA ASP A 227 25.49 30.96 30.54
C ASP A 227 25.15 32.30 31.19
N LYS A 228 25.07 33.36 30.38
CA LYS A 228 24.70 34.67 30.91
C LYS A 228 23.26 34.67 31.41
N ASN A 229 22.40 33.83 30.83
CA ASN A 229 21.02 33.71 31.26
C ASN A 229 20.86 32.82 32.49
N GLY A 230 21.95 32.19 32.95
CA GLY A 230 21.91 31.37 34.15
C GLY A 230 21.42 29.95 33.94
N VAL A 231 21.37 29.46 32.71
CA VAL A 231 20.89 28.12 32.42
C VAL A 231 22.07 27.16 32.38
N THR A 232 22.00 26.10 33.16
CA THR A 232 23.11 25.17 33.27
C THR A 232 23.26 24.33 31.99
N PRO A 233 24.48 23.91 31.66
CA PRO A 233 24.66 23.05 30.48
C PRO A 233 23.91 21.73 30.57
N LEU A 234 23.79 21.16 31.77
CA LEU A 234 23.03 19.92 31.91
C LEU A 234 21.56 20.13 31.62
N ASP A 235 21.05 21.35 31.85
CA ASP A 235 19.67 21.64 31.49
C ASP A 235 19.45 21.54 29.99
N LEU A 236 20.40 22.04 29.20
CA LEU A 236 20.35 21.84 27.75
C LEU A 236 20.75 20.43 27.34
N CYS A 237 21.48 19.71 28.18
CA CYS A 237 21.90 18.36 27.82
C CYS A 237 20.73 17.39 27.91
N VAL A 238 19.90 17.51 28.97
CA VAL A 238 18.65 16.77 29.01
C VAL A 238 17.70 17.29 27.94
N GLN A 239 17.75 18.60 27.65
CA GLN A 239 17.02 19.17 26.53
C GLN A 239 17.69 18.89 25.19
N GLY A 240 18.83 18.21 25.20
CA GLY A 240 19.44 17.74 23.98
C GLY A 240 19.24 16.25 23.78
N GLY A 241 18.78 15.58 24.84
CA GLY A 241 18.46 14.17 24.77
C GLY A 241 19.64 13.23 24.74
N TYR A 242 20.84 13.70 25.08
CA TYR A 242 22.04 12.88 25.03
C TYR A 242 22.26 12.26 26.40
N GLY A 243 21.84 11.01 26.56
CA GLY A 243 22.02 10.34 27.84
C GLY A 243 23.48 10.07 28.17
N GLU A 244 24.28 9.76 27.14
CA GLU A 244 25.69 9.45 27.37
C GLU A 244 26.43 10.66 27.92
N THR A 245 26.14 11.85 27.40
CA THR A 245 26.79 13.06 27.91
C THR A 245 26.35 13.35 29.34
N CYS A 246 25.09 13.06 29.66
CA CYS A 246 24.63 13.20 31.04
C CYS A 246 25.37 12.23 31.96
N GLU A 247 25.66 11.03 31.47
CA GLU A 247 26.37 10.05 32.28
C GLU A 247 27.78 10.54 32.64
N VAL A 248 28.44 11.22 31.70
CA VAL A 248 29.76 11.77 31.99
C VAL A 248 29.65 12.91 33.00
N LEU A 249 28.66 13.78 32.83
CA LEU A 249 28.50 14.91 33.75
C LEU A 249 28.13 14.44 35.15
N ILE A 250 27.25 13.44 35.26
CA ILE A 250 26.76 13.03 36.57
C ILE A 250 27.87 12.35 37.37
N GLN A 251 28.74 11.58 36.70
CA GLN A 251 29.82 10.92 37.43
C GLN A 251 30.92 11.89 37.81
N TYR A 252 31.17 12.92 36.99
CA TYR A 252 32.16 13.92 37.34
C TYR A 252 31.66 14.83 38.46
N HIS A 253 30.36 15.13 38.46
CA HIS A 253 29.72 15.96 39.49
C HIS A 253 28.58 15.17 40.09
N PRO A 254 28.84 14.42 41.18
CA PRO A 254 27.77 13.62 41.79
C PRO A 254 26.58 14.44 42.29
N ARG A 255 26.78 15.72 42.58
CA ARG A 255 25.68 16.57 43.05
C ARG A 255 24.62 16.75 41.97
N LEU A 256 24.96 16.52 40.70
CA LEU A 256 23.97 16.62 39.63
C LEU A 256 22.91 15.52 39.72
N PHE A 257 23.22 14.40 40.38
CA PHE A 257 22.24 13.33 40.51
C PHE A 257 21.03 13.78 41.32
N GLN A 258 21.27 14.46 42.44
CA GLN A 258 20.18 15.02 43.22
C GLN A 258 19.57 16.25 42.54
N THR A 259 20.27 16.83 41.56
CA THR A 259 19.76 17.99 40.85
C THR A 259 18.89 17.58 39.67
N ILE A 260 19.27 16.53 38.95
CA ILE A 260 18.48 16.10 37.79
C ILE A 260 17.12 15.57 38.24
N ILE A 261 17.06 14.92 39.41
CA ILE A 261 15.81 14.33 39.87
C ILE A 261 14.81 15.38 40.33
N GLN A 262 15.25 16.60 40.64
CA GLN A 262 14.35 17.62 41.17
C GLN A 262 13.84 18.58 40.10
N MET A 263 14.40 18.55 38.89
CA MET A 263 13.78 19.24 37.77
C MET A 263 12.72 18.41 37.08
N THR A 264 12.51 17.16 37.54
CA THR A 264 11.43 16.35 36.99
C THR A 264 10.06 16.97 37.23
N GLN A 265 9.94 17.84 38.23
CA GLN A 265 8.69 18.55 38.46
C GLN A 265 8.40 19.58 37.37
N ASN A 266 9.42 20.00 36.63
CA ASN A 266 9.22 20.98 35.57
C ASN A 266 8.40 20.38 34.43
N GLU A 267 7.65 21.25 33.75
CA GLU A 267 6.73 20.83 32.70
C GLU A 267 7.19 21.22 31.29
N ASP A 268 8.11 22.17 31.16
CA ASP A 268 8.53 22.63 29.84
C ASP A 268 9.22 21.52 29.05
N LEU A 269 10.10 20.77 29.70
CA LEU A 269 10.82 19.70 29.01
C LEU A 269 9.87 18.55 28.69
N ARG A 270 10.10 17.91 27.55
CA ARG A 270 9.21 16.86 27.07
C ARG A 270 9.30 15.62 27.95
N GLU A 271 8.13 15.03 28.22
CA GLU A 271 8.08 13.85 29.09
C GLU A 271 8.75 12.66 28.44
N ASN A 272 8.44 12.39 27.17
CA ASN A 272 9.05 11.27 26.48
C ASN A 272 10.54 11.49 26.24
N MET A 273 11.00 12.74 26.23
CA MET A 273 12.41 13.03 26.01
C MET A 273 13.20 13.02 27.31
N LEU A 274 12.57 13.36 28.44
CA LEU A 274 13.19 13.11 29.73
C LEU A 274 13.12 11.64 30.10
N ARG A 275 12.30 10.85 29.39
CA ARG A 275 12.33 9.40 29.57
C ARG A 275 13.69 8.83 29.21
N GLN A 276 14.21 9.22 28.03
CA GLN A 276 15.43 8.61 27.51
C GLN A 276 16.63 8.90 28.41
N VAL A 277 16.68 10.10 28.99
CA VAL A 277 17.88 10.51 29.72
C VAL A 277 18.08 9.67 30.98
N LEU A 278 17.00 9.39 31.71
CA LEU A 278 17.15 8.66 32.97
C LEU A 278 16.98 7.15 32.82
N GLU A 279 16.39 6.69 31.72
CA GLU A 279 16.47 5.26 31.39
C GLU A 279 17.91 4.85 31.14
N HIS A 280 18.66 5.67 30.41
CA HIS A 280 20.05 5.34 30.07
C HIS A 280 20.90 5.24 31.33
N LEU A 281 20.72 6.16 32.27
CA LEU A 281 21.45 6.08 33.53
C LEU A 281 20.96 4.92 34.39
N SER A 282 19.66 4.63 34.35
CA SER A 282 19.12 3.51 35.13
C SER A 282 19.70 2.18 34.67
N GLN A 283 19.82 1.99 33.35
CA GLN A 283 20.31 0.73 32.81
C GLN A 283 21.83 0.63 32.81
N GLN A 284 22.54 1.67 33.27
CA GLN A 284 24.00 1.61 33.32
C GLN A 284 24.47 0.49 34.26
N SER A 285 23.84 0.36 35.41
CA SER A 285 24.16 -0.72 36.34
C SER A 285 22.97 -0.93 37.27
N GLU A 286 22.97 -2.07 37.96
CA GLU A 286 21.92 -2.34 38.93
C GLU A 286 21.97 -1.37 40.10
N SER A 287 23.17 -0.95 40.50
CA SER A 287 23.29 0.06 41.55
C SER A 287 22.67 1.39 41.11
N GLN A 288 22.94 1.80 39.88
CA GLN A 288 22.27 2.98 39.34
C GLN A 288 20.79 2.74 39.12
N TYR A 289 20.41 1.50 38.79
CA TYR A 289 19.01 1.17 38.60
C TYR A 289 18.22 1.33 39.89
N LEU A 290 18.78 0.86 41.01
CA LEU A 290 18.05 0.91 42.27
C LEU A 290 17.98 2.33 42.83
N LYS A 291 19.07 3.09 42.72
CA LYS A 291 19.08 4.43 43.32
C LYS A 291 18.16 5.38 42.55
N ILE A 292 18.06 5.22 41.22
CA ILE A 292 17.15 6.05 40.45
C ILE A 292 15.71 5.72 40.81
N LEU A 293 15.39 4.42 40.95
CA LEU A 293 14.10 4.03 41.50
C LEU A 293 13.96 4.52 42.94
N THR A 294 15.04 4.46 43.71
CA THR A 294 15.00 4.97 45.07
C THR A 294 14.77 6.48 45.08
N SER A 295 15.57 7.23 44.30
CA SER A 295 15.52 8.69 44.37
C SER A 295 14.15 9.22 43.98
N LEU A 296 13.53 8.65 42.95
CA LEU A 296 12.20 9.07 42.56
C LEU A 296 11.15 8.75 43.62
N ALA A 297 11.43 7.80 44.51
CA ALA A 297 10.45 7.40 45.52
C ALA A 297 10.16 8.52 46.51
N GLU A 298 11.21 9.09 47.12
CA GLU A 298 10.96 10.19 48.05
C GLU A 298 10.58 11.47 47.33
N VAL A 299 11.00 11.61 46.07
CA VAL A 299 10.56 12.75 45.27
C VAL A 299 9.04 12.72 45.11
N ALA A 300 8.49 11.54 44.80
CA ALA A 300 7.05 11.38 44.77
C ALA A 300 6.45 11.54 46.16
N THR A 301 7.16 11.06 47.18
CA THR A 301 6.66 11.17 48.56
C THR A 301 6.56 12.64 48.98
N THR A 302 7.61 13.43 48.73
CA THR A 302 7.58 14.83 49.14
C THR A 302 6.66 15.66 48.24
N ASN A 303 6.54 15.28 46.95
CA ASN A 303 5.59 15.96 46.08
C ASN A 303 4.16 15.66 46.47
N GLY A 304 3.89 14.43 46.92
CA GLY A 304 2.56 14.10 47.38
C GLY A 304 2.16 14.87 48.64
N HIS A 305 3.14 15.08 49.54
CA HIS A 305 2.87 15.90 50.72
C HIS A 305 2.48 17.33 50.33
N LYS A 306 3.03 17.85 49.24
CA LYS A 306 2.64 19.17 48.76
C LYS A 306 1.18 19.19 48.33
N LEU A 307 0.71 18.11 47.71
CA LEU A 307 -0.67 18.04 47.25
C LEU A 307 -1.67 18.02 48.40
N LEU A 308 -1.23 17.66 49.61
CA LEU A 308 -2.12 17.70 50.77
C LEU A 308 -2.48 19.12 51.18
N SER A 309 -1.77 20.12 50.67
CA SER A 309 -2.11 21.53 50.89
C SER A 309 -3.15 21.92 49.84
N LEU A 310 -4.42 21.89 50.24
CA LEU A 310 -5.51 22.15 49.30
C LEU A 310 -5.56 23.60 48.83
N SER A 311 -4.91 24.51 49.55
CA SER A 311 -4.96 25.93 49.19
C SER A 311 -4.06 26.28 48.01
N SER A 312 -3.10 25.43 47.68
CA SER A 312 -2.18 25.72 46.60
C SER A 312 -2.77 25.31 45.24
N ASN A 313 -2.14 25.81 44.18
CA ASN A 313 -2.55 25.46 42.83
C ASN A 313 -2.33 23.97 42.59
N TYR A 314 -3.21 23.38 41.77
CA TYR A 314 -3.22 21.94 41.57
C TYR A 314 -3.02 21.50 40.13
N ASP A 315 -3.32 22.35 39.14
CA ASP A 315 -3.25 21.93 37.74
C ASP A 315 -1.83 21.52 37.37
N ALA A 316 -0.83 22.32 37.76
CA ALA A 316 0.55 21.97 37.47
C ALA A 316 1.07 20.88 38.38
N GLN A 317 0.59 20.81 39.61
CA GLN A 317 1.09 19.82 40.56
C GLN A 317 0.70 18.40 40.15
N MET A 318 -0.56 18.18 39.78
CA MET A 318 -0.99 16.84 39.41
C MET A 318 -0.35 16.37 38.11
N LYS A 319 -0.09 17.29 37.19
CA LYS A 319 0.62 16.92 35.96
C LYS A 319 2.02 16.43 36.27
N SER A 320 2.72 17.12 37.18
CA SER A 320 4.04 16.65 37.60
C SER A 320 3.93 15.31 38.33
N LEU A 321 2.92 15.16 39.19
CA LEU A 321 2.71 13.89 39.87
C LEU A 321 2.39 12.78 38.87
N LEU A 322 1.55 13.08 37.87
CA LEU A 322 1.28 12.09 36.83
C LEU A 322 2.54 11.78 36.03
N ARG A 323 3.37 12.80 35.77
CA ARG A 323 4.60 12.59 35.00
C ARG A 323 5.55 11.66 35.74
N ILE A 324 5.74 11.89 37.04
CA ILE A 324 6.75 11.13 37.78
C ILE A 324 6.30 9.67 37.97
N VAL A 325 5.04 9.47 38.36
CA VAL A 325 4.59 8.11 38.68
C VAL A 325 4.52 7.26 37.42
N ARG A 326 4.11 7.86 36.29
CA ARG A 326 4.11 7.12 35.04
C ARG A 326 5.53 6.72 34.65
N MET A 327 6.49 7.63 34.85
CA MET A 327 7.88 7.29 34.60
C MET A 327 8.44 6.40 35.70
N PHE A 328 7.94 6.56 36.92
CA PHE A 328 8.43 5.77 38.05
C PHE A 328 8.18 4.28 37.84
N CYS A 329 6.97 3.92 37.39
CA CYS A 329 6.67 2.52 37.15
C CYS A 329 7.31 2.00 35.88
N HIS A 330 7.54 2.87 34.90
CA HIS A 330 8.13 2.44 33.64
C HIS A 330 9.57 1.95 33.84
N VAL A 331 10.35 2.65 34.68
CA VAL A 331 11.72 2.23 34.94
C VAL A 331 11.73 0.88 35.64
N PHE A 332 10.77 0.65 36.54
CA PHE A 332 10.66 -0.65 37.18
C PHE A 332 10.26 -1.73 36.18
N ARG A 333 9.54 -1.36 35.13
CA ARG A 333 9.07 -2.34 34.15
C ARG A 333 10.18 -2.78 33.21
N ILE A 334 11.08 -1.86 32.82
CA ILE A 334 12.13 -2.21 31.86
C ILE A 334 13.15 -3.16 32.46
N GLY A 335 13.30 -3.17 33.79
CA GLY A 335 14.19 -4.09 34.45
C GLY A 335 15.60 -3.55 34.57
N PRO A 336 16.40 -4.16 35.43
CA PRO A 336 17.79 -3.73 35.62
C PRO A 336 18.66 -4.19 34.47
N SER A 337 19.96 -3.91 34.60
CA SER A 337 20.94 -4.29 33.59
C SER A 337 21.11 -5.81 33.53
N LYS A 351 15.28 -10.25 40.91
CA LYS A 351 15.60 -10.98 42.12
C LYS A 351 15.18 -10.19 43.36
N THR A 352 15.98 -10.30 44.43
CA THR A 352 15.72 -9.59 45.67
C THR A 352 15.90 -8.07 45.62
N PRO A 353 16.69 -7.49 44.70
CA PRO A 353 16.71 -6.01 44.64
C PRO A 353 15.37 -5.39 44.33
N ARG A 354 14.45 -6.12 43.70
CA ARG A 354 13.09 -5.60 43.51
C ARG A 354 12.41 -5.37 44.85
N SER A 355 12.63 -6.27 45.81
CA SER A 355 12.13 -6.02 47.16
C SER A 355 12.92 -4.93 47.86
N GLN A 356 14.22 -4.82 47.56
CA GLN A 356 15.04 -3.78 48.19
C GLN A 356 14.59 -2.39 47.79
N VAL A 357 14.28 -2.18 46.51
CA VAL A 357 13.79 -0.88 46.08
C VAL A 357 12.40 -0.60 46.63
N PHE A 358 11.65 -1.66 46.99
CA PHE A 358 10.33 -1.47 47.58
C PHE A 358 10.40 -0.79 48.95
N LYS A 359 11.58 -0.76 49.58
CA LYS A 359 11.70 -0.13 50.89
C LYS A 359 11.67 1.39 50.74
N PRO A 360 12.32 1.98 49.72
CA PRO A 360 11.95 3.35 49.34
C PRO A 360 10.50 3.48 48.91
N LEU A 361 9.90 2.42 48.37
CA LEU A 361 8.50 2.47 47.97
C LEU A 361 7.56 2.32 49.16
N GLU A 362 7.95 1.51 50.16
CA GLU A 362 7.04 1.27 51.27
C GLU A 362 6.80 2.53 52.09
N LEU A 363 7.81 3.39 52.23
CA LEU A 363 7.59 4.69 52.87
C LEU A 363 6.69 5.58 52.03
N LEU A 364 6.66 5.37 50.71
CA LEU A 364 5.75 6.11 49.85
C LEU A 364 4.30 5.67 50.08
N TRP A 365 4.09 4.37 50.27
CA TRP A 365 2.75 3.88 50.54
C TRP A 365 2.27 4.36 51.91
N HIS A 366 3.16 4.29 52.90
CA HIS A 366 2.84 4.72 54.27
C HIS A 366 2.39 6.17 54.29
N SER A 367 3.03 7.01 53.49
CA SER A 367 2.53 8.38 53.31
C SER A 367 1.20 8.36 52.59
N LEU A 368 1.09 7.58 51.52
CA LEU A 368 -0.11 7.63 50.68
C LEU A 368 -1.33 7.07 51.41
N ASP A 369 -1.18 5.91 52.06
CA ASP A 369 -2.31 5.34 52.78
C ASP A 369 -2.74 6.25 53.93
N GLU A 370 -1.79 6.84 54.64
CA GLU A 370 -2.13 7.76 55.73
C GLU A 370 -2.86 8.99 55.20
N TRP A 371 -2.47 9.47 54.02
CA TRP A 371 -3.04 10.72 53.51
C TRP A 371 -4.54 10.60 53.29
N LEU A 372 -4.98 9.52 52.63
CA LEU A 372 -6.38 9.41 52.23
C LEU A 372 -7.26 8.98 53.39
N VAL A 373 -6.76 8.11 54.28
CA VAL A 373 -7.60 7.60 55.35
C VAL A 373 -8.02 8.73 56.29
N LEU A 374 -7.11 9.67 56.57
CA LEU A 374 -7.50 10.85 57.33
C LEU A 374 -8.49 11.71 56.55
N ILE A 375 -8.34 11.77 55.22
CA ILE A 375 -9.31 12.48 54.41
C ILE A 375 -10.62 11.68 54.33
N ALA A 376 -10.52 10.38 54.07
CA ALA A 376 -11.71 9.55 53.90
C ALA A 376 -12.53 9.50 55.18
N THR A 377 -11.86 9.35 56.33
CA THR A 377 -12.58 9.40 57.61
C THR A 377 -13.19 10.77 57.84
N GLU A 378 -12.50 11.82 57.43
CA GLU A 378 -13.05 13.17 57.55
C GLU A 378 -14.30 13.34 56.70
N LEU A 379 -14.26 12.82 55.46
CA LEU A 379 -15.40 13.00 54.56
C LEU A 379 -16.60 12.17 55.02
N MET A 380 -16.38 10.93 55.45
CA MET A 380 -17.51 10.11 55.89
C MET A 380 -18.14 10.65 57.17
N LYS A 381 -17.33 11.23 58.06
CA LYS A 381 -17.88 11.90 59.23
C LYS A 381 -18.71 13.11 58.82
N ASN A 382 -18.24 13.87 57.83
CA ASN A 382 -19.03 14.99 57.32
C ASN A 382 -20.31 14.51 56.67
N LYS A 383 -20.25 13.41 55.92
CA LYS A 383 -21.44 12.86 55.30
C LYS A 383 -22.45 12.39 56.35
N ARG A 384 -21.96 11.75 57.41
CA ARG A 384 -22.81 11.27 58.48
C ARG A 384 -23.38 12.42 59.30
N ASP A 444 -18.27 23.93 45.57
CA ASP A 444 -18.32 22.94 46.65
C ASP A 444 -16.93 22.37 46.92
N VAL A 445 -16.39 22.66 48.10
CA VAL A 445 -15.03 22.25 48.43
C VAL A 445 -14.86 20.75 48.39
N ILE A 446 -15.96 19.99 48.53
CA ILE A 446 -15.90 18.54 48.39
C ILE A 446 -15.44 18.16 46.99
N SER A 447 -15.86 18.95 45.98
CA SER A 447 -15.53 18.61 44.60
C SER A 447 -14.02 18.70 44.34
N MET A 448 -13.39 19.82 44.72
CA MET A 448 -11.95 19.93 44.50
C MET A 448 -11.18 18.92 45.34
N THR A 449 -11.59 18.71 46.59
CA THR A 449 -10.88 17.76 47.45
C THR A 449 -10.99 16.34 46.90
N ALA A 450 -12.15 15.99 46.33
CA ALA A 450 -12.30 14.68 45.71
C ALA A 450 -11.37 14.52 44.52
N ASN A 451 -11.22 15.59 43.71
CA ASN A 451 -10.37 15.50 42.53
C ASN A 451 -8.90 15.31 42.91
N ARG A 452 -8.46 15.98 43.98
CA ARG A 452 -7.04 15.90 44.35
C ARG A 452 -6.65 14.51 44.81
N LEU A 453 -7.42 13.92 45.73
CA LEU A 453 -7.09 12.59 46.21
C LEU A 453 -7.35 11.53 45.14
N SER A 454 -8.27 11.81 44.21
CA SER A 454 -8.53 10.85 43.14
C SER A 454 -7.27 10.65 42.30
N ALA A 455 -6.53 11.73 42.06
CA ALA A 455 -5.21 11.60 41.45
C ALA A 455 -4.28 10.81 42.34
N VAL A 456 -4.36 11.02 43.66
CA VAL A 456 -3.63 10.19 44.60
C VAL A 456 -4.14 8.75 44.52
N ILE A 457 -5.46 8.57 44.46
CA ILE A 457 -6.03 7.25 44.23
C ILE A 457 -5.65 6.73 42.85
N GLN A 458 -5.56 7.64 41.86
CA GLN A 458 -5.05 7.24 40.57
C GLN A 458 -3.59 6.80 40.67
N ALA A 459 -2.75 7.63 41.30
CA ALA A 459 -1.36 7.23 41.55
C ALA A 459 -1.29 6.01 42.46
N PHE A 460 -2.34 5.78 43.27
CA PHE A 460 -2.46 4.58 44.09
C PHE A 460 -2.54 3.31 43.25
N TYR A 461 -2.86 3.41 41.96
CA TYR A 461 -3.02 2.20 41.16
C TYR A 461 -1.79 1.86 40.30
N MET A 462 -1.19 2.85 39.62
CA MET A 462 -0.18 2.51 38.61
C MET A 462 1.02 1.80 39.23
N CYS A 463 1.51 2.30 40.36
CA CYS A 463 2.59 1.62 41.06
C CYS A 463 2.10 0.41 41.84
N CYS A 464 0.78 0.26 42.02
CA CYS A 464 0.26 -1.04 42.42
C CYS A 464 0.30 -2.04 41.27
N SER A 465 -0.05 -1.59 40.06
CA SER A 465 -0.07 -2.49 38.91
C SER A 465 1.33 -2.88 38.44
N CYS A 466 2.36 -2.11 38.79
CA CYS A 466 3.71 -2.43 38.34
C CYS A 466 4.39 -3.47 39.23
N GLN A 467 3.73 -3.92 40.30
CA GLN A 467 4.35 -4.90 41.19
C GLN A 467 4.57 -6.23 40.49
N MET A 468 3.64 -6.65 39.64
CA MET A 468 3.69 -7.91 38.93
C MET A 468 3.33 -7.67 37.48
N PRO A 469 3.67 -8.61 36.59
CA PRO A 469 3.34 -8.42 35.18
C PRO A 469 1.85 -8.29 34.99
N PRO A 470 1.41 -7.52 33.99
CA PRO A 470 -0.02 -7.29 33.79
C PRO A 470 -0.77 -8.56 33.46
N GLY A 471 -2.04 -8.59 33.84
CA GLY A 471 -2.88 -9.75 33.61
C GLY A 471 -3.86 -9.98 34.75
N MET A 472 -3.60 -9.35 35.89
CA MET A 472 -4.46 -9.47 37.05
C MET A 472 -4.36 -8.20 37.87
N THR A 473 -5.40 -7.95 38.68
CA THR A 473 -5.42 -6.81 39.58
C THR A 473 -4.77 -7.19 40.91
N SER A 474 -4.04 -6.24 41.49
CA SER A 474 -3.29 -6.51 42.72
C SER A 474 -4.25 -6.83 43.86
N PRO A 475 -4.10 -7.98 44.52
CA PRO A 475 -4.95 -8.28 45.68
C PRO A 475 -4.82 -7.26 46.80
N ARG A 476 -3.62 -6.72 47.02
CA ARG A 476 -3.45 -5.67 48.01
C ARG A 476 -4.17 -4.40 47.59
N PHE A 477 -4.25 -4.16 46.29
CA PHE A 477 -5.08 -3.06 45.78
C PHE A 477 -6.57 -3.32 46.02
N ILE A 478 -7.02 -4.57 45.79
CA ILE A 478 -8.43 -4.89 45.90
C ILE A 478 -8.92 -4.80 47.34
N GLU A 479 -8.12 -5.28 48.29
CA GLU A 479 -8.54 -5.27 49.68
C GLU A 479 -8.80 -3.84 50.17
N PHE A 480 -7.88 -2.93 49.84
CA PHE A 480 -7.96 -1.59 50.43
C PHE A 480 -9.05 -0.75 49.75
N VAL A 481 -9.28 -0.98 48.46
CA VAL A 481 -10.37 -0.32 47.75
C VAL A 481 -11.73 -0.74 48.32
N CYS A 482 -11.88 -2.04 48.63
CA CYS A 482 -13.15 -2.54 49.13
C CYS A 482 -13.52 -1.92 50.47
N LYS A 483 -12.55 -1.75 51.37
CA LYS A 483 -12.87 -1.25 52.70
C LYS A 483 -13.28 0.22 52.69
N HIS A 484 -13.03 0.95 51.61
CA HIS A 484 -13.51 2.32 51.45
C HIS A 484 -14.43 2.45 50.25
N ASP A 485 -15.13 1.36 49.90
CA ASP A 485 -15.96 1.37 48.70
C ASP A 485 -17.11 2.36 48.83
N GLU A 486 -17.72 2.45 50.02
CA GLU A 486 -18.81 3.39 50.21
C GLU A 486 -18.34 4.82 50.04
N VAL A 487 -17.15 5.15 50.55
CA VAL A 487 -16.59 6.48 50.33
C VAL A 487 -16.29 6.68 48.85
N LEU A 488 -15.79 5.63 48.18
CA LEU A 488 -15.55 5.72 46.74
C LEU A 488 -16.86 5.86 45.98
N LYS A 489 -17.93 5.25 46.48
CA LYS A 489 -19.24 5.38 45.85
C LYS A 489 -19.77 6.81 45.92
N CYS A 490 -19.29 7.62 46.86
CA CYS A 490 -19.75 9.00 46.96
C CYS A 490 -19.22 9.85 45.82
N PHE A 491 -17.97 9.61 45.41
CA PHE A 491 -17.34 10.45 44.40
C PHE A 491 -17.94 10.21 43.02
N VAL A 492 -18.15 8.94 42.66
CA VAL A 492 -18.80 8.62 41.39
C VAL A 492 -20.23 9.13 41.38
N ASN A 493 -20.86 9.23 42.57
CA ASN A 493 -22.19 9.83 42.65
C ASN A 493 -22.16 11.32 42.34
N ARG A 494 -21.10 12.02 42.74
CA ARG A 494 -21.01 13.46 42.51
C ARG A 494 -20.81 13.77 41.03
N ASN A 495 -19.90 13.07 40.37
CA ASN A 495 -19.59 13.36 38.97
C ASN A 495 -19.27 12.07 38.22
N PRO A 496 -20.15 11.64 37.31
CA PRO A 496 -19.86 10.43 36.52
C PRO A 496 -18.66 10.57 35.60
N LYS A 497 -18.24 11.80 35.27
CA LYS A 497 -17.13 11.99 34.35
C LYS A 497 -15.78 11.58 34.93
N ILE A 498 -15.70 11.34 36.25
CA ILE A 498 -14.42 11.00 36.87
C ILE A 498 -14.06 9.53 36.67
N ILE A 499 -15.02 8.68 36.31
CA ILE A 499 -14.75 7.25 36.24
C ILE A 499 -13.82 6.88 35.09
N PHE A 500 -13.67 7.77 34.10
CA PHE A 500 -12.86 7.41 32.93
C PHE A 500 -11.39 7.80 33.10
N ASP A 501 -11.11 9.07 33.42
CA ASP A 501 -9.73 9.53 33.45
C ASP A 501 -9.03 9.18 34.77
N HIS A 502 -9.71 9.40 35.90
CA HIS A 502 -9.11 9.08 37.19
C HIS A 502 -9.30 7.61 37.57
N PHE A 503 -10.43 7.01 37.16
CA PHE A 503 -10.72 5.62 37.45
C PHE A 503 -10.58 4.75 36.19
N HIS A 504 -9.58 5.05 35.37
CA HIS A 504 -9.32 4.23 34.19
C HIS A 504 -8.95 2.81 34.56
N PHE A 505 -8.40 2.62 35.76
CA PHE A 505 -8.09 1.28 36.24
C PHE A 505 -9.35 0.46 36.49
N LEU A 506 -10.48 1.12 36.73
CA LEU A 506 -11.73 0.41 36.95
C LEU A 506 -12.13 -0.42 35.73
N LEU A 507 -11.76 0.04 34.53
CA LEU A 507 -12.05 -0.73 33.32
C LEU A 507 -11.26 -2.02 33.25
N GLU A 508 -10.15 -2.13 33.98
CA GLU A 508 -9.33 -3.33 33.99
C GLU A 508 -9.75 -4.34 35.05
N CYS A 509 -10.68 -3.99 35.92
CA CYS A 509 -11.13 -4.88 36.99
C CYS A 509 -12.63 -5.14 36.85
N PRO A 510 -13.03 -6.24 36.24
CA PRO A 510 -14.47 -6.53 36.10
C PRO A 510 -15.19 -6.67 37.43
N GLU A 511 -14.51 -7.15 38.48
CA GLU A 511 -15.17 -7.36 39.76
C GLU A 511 -15.67 -6.04 40.34
N LEU A 512 -14.80 -5.03 40.39
CA LEU A 512 -15.24 -3.71 40.84
C LEU A 512 -16.14 -3.04 39.81
N MET A 513 -16.02 -3.42 38.53
CA MET A 513 -16.88 -2.86 37.50
C MET A 513 -18.34 -3.21 37.73
N SER A 514 -18.61 -4.45 38.15
CA SER A 514 -19.98 -4.88 38.39
C SER A 514 -20.61 -4.14 39.56
N ARG A 515 -19.84 -3.91 40.62
CA ARG A 515 -20.38 -3.23 41.79
C ARG A 515 -20.74 -1.78 41.47
N PHE A 516 -19.93 -1.11 40.66
CA PHE A 516 -20.22 0.25 40.24
C PHE A 516 -21.09 0.33 39.00
N MET A 517 -21.51 -0.82 38.45
CA MET A 517 -22.36 -0.81 37.26
C MET A 517 -23.70 -0.14 37.55
N HIS A 518 -24.29 -0.40 38.71
CA HIS A 518 -25.58 0.18 39.04
C HIS A 518 -25.47 1.70 39.22
N ILE A 519 -24.33 2.20 39.68
CA ILE A 519 -24.14 3.64 39.76
C ILE A 519 -24.02 4.24 38.36
N ILE A 520 -23.33 3.55 37.46
CA ILE A 520 -23.20 4.03 36.09
C ILE A 520 -24.55 4.02 35.38
N LYS A 521 -25.39 3.04 35.69
CA LYS A 521 -26.72 2.95 35.08
C LYS A 521 -27.74 3.87 35.75
N ALA A 522 -27.34 4.59 36.80
CA ALA A 522 -28.24 5.54 37.44
C ALA A 522 -28.50 6.77 36.57
N GLN A 523 -27.77 6.94 35.48
CA GLN A 523 -27.94 8.07 34.56
C GLN A 523 -28.12 7.55 33.14
N PRO A 524 -29.29 6.98 32.84
CA PRO A 524 -29.53 6.48 31.47
C PRO A 524 -29.70 7.60 30.48
N PHE A 525 -28.58 8.24 30.13
CA PHE A 525 -28.58 9.41 29.27
C PHE A 525 -27.91 9.10 27.93
N LYS A 526 -28.19 9.93 26.94
CA LYS A 526 -27.46 9.90 25.68
C LYS A 526 -26.09 10.55 25.78
N ASP A 527 -25.76 11.16 26.93
CA ASP A 527 -24.41 11.64 27.17
C ASP A 527 -23.40 10.50 27.09
N ARG A 528 -23.80 9.31 27.54
CA ARG A 528 -22.92 8.15 27.46
C ARG A 528 -22.58 7.77 26.02
N CYS A 529 -23.42 8.17 25.05
CA CYS A 529 -23.11 7.87 23.66
C CYS A 529 -21.87 8.62 23.20
N GLU A 530 -21.79 9.93 23.46
CA GLU A 530 -20.59 10.67 23.11
C GLU A 530 -19.45 10.38 24.08
N TRP A 531 -19.75 9.88 25.29
CA TRP A 531 -18.69 9.39 26.16
C TRP A 531 -17.94 8.24 25.51
N PHE A 532 -18.67 7.22 25.07
CA PHE A 532 -18.03 6.04 24.49
C PHE A 532 -17.22 6.39 23.25
N TYR A 533 -17.75 7.25 22.40
CA TYR A 533 -16.99 7.68 21.22
C TYR A 533 -15.74 8.45 21.62
N GLU A 534 -15.85 9.28 22.66
CA GLU A 534 -14.67 9.99 23.15
C GLU A 534 -13.66 9.02 23.77
N HIS A 535 -14.12 8.04 24.54
CA HIS A 535 -13.21 7.07 25.13
C HIS A 535 -12.50 6.25 24.05
N LEU A 536 -13.24 5.82 23.03
CA LEU A 536 -12.64 5.03 21.97
C LEU A 536 -11.59 5.83 21.19
N HIS A 537 -11.89 7.10 20.90
CA HIS A 537 -10.99 7.94 20.12
C HIS A 537 -9.87 8.55 20.97
N SER A 538 -9.97 8.50 22.29
CA SER A 538 -8.93 9.06 23.14
C SER A 538 -7.70 8.16 23.11
N GLY A 539 -6.52 8.78 23.09
CA GLY A 539 -5.26 8.07 23.08
C GLY A 539 -4.76 7.70 21.70
N GLN A 540 -5.56 7.89 20.66
CA GLN A 540 -5.14 7.62 19.29
C GLN A 540 -4.51 8.87 18.70
N PRO A 541 -3.26 8.83 18.25
CA PRO A 541 -2.65 10.03 17.64
C PRO A 541 -3.39 10.45 16.38
N ASP A 542 -3.58 11.75 16.24
CA ASP A 542 -4.31 12.34 15.11
C ASP A 542 -5.68 11.68 14.95
N SER A 543 -6.47 11.76 16.03
CA SER A 543 -7.80 11.14 16.06
C SER A 543 -8.84 12.11 15.52
N ASP A 544 -8.74 12.36 14.21
CA ASP A 544 -9.71 13.17 13.49
C ASP A 544 -10.18 12.40 12.26
N MET A 545 -11.49 12.27 12.11
CA MET A 545 -12.08 11.53 11.00
C MET A 545 -12.39 12.45 9.82
N VAL A 546 -11.40 13.22 9.39
CA VAL A 546 -11.58 14.18 8.30
C VAL A 546 -10.20 14.54 7.77
N HIS A 547 -10.14 14.92 6.49
CA HIS A 547 -8.91 15.35 5.83
C HIS A 547 -7.83 14.29 5.92
N ARG A 548 -8.22 13.03 5.77
CA ARG A 548 -7.26 11.93 5.78
C ARG A 548 -6.97 11.51 4.34
N PRO A 549 -5.73 11.64 3.87
CA PRO A 549 -5.43 11.20 2.49
C PRO A 549 -5.67 9.71 2.32
N VAL A 550 -6.16 9.35 1.14
CA VAL A 550 -6.46 7.97 0.79
C VAL A 550 -5.31 7.45 -0.06
N ASN A 551 -4.37 6.76 0.57
CA ASN A 551 -3.23 6.21 -0.13
C ASN A 551 -3.62 4.93 -0.87
N GLU A 552 -2.73 4.48 -1.76
CA GLU A 552 -2.99 3.26 -2.51
C GLU A 552 -3.05 2.04 -1.60
N ASN A 553 -2.18 1.99 -0.58
CA ASN A 553 -2.18 0.87 0.34
C ASN A 553 -3.44 0.83 1.19
N ASP A 554 -4.06 1.99 1.44
CA ASP A 554 -5.27 2.03 2.25
C ASP A 554 -6.48 1.46 1.51
N ILE A 555 -6.46 1.47 0.17
CA ILE A 555 -7.59 1.01 -0.61
C ILE A 555 -7.60 -0.52 -0.65
N LEU A 556 -8.75 -1.11 -0.30
CA LEU A 556 -8.94 -2.55 -0.35
C LEU A 556 -9.82 -2.89 -1.55
N LEU A 557 -9.36 -3.82 -2.38
CA LEU A 557 -10.04 -4.21 -3.59
C LEU A 557 -10.88 -5.46 -3.34
N VAL A 558 -12.16 -5.40 -3.73
CA VAL A 558 -13.07 -6.52 -3.57
C VAL A 558 -13.81 -6.74 -4.89
N HIS A 559 -14.27 -7.97 -5.08
CA HIS A 559 -14.99 -8.38 -6.28
C HIS A 559 -16.42 -8.73 -5.92
N ARG A 560 -17.38 -8.19 -6.67
CA ARG A 560 -18.79 -8.34 -6.34
C ARG A 560 -19.29 -9.76 -6.52
N ASP A 561 -18.62 -10.58 -7.34
CA ASP A 561 -19.07 -11.95 -7.54
C ASP A 561 -18.96 -12.77 -6.25
N SER A 562 -17.88 -12.56 -5.50
CA SER A 562 -17.63 -13.23 -4.22
C SER A 562 -17.38 -12.19 -3.13
N ILE A 563 -18.26 -11.20 -3.05
CA ILE A 563 -18.03 -10.06 -2.16
C ILE A 563 -17.93 -10.51 -0.71
N PHE A 564 -18.72 -11.51 -0.32
CA PHE A 564 -18.66 -12.00 1.06
C PHE A 564 -17.30 -12.60 1.36
N ARG A 565 -16.79 -13.45 0.46
CA ARG A 565 -15.50 -14.08 0.68
C ARG A 565 -14.35 -13.11 0.39
N SER A 566 -14.51 -12.24 -0.61
CA SER A 566 -13.45 -11.28 -0.93
C SER A 566 -13.24 -10.30 0.21
N SER A 567 -14.32 -9.86 0.86
CA SER A 567 -14.19 -8.95 2.00
C SER A 567 -13.46 -9.62 3.16
N CYS A 568 -13.65 -10.93 3.35
CA CYS A 568 -12.95 -11.64 4.41
C CYS A 568 -11.44 -11.62 4.16
N GLU A 569 -11.02 -11.84 2.91
CA GLU A 569 -9.60 -11.96 2.62
C GLU A 569 -8.87 -10.63 2.82
N VAL A 570 -9.47 -9.52 2.39
CA VAL A 570 -8.77 -8.23 2.45
C VAL A 570 -8.63 -7.76 3.89
N VAL A 571 -9.67 -7.92 4.70
CA VAL A 571 -9.59 -7.48 6.09
C VAL A 571 -8.64 -8.38 6.89
N SER A 572 -8.55 -9.66 6.53
CA SER A 572 -7.61 -10.55 7.21
C SER A 572 -6.17 -10.15 6.95
N LYS A 573 -5.86 -9.74 5.72
CA LYS A 573 -4.51 -9.32 5.35
C LYS A 573 -4.25 -7.86 5.68
N ALA A 574 -5.25 -7.11 6.13
CA ALA A 574 -5.09 -5.70 6.43
C ALA A 574 -4.57 -5.50 7.86
N ASN A 575 -4.30 -4.25 8.21
CA ASN A 575 -3.79 -3.88 9.52
C ASN A 575 -4.91 -3.24 10.33
N CYS A 576 -5.07 -3.69 11.57
CA CYS A 576 -6.16 -3.19 12.40
C CYS A 576 -6.01 -1.71 12.72
N ALA A 577 -4.78 -1.27 13.01
CA ALA A 577 -4.56 0.12 13.39
C ALA A 577 -4.94 1.09 12.28
N LYS A 578 -4.55 0.77 11.04
CA LYS A 578 -4.86 1.67 9.94
C LYS A 578 -6.33 1.60 9.55
N LEU A 579 -6.95 0.43 9.68
CA LEU A 579 -8.38 0.32 9.38
C LEU A 579 -9.22 1.07 10.40
N LYS A 580 -8.79 1.09 11.67
CA LYS A 580 -9.48 1.90 12.67
C LYS A 580 -9.34 3.38 12.38
N GLN A 581 -8.18 3.79 11.86
CA GLN A 581 -7.95 5.20 11.58
C GLN A 581 -8.71 5.66 10.34
N GLY A 582 -8.75 4.82 9.30
CA GLY A 582 -9.43 5.20 8.08
C GLY A 582 -10.01 3.99 7.37
N ILE A 583 -10.97 4.26 6.49
CA ILE A 583 -11.66 3.23 5.73
C ILE A 583 -11.53 3.55 4.24
N ALA A 584 -11.16 2.55 3.45
CA ALA A 584 -11.04 2.72 2.00
C ALA A 584 -11.23 1.35 1.35
N VAL A 585 -12.41 1.11 0.80
CA VAL A 585 -12.74 -0.14 0.12
C VAL A 585 -13.24 0.20 -1.27
N ARG A 586 -12.66 -0.45 -2.29
CA ARG A 586 -13.01 -0.22 -3.68
C ARG A 586 -13.48 -1.52 -4.32
N PHE A 587 -14.58 -1.46 -5.05
CA PHE A 587 -15.07 -2.60 -5.80
C PHE A 587 -14.30 -2.75 -7.10
N HIS A 588 -14.14 -4.00 -7.53
CA HIS A 588 -13.40 -4.28 -8.76
C HIS A 588 -14.12 -3.72 -9.97
N GLY A 589 -13.38 -3.03 -10.83
CA GLY A 589 -13.95 -2.47 -12.05
C GLY A 589 -14.70 -1.17 -11.88
N GLU A 590 -14.72 -0.60 -10.68
CA GLU A 590 -15.42 0.65 -10.40
C GLU A 590 -14.42 1.72 -10.00
N GLU A 591 -14.57 2.91 -10.58
CA GLU A 591 -13.66 4.02 -10.32
C GLU A 591 -14.26 5.11 -9.44
N GLY A 592 -15.58 5.28 -9.44
CA GLY A 592 -16.20 6.30 -8.62
C GLY A 592 -16.11 5.99 -7.14
N MET A 593 -15.25 6.71 -6.42
CA MET A 593 -15.00 6.49 -5.01
C MET A 593 -15.71 7.55 -4.16
N GLY A 594 -15.98 7.18 -2.92
CA GLY A 594 -16.61 8.11 -2.00
C GLY A 594 -17.04 7.38 -0.75
N GLN A 595 -17.50 8.18 0.23
CA GLN A 595 -17.99 7.61 1.48
C GLN A 595 -19.28 6.85 1.28
N GLY A 596 -20.07 7.21 0.26
CA GLY A 596 -21.30 6.47 -0.02
C GLY A 596 -21.05 5.05 -0.44
N VAL A 597 -19.92 4.80 -1.11
CA VAL A 597 -19.58 3.43 -1.51
C VAL A 597 -19.38 2.55 -0.29
N VAL A 598 -18.69 3.07 0.74
CA VAL A 598 -18.51 2.31 1.97
C VAL A 598 -19.84 2.10 2.67
N ARG A 599 -20.71 3.11 2.64
CA ARG A 599 -22.05 2.96 3.21
C ARG A 599 -22.83 1.88 2.48
N GLU A 600 -22.74 1.85 1.14
CA GLU A 600 -23.37 0.78 0.38
C GLU A 600 -22.68 -0.56 0.62
N TRP A 601 -21.38 -0.54 0.89
CA TRP A 601 -20.68 -1.78 1.21
C TRP A 601 -21.21 -2.37 2.51
N PHE A 602 -21.50 -1.52 3.50
CA PHE A 602 -22.14 -2.01 4.72
C PHE A 602 -23.54 -2.52 4.45
N ASP A 603 -24.28 -1.84 3.58
CA ASP A 603 -25.65 -2.23 3.28
C ASP A 603 -25.71 -3.60 2.61
N ILE A 604 -24.85 -3.82 1.61
CA ILE A 604 -24.84 -5.12 0.92
C ILE A 604 -24.34 -6.21 1.87
N LEU A 605 -23.39 -5.87 2.74
CA LEU A 605 -22.96 -6.83 3.76
C LEU A 605 -24.11 -7.17 4.71
N SER A 606 -24.94 -6.17 5.02
CA SER A 606 -26.12 -6.43 5.85
C SER A 606 -27.08 -7.38 5.13
N ASN A 607 -27.22 -7.23 3.81
CA ASN A 607 -28.05 -8.15 3.05
C ASN A 607 -27.37 -9.51 2.85
N GLU A 608 -26.04 -9.57 2.93
CA GLU A 608 -25.34 -10.83 2.78
C GLU A 608 -25.46 -11.70 4.03
N ILE A 609 -25.38 -11.09 5.22
CA ILE A 609 -25.45 -11.86 6.45
C ILE A 609 -26.84 -12.43 6.69
N VAL A 610 -27.89 -11.83 6.11
CA VAL A 610 -29.23 -12.37 6.24
C VAL A 610 -29.54 -13.39 5.16
N ASN A 611 -28.65 -13.59 4.19
CA ASN A 611 -28.85 -14.57 3.15
C ASN A 611 -28.56 -15.96 3.71
N PRO A 612 -29.52 -16.90 3.65
CA PRO A 612 -29.29 -18.23 4.23
C PRO A 612 -28.29 -19.09 3.45
N ASP A 613 -27.73 -18.60 2.34
CA ASP A 613 -26.79 -19.39 1.56
C ASP A 613 -25.54 -19.72 2.38
N TYR A 614 -25.03 -18.75 3.14
CA TYR A 614 -23.87 -18.98 3.99
C TYR A 614 -24.19 -19.77 5.25
N ALA A 615 -25.47 -19.91 5.59
CA ALA A 615 -25.92 -20.69 6.75
C ALA A 615 -25.24 -20.22 8.03
N LEU A 616 -25.24 -18.91 8.24
CA LEU A 616 -24.64 -18.31 9.44
C LEU A 616 -25.66 -17.73 10.40
N PHE A 617 -26.77 -17.19 9.91
CA PHE A 617 -27.86 -16.71 10.75
C PHE A 617 -29.18 -17.16 10.15
N THR A 618 -30.17 -17.35 11.03
CA THR A 618 -31.48 -17.86 10.62
C THR A 618 -32.58 -16.97 11.19
N GLN A 619 -33.71 -16.96 10.50
CA GLN A 619 -34.85 -16.16 10.93
C GLN A 619 -35.49 -16.77 12.18
N SER A 620 -35.91 -15.91 13.10
CA SER A 620 -36.54 -16.35 14.33
C SER A 620 -38.04 -16.58 14.11
N ALA A 621 -38.69 -17.11 15.15
CA ALA A 621 -40.15 -17.22 15.13
C ALA A 621 -40.82 -15.85 15.12
N ASP A 622 -40.08 -14.80 15.49
CA ASP A 622 -40.63 -13.44 15.43
C ASP A 622 -40.93 -13.03 14.01
N GLY A 623 -40.11 -13.46 13.06
CA GLY A 623 -40.31 -13.16 11.65
C GLY A 623 -39.62 -11.91 11.14
N THR A 624 -39.00 -11.12 12.02
CA THR A 624 -38.26 -9.94 11.59
C THR A 624 -36.87 -9.85 12.21
N THR A 625 -36.55 -10.65 13.22
CA THR A 625 -35.23 -10.68 13.83
C THR A 625 -34.51 -11.97 13.46
N PHE A 626 -33.23 -12.04 13.79
CA PHE A 626 -32.39 -13.18 13.45
C PHE A 626 -31.57 -13.60 14.67
N GLN A 627 -31.24 -14.88 14.71
CA GLN A 627 -30.42 -15.49 15.75
C GLN A 627 -29.39 -16.38 15.09
N PRO A 628 -28.27 -16.63 15.77
CA PRO A 628 -27.23 -17.48 15.19
C PRO A 628 -27.75 -18.87 14.85
N ASN A 629 -27.31 -19.39 13.71
CA ASN A 629 -27.75 -20.70 13.24
C ASN A 629 -27.00 -21.80 13.98
N SER A 630 -27.74 -22.79 14.47
CA SER A 630 -27.11 -23.89 15.22
C SER A 630 -26.33 -24.82 14.30
N ASN A 631 -26.74 -24.94 13.03
CA ASN A 631 -26.09 -25.83 12.08
C ASN A 631 -25.12 -25.10 11.16
N SER A 632 -24.44 -24.07 11.68
CA SER A 632 -23.49 -23.31 10.87
C SER A 632 -22.22 -24.09 10.57
N TYR A 633 -22.01 -25.23 11.23
CA TYR A 633 -20.78 -26.01 11.01
C TYR A 633 -20.70 -26.61 9.62
N VAL A 634 -21.79 -26.60 8.85
CA VAL A 634 -21.75 -27.12 7.49
C VAL A 634 -20.77 -26.30 6.63
N ASN A 635 -20.80 -24.99 6.78
CA ASN A 635 -19.87 -24.13 6.06
C ASN A 635 -18.47 -24.30 6.64
N PRO A 636 -17.47 -24.69 5.85
CA PRO A 636 -16.12 -24.88 6.41
C PRO A 636 -15.53 -23.63 7.02
N ASP A 637 -15.82 -22.45 6.45
CA ASP A 637 -15.27 -21.19 6.94
C ASP A 637 -16.25 -20.42 7.81
N HIS A 638 -17.12 -21.14 8.55
CA HIS A 638 -18.09 -20.48 9.39
C HIS A 638 -17.42 -19.66 10.49
N LEU A 639 -16.38 -20.22 11.12
CA LEU A 639 -15.67 -19.50 12.16
C LEU A 639 -15.00 -18.25 11.60
N ASN A 640 -14.42 -18.35 10.40
CA ASN A 640 -13.84 -17.18 9.77
C ASN A 640 -14.89 -16.14 9.42
N TYR A 641 -16.10 -16.58 9.06
CA TYR A 641 -17.18 -15.64 8.77
C TYR A 641 -17.66 -14.96 10.05
N PHE A 642 -17.71 -15.68 11.16
CA PHE A 642 -18.17 -15.10 12.42
C PHE A 642 -17.25 -13.99 12.89
N ARG A 643 -15.93 -14.23 12.85
CA ARG A 643 -14.99 -13.19 13.22
C ARG A 643 -14.97 -12.05 12.21
N PHE A 644 -15.19 -12.36 10.93
CA PHE A 644 -15.30 -11.32 9.92
C PHE A 644 -16.50 -10.42 10.17
N ALA A 645 -17.63 -11.02 10.56
CA ALA A 645 -18.82 -10.23 10.89
C ALA A 645 -18.56 -9.34 12.10
N GLY A 646 -17.88 -9.86 13.11
CA GLY A 646 -17.57 -9.05 14.28
C GLY A 646 -16.65 -7.88 13.95
N GLN A 647 -15.70 -8.09 13.05
CA GLN A 647 -14.76 -7.03 12.69
C GLN A 647 -15.47 -5.89 11.96
N ILE A 648 -16.33 -6.21 10.99
CA ILE A 648 -16.97 -5.17 10.20
C ILE A 648 -17.98 -4.40 11.04
N LEU A 649 -18.69 -5.10 11.94
CA LEU A 649 -19.62 -4.40 12.84
C LEU A 649 -18.87 -3.48 13.79
N GLY A 650 -17.70 -3.91 14.27
CA GLY A 650 -16.89 -3.04 15.11
C GLY A 650 -16.42 -1.81 14.37
N LEU A 651 -16.01 -1.97 13.10
CA LEU A 651 -15.61 -0.82 12.30
C LEU A 651 -16.78 0.12 12.06
N ALA A 652 -17.97 -0.44 11.81
CA ALA A 652 -19.15 0.39 11.62
C ALA A 652 -19.48 1.17 12.88
N LEU A 653 -19.38 0.52 14.05
CA LEU A 653 -19.59 1.23 15.32
C LEU A 653 -18.50 2.27 15.54
N ASN A 654 -17.26 1.96 15.14
CA ASN A 654 -16.16 2.91 15.30
C ASN A 654 -16.40 4.17 14.48
N HIS A 655 -16.90 4.01 13.25
CA HIS A 655 -17.09 5.14 12.34
C HIS A 655 -18.52 5.66 12.35
N ARG A 656 -19.34 5.26 13.33
CA ARG A 656 -20.70 5.75 13.49
C ARG A 656 -21.55 5.44 12.26
N GLN A 657 -21.62 4.16 11.92
CA GLN A 657 -22.40 3.67 10.80
C GLN A 657 -23.51 2.76 11.31
N LEU A 658 -24.73 3.02 10.87
CA LEU A 658 -25.89 2.27 11.32
C LEU A 658 -26.05 0.98 10.51
N VAL A 659 -26.73 0.00 11.13
CA VAL A 659 -27.02 -1.28 10.51
C VAL A 659 -28.53 -1.47 10.53
N ASN A 660 -29.10 -1.83 9.37
CA ASN A 660 -30.54 -2.01 9.23
C ASN A 660 -30.99 -3.44 9.51
N ILE A 661 -30.21 -4.19 10.28
CA ILE A 661 -30.53 -5.57 10.62
C ILE A 661 -30.79 -5.66 12.12
N TYR A 662 -31.93 -6.24 12.49
CA TYR A 662 -32.32 -6.42 13.88
C TYR A 662 -32.16 -7.89 14.27
N PHE A 663 -31.63 -8.13 15.46
CA PHE A 663 -31.37 -9.47 15.96
C PHE A 663 -32.18 -9.73 17.22
N THR A 664 -32.26 -11.01 17.58
CA THR A 664 -32.99 -11.41 18.77
C THR A 664 -32.28 -10.94 20.03
N ARG A 665 -33.01 -10.97 21.15
CA ARG A 665 -32.44 -10.57 22.43
C ARG A 665 -31.30 -11.49 22.85
N SER A 666 -31.35 -12.76 22.44
CA SER A 666 -30.31 -13.71 22.83
C SER A 666 -28.95 -13.30 22.28
N PHE A 667 -28.91 -12.85 21.03
CA PHE A 667 -27.63 -12.47 20.41
C PHE A 667 -26.99 -11.30 21.15
N TYR A 668 -27.79 -10.29 21.53
CA TYR A 668 -27.25 -9.15 22.24
C TYR A 668 -26.77 -9.53 23.64
N LYS A 669 -27.49 -10.45 24.31
CA LYS A 669 -27.06 -10.90 25.63
C LYS A 669 -25.73 -11.64 25.56
N HIS A 670 -25.54 -12.46 24.54
CA HIS A 670 -24.31 -13.24 24.42
C HIS A 670 -23.09 -12.33 24.22
N ILE A 671 -23.19 -11.38 23.30
CA ILE A 671 -22.07 -10.49 23.02
C ILE A 671 -21.83 -9.54 24.19
N LEU A 672 -22.88 -9.16 24.91
CA LEU A 672 -22.70 -8.31 26.09
C LEU A 672 -22.09 -9.10 27.24
N GLY A 673 -22.40 -10.40 27.34
CA GLY A 673 -21.83 -11.27 28.33
C GLY A 673 -22.75 -11.60 29.50
N ILE A 674 -23.82 -10.85 29.69
CA ILE A 674 -24.73 -11.13 30.81
C ILE A 674 -25.52 -12.39 30.51
N PRO A 675 -25.80 -13.23 31.51
CA PRO A 675 -26.52 -14.48 31.25
C PRO A 675 -27.95 -14.24 30.81
N VAL A 676 -28.45 -15.17 30.00
CA VAL A 676 -29.83 -15.12 29.51
C VAL A 676 -30.76 -15.67 30.59
N ASN A 677 -32.07 -15.49 30.39
CA ASN A 677 -33.05 -15.94 31.36
C ASN A 677 -34.21 -16.66 30.68
N TYR A 678 -35.28 -16.94 31.43
CA TYR A 678 -36.41 -17.68 30.88
C TYR A 678 -37.14 -16.87 29.81
N GLN A 679 -37.18 -15.55 29.93
CA GLN A 679 -37.83 -14.72 28.92
C GLN A 679 -37.12 -14.84 27.57
N ASP A 680 -35.80 -15.07 27.58
CA ASP A 680 -35.08 -15.28 26.32
C ASP A 680 -35.55 -16.53 25.60
N VAL A 681 -35.82 -17.60 26.34
CA VAL A 681 -36.32 -18.83 25.73
C VAL A 681 -37.70 -18.60 25.14
N ALA A 682 -38.53 -17.80 25.81
CA ALA A 682 -39.86 -17.50 25.31
C ALA A 682 -39.82 -16.72 24.00
N SER A 683 -38.73 -16.00 23.73
CA SER A 683 -38.63 -15.24 22.49
C SER A 683 -38.55 -16.16 21.27
N ILE A 684 -38.04 -17.38 21.44
CA ILE A 684 -37.91 -18.34 20.36
C ILE A 684 -38.83 -19.54 20.55
N ASP A 685 -38.98 -20.02 21.79
CA ASP A 685 -39.83 -21.16 22.10
C ASP A 685 -40.74 -20.78 23.26
N PRO A 686 -41.79 -20.00 23.00
CA PRO A 686 -42.72 -19.63 24.08
C PRO A 686 -43.41 -20.82 24.74
N GLU A 687 -43.67 -21.89 23.98
CA GLU A 687 -44.38 -23.04 24.53
C GLU A 687 -43.57 -23.71 25.63
N TYR A 688 -42.27 -23.93 25.39
CA TYR A 688 -41.43 -24.55 26.41
C TYR A 688 -41.28 -23.63 27.62
N ALA A 689 -41.12 -22.33 27.38
CA ALA A 689 -41.01 -21.38 28.50
C ALA A 689 -42.30 -21.32 29.30
N LYS A 690 -43.45 -21.53 28.66
CA LYS A 690 -44.71 -21.59 29.40
C LYS A 690 -44.71 -22.76 30.37
N ASN A 691 -44.19 -23.92 29.94
CA ASN A 691 -44.03 -25.04 30.85
C ASN A 691 -43.03 -24.71 31.96
N LEU A 692 -41.94 -24.03 31.61
CA LEU A 692 -40.97 -23.62 32.62
C LEU A 692 -41.55 -22.55 33.55
N GLN A 693 -42.44 -21.70 33.04
CA GLN A 693 -43.08 -20.70 33.89
C GLN A 693 -43.91 -21.38 34.98
N TRP A 694 -44.62 -22.45 34.64
CA TRP A 694 -45.43 -23.16 35.63
C TRP A 694 -44.56 -23.83 36.69
N ILE A 695 -43.43 -24.42 36.28
CA ILE A 695 -42.62 -25.17 37.22
C ILE A 695 -41.94 -24.25 38.23
N LEU A 696 -41.68 -22.99 37.86
CA LEU A 696 -41.03 -22.06 38.77
C LEU A 696 -42.01 -21.31 39.66
N ASP A 697 -43.32 -21.52 39.48
CA ASP A 697 -44.32 -20.81 40.27
C ASP A 697 -44.76 -21.62 41.49
N ASN A 698 -45.26 -22.83 41.27
CA ASN A 698 -45.79 -23.64 42.34
C ASN A 698 -44.73 -24.60 42.89
N ASP A 699 -45.05 -25.21 44.03
CA ASP A 699 -44.13 -26.14 44.67
C ASP A 699 -43.99 -27.42 43.84
N ILE A 700 -42.80 -27.99 43.88
CA ILE A 700 -42.52 -29.22 43.14
C ILE A 700 -42.18 -30.40 44.03
N SER A 701 -41.76 -30.18 45.28
CA SER A 701 -41.45 -31.29 46.18
C SER A 701 -42.69 -32.11 46.50
N ASP A 702 -43.82 -31.46 46.74
CA ASP A 702 -45.05 -32.18 47.07
C ASP A 702 -45.60 -32.93 45.86
N LEU A 703 -45.33 -32.43 44.65
CA LEU A 703 -45.83 -33.10 43.44
C LEU A 703 -45.14 -34.43 43.20
N GLY A 704 -43.87 -34.55 43.60
CA GLY A 704 -43.12 -35.78 43.40
C GLY A 704 -42.88 -36.13 41.94
N LEU A 705 -42.48 -35.14 41.13
CA LEU A 705 -42.22 -35.37 39.72
C LEU A 705 -40.88 -36.06 39.54
N GLU A 706 -40.48 -36.25 38.28
CA GLU A 706 -39.22 -36.91 37.94
C GLU A 706 -38.10 -35.92 37.69
N LEU A 707 -38.12 -34.77 38.37
CA LEU A 707 -37.05 -33.79 38.27
C LEU A 707 -35.82 -34.31 39.01
N THR A 708 -34.79 -34.70 38.28
CA THR A 708 -33.60 -35.31 38.86
C THR A 708 -32.33 -34.59 38.46
N PHE A 709 -32.42 -33.29 38.15
CA PHE A 709 -31.27 -32.47 37.75
C PHE A 709 -30.57 -33.05 36.52
N SER A 710 -31.31 -33.76 35.67
CA SER A 710 -30.74 -34.35 34.47
C SER A 710 -31.84 -34.54 33.44
N VAL A 711 -31.46 -34.47 32.17
CA VAL A 711 -32.40 -34.62 31.07
C VAL A 711 -31.81 -35.59 30.05
N GLU A 712 -32.71 -36.23 29.29
CA GLU A 712 -32.34 -37.11 28.19
C GLU A 712 -32.78 -36.45 26.90
N THR A 713 -31.83 -36.17 26.01
CA THR A 713 -32.10 -35.36 24.82
C THR A 713 -31.57 -36.06 23.58
N ASP A 714 -32.14 -35.66 22.44
CA ASP A 714 -31.71 -36.12 21.13
C ASP A 714 -31.17 -34.93 20.35
N VAL A 715 -29.91 -34.99 19.97
CA VAL A 715 -29.25 -33.91 19.23
C VAL A 715 -28.55 -34.50 18.02
N PHE A 716 -28.73 -33.88 16.86
CA PHE A 716 -28.10 -34.29 15.61
C PHE A 716 -28.36 -35.76 15.28
N GLY A 717 -29.55 -36.25 15.62
CA GLY A 717 -29.88 -37.64 15.39
C GLY A 717 -29.20 -38.62 16.33
N ALA A 718 -28.58 -38.13 17.40
CA ALA A 718 -27.87 -38.98 18.35
C ALA A 718 -28.44 -38.78 19.75
N MET A 719 -28.55 -39.88 20.49
CA MET A 719 -29.10 -39.83 21.84
C MET A 719 -28.04 -39.35 22.82
N GLU A 720 -28.46 -38.49 23.76
CA GLU A 720 -27.53 -37.93 24.73
C GLU A 720 -28.26 -37.66 26.04
N GLU A 721 -27.57 -37.90 27.15
CA GLU A 721 -28.08 -37.58 28.48
C GLU A 721 -27.17 -36.52 29.09
N VAL A 722 -27.75 -35.40 29.49
CA VAL A 722 -27.00 -34.26 30.00
C VAL A 722 -27.36 -34.06 31.47
N PRO A 723 -26.49 -34.48 32.39
CA PRO A 723 -26.71 -34.18 33.81
C PRO A 723 -26.30 -32.75 34.12
N LEU A 724 -27.22 -32.00 34.75
CA LEU A 724 -26.94 -30.61 35.07
C LEU A 724 -25.85 -30.47 36.13
N LYS A 725 -25.59 -31.50 36.92
CA LYS A 725 -24.55 -31.48 37.93
C LYS A 725 -23.71 -32.74 37.79
N PRO A 726 -22.37 -32.63 37.76
CA PRO A 726 -21.54 -33.83 37.68
C PRO A 726 -21.67 -34.70 38.92
N GLY A 727 -22.26 -35.88 38.77
CA GLY A 727 -22.55 -36.76 39.89
C GLY A 727 -23.87 -36.47 40.58
N GLY A 728 -24.51 -35.34 40.28
CA GLY A 728 -25.79 -35.00 40.86
C GLY A 728 -26.95 -35.26 39.93
N GLY A 729 -26.74 -36.14 38.95
CA GLY A 729 -27.76 -36.44 37.97
C GLY A 729 -28.93 -37.26 38.47
N SER A 730 -28.90 -37.69 39.72
CA SER A 730 -29.99 -38.43 40.33
C SER A 730 -30.56 -37.74 41.57
N ILE A 731 -30.24 -36.46 41.76
CA ILE A 731 -30.70 -35.71 42.91
C ILE A 731 -32.03 -35.07 42.58
N LEU A 732 -33.04 -35.33 43.41
CA LEU A 732 -34.37 -34.76 43.19
C LEU A 732 -34.35 -33.25 43.35
N VAL A 733 -35.03 -32.56 42.43
CA VAL A 733 -35.12 -31.11 42.46
C VAL A 733 -36.27 -30.71 43.38
N THR A 734 -35.96 -29.83 44.34
CA THR A 734 -36.94 -29.32 45.28
C THR A 734 -37.21 -27.85 45.00
N GLN A 735 -38.06 -27.24 45.84
CA GLN A 735 -38.41 -25.84 45.66
C GLN A 735 -37.20 -24.93 45.83
N ASN A 736 -36.34 -25.23 46.82
CA ASN A 736 -35.20 -24.36 47.10
C ASN A 736 -34.20 -24.35 45.96
N ASN A 737 -33.92 -25.51 45.37
CA ASN A 737 -32.88 -25.64 44.36
C ASN A 737 -33.43 -25.60 42.93
N LYS A 738 -34.72 -25.32 42.76
CA LYS A 738 -35.29 -25.26 41.41
C LYS A 738 -34.89 -23.99 40.67
N ALA A 739 -34.42 -22.96 41.39
CA ALA A 739 -34.00 -21.73 40.73
C ALA A 739 -32.80 -21.97 39.84
N GLU A 740 -31.79 -22.67 40.35
CA GLU A 740 -30.64 -23.03 39.54
C GLU A 740 -30.94 -24.16 38.57
N TYR A 741 -31.91 -25.03 38.90
CA TYR A 741 -32.31 -26.08 37.98
C TYR A 741 -32.90 -25.49 36.71
N VAL A 742 -33.74 -24.47 36.84
CA VAL A 742 -34.31 -23.81 35.66
C VAL A 742 -33.23 -23.04 34.92
N GLN A 743 -32.37 -22.33 35.65
CA GLN A 743 -31.34 -21.51 35.01
C GLN A 743 -30.36 -22.38 34.22
N LEU A 744 -29.94 -23.51 34.78
CA LEU A 744 -28.95 -24.34 34.11
C LEU A 744 -29.50 -24.99 32.85
N VAL A 745 -30.73 -25.49 32.91
CA VAL A 745 -31.29 -26.19 31.75
C VAL A 745 -31.53 -25.23 30.59
N THR A 746 -31.97 -24.00 30.89
CA THR A 746 -32.14 -23.00 29.84
C THR A 746 -30.78 -22.57 29.28
N GLU A 747 -29.79 -22.36 30.15
CA GLU A 747 -28.47 -21.95 29.68
C GLU A 747 -27.85 -23.02 28.79
N LEU A 748 -28.00 -24.29 29.16
CA LEU A 748 -27.44 -25.37 28.36
C LEU A 748 -28.09 -25.44 26.98
N ARG A 749 -29.42 -25.29 26.92
CA ARG A 749 -30.10 -25.41 25.63
C ARG A 749 -29.85 -24.19 24.75
N MET A 750 -29.71 -23.00 25.34
CA MET A 750 -29.45 -21.80 24.55
C MET A 750 -28.03 -21.79 23.99
N THR A 751 -27.04 -22.10 24.83
CA THR A 751 -25.65 -21.75 24.52
C THR A 751 -24.80 -22.92 24.05
N ARG A 752 -25.13 -24.16 24.43
CA ARG A 752 -24.24 -25.28 24.12
C ARG A 752 -24.05 -25.46 22.62
N ALA A 753 -25.13 -25.31 21.85
CA ALA A 753 -25.05 -25.49 20.40
C ALA A 753 -24.40 -24.32 19.68
N ILE A 754 -24.19 -23.19 20.36
CA ILE A 754 -23.66 -22.00 19.71
C ILE A 754 -22.48 -21.43 20.49
N GLN A 755 -22.02 -22.14 21.52
CA GLN A 755 -20.95 -21.62 22.36
C GLN A 755 -19.66 -21.36 21.58
N PRO A 756 -19.11 -22.29 20.79
CA PRO A 756 -17.94 -21.93 19.98
C PRO A 756 -18.23 -20.88 18.93
N GLN A 757 -19.46 -20.83 18.40
CA GLN A 757 -19.79 -19.84 17.39
C GLN A 757 -19.80 -18.44 17.96
N ILE A 758 -20.46 -18.24 19.11
CA ILE A 758 -20.51 -16.91 19.71
C ILE A 758 -19.12 -16.52 20.23
N ASN A 759 -18.33 -17.48 20.69
CA ASN A 759 -16.98 -17.18 21.15
C ASN A 759 -16.12 -16.64 20.01
N ALA A 760 -16.24 -17.25 18.83
CA ALA A 760 -15.52 -16.74 17.66
C ALA A 760 -16.04 -15.39 17.22
N PHE A 761 -17.34 -15.14 17.39
CA PHE A 761 -17.90 -13.85 17.00
C PHE A 761 -17.46 -12.73 17.94
N LEU A 762 -17.51 -12.98 19.25
CA LEU A 762 -17.17 -11.92 20.20
C LEU A 762 -15.69 -11.54 20.09
N GLN A 763 -14.80 -12.52 19.92
CA GLN A 763 -13.38 -12.20 19.77
C GLN A 763 -13.13 -11.44 18.47
N GLY A 764 -13.87 -11.75 17.41
CA GLY A 764 -13.76 -10.98 16.19
C GLY A 764 -14.21 -9.54 16.39
N PHE A 765 -15.29 -9.35 17.15
CA PHE A 765 -15.75 -8.00 17.48
C PHE A 765 -14.79 -7.32 18.46
N HIS A 766 -14.13 -8.09 19.33
CA HIS A 766 -13.26 -7.51 20.35
C HIS A 766 -11.91 -7.08 19.82
N MET A 767 -11.51 -7.55 18.63
CA MET A 767 -10.23 -7.11 18.07
C MET A 767 -10.26 -5.64 17.66
N PHE A 768 -11.45 -5.04 17.52
CA PHE A 768 -11.57 -3.63 17.21
C PHE A 768 -12.32 -2.83 18.26
N ILE A 769 -13.14 -3.48 19.09
CA ILE A 769 -13.85 -2.81 20.18
C ILE A 769 -13.49 -3.50 21.49
N PRO A 770 -12.74 -2.86 22.38
CA PRO A 770 -12.33 -3.51 23.63
C PRO A 770 -13.55 -3.92 24.46
N PRO A 771 -13.50 -5.09 25.09
CA PRO A 771 -14.64 -5.52 25.92
C PRO A 771 -14.94 -4.59 27.08
N SER A 772 -13.91 -3.99 27.68
CA SER A 772 -14.14 -3.12 28.83
C SER A 772 -14.95 -1.87 28.45
N LEU A 773 -14.61 -1.27 27.31
CA LEU A 773 -15.30 -0.05 26.90
C LEU A 773 -16.77 -0.30 26.59
N ILE A 774 -17.08 -1.41 25.93
CA ILE A 774 -18.46 -1.71 25.55
C ILE A 774 -19.29 -2.22 26.71
N GLN A 775 -18.65 -2.62 27.82
CA GLN A 775 -19.37 -3.19 28.95
C GLN A 775 -20.26 -2.18 29.68
N LEU A 776 -20.08 -0.87 29.42
CA LEU A 776 -20.89 0.14 30.11
C LEU A 776 -22.29 0.29 29.54
N PHE A 777 -22.60 -0.38 28.44
CA PHE A 777 -23.91 -0.27 27.80
C PHE A 777 -24.81 -1.41 28.26
N ASP A 778 -26.07 -1.35 27.84
CA ASP A 778 -27.07 -2.39 28.10
C ASP A 778 -27.39 -3.10 26.80
N GLU A 779 -28.22 -4.14 26.90
CA GLU A 779 -28.67 -4.85 25.71
C GLU A 779 -29.54 -3.96 24.84
N TYR A 780 -30.39 -3.14 25.44
CA TYR A 780 -31.24 -2.23 24.67
C TYR A 780 -30.44 -1.04 24.16
N GLU A 781 -29.51 -0.52 24.96
CA GLU A 781 -28.66 0.57 24.51
C GLU A 781 -27.77 0.14 23.37
N LEU A 782 -27.20 -1.07 23.44
CA LEU A 782 -26.33 -1.56 22.38
C LEU A 782 -27.08 -1.71 21.07
N GLU A 783 -28.31 -2.24 21.12
CA GLU A 783 -29.10 -2.37 19.89
C GLU A 783 -29.49 -1.01 19.34
N LEU A 784 -29.79 -0.05 20.22
CA LEU A 784 -30.19 1.28 19.76
C LEU A 784 -29.06 1.96 19.00
N LEU A 785 -27.81 1.82 19.48
CA LEU A 785 -26.68 2.39 18.77
C LEU A 785 -26.52 1.77 17.39
N LEU A 786 -26.69 0.45 17.29
CA LEU A 786 -26.57 -0.22 16.00
C LEU A 786 -27.72 0.15 15.08
N SER A 787 -28.92 0.31 15.62
CA SER A 787 -30.11 0.61 14.83
C SER A 787 -30.37 2.09 14.67
N GLY A 788 -29.54 2.95 15.26
CA GLY A 788 -29.76 4.38 15.13
C GLY A 788 -30.97 4.85 15.93
N MET A 789 -31.55 5.96 15.46
CA MET A 789 -32.70 6.59 16.12
C MET A 789 -33.80 6.82 15.08
N PRO A 790 -34.52 5.77 14.69
CA PRO A 790 -35.62 5.95 13.75
C PRO A 790 -36.74 6.77 14.35
N GLU A 791 -37.43 7.52 13.49
CA GLU A 791 -38.55 8.34 13.93
C GLU A 791 -39.75 7.47 14.26
N ILE A 792 -40.55 7.93 15.23
CA ILE A 792 -41.77 7.26 15.64
C ILE A 792 -42.91 8.26 15.54
N ASP A 793 -43.90 7.95 14.70
CA ASP A 793 -45.10 8.77 14.54
C ASP A 793 -46.18 8.15 15.41
N VAL A 794 -46.29 8.66 16.65
CA VAL A 794 -47.24 8.09 17.60
C VAL A 794 -48.68 8.29 17.13
N SER A 795 -48.98 9.49 16.60
CA SER A 795 -50.34 9.77 16.14
C SER A 795 -50.74 8.84 15.00
N ASP A 796 -49.84 8.64 14.04
CA ASP A 796 -50.12 7.71 12.94
C ASP A 796 -50.21 6.27 13.44
N TRP A 797 -49.34 5.91 14.38
CA TRP A 797 -49.34 4.55 14.91
C TRP A 797 -50.65 4.24 15.62
N ILE A 798 -51.21 5.22 16.34
CA ILE A 798 -52.45 5.00 17.05
C ILE A 798 -53.63 4.85 16.09
N LYS A 799 -53.67 5.68 15.05
CA LYS A 799 -54.86 5.77 14.21
C LYS A 799 -55.06 4.54 13.32
N ASN A 800 -54.02 3.75 13.09
CA ASN A 800 -54.11 2.56 12.25
C ASN A 800 -53.72 1.30 13.02
N THR A 801 -54.22 1.17 14.24
CA THR A 801 -53.91 0.04 15.10
C THR A 801 -55.21 -0.61 15.57
N GLU A 802 -55.33 -1.92 15.37
CA GLU A 802 -56.51 -2.64 15.80
C GLU A 802 -56.48 -2.83 17.32
N TYR A 803 -57.65 -3.15 17.88
CA TYR A 803 -57.78 -3.29 19.33
C TYR A 803 -58.88 -4.30 19.63
N THR A 804 -58.50 -5.40 20.27
CA THR A 804 -59.41 -6.49 20.63
C THR A 804 -58.94 -7.08 21.96
N SER A 805 -59.40 -8.29 22.26
CA SER A 805 -58.95 -9.08 23.41
C SER A 805 -59.22 -8.35 24.73
N GLY A 806 -60.49 -8.16 25.00
CA GLY A 806 -60.95 -7.66 26.29
C GLY A 806 -61.13 -6.17 26.45
N TYR A 807 -60.13 -5.39 26.04
CA TYR A 807 -60.19 -3.93 26.15
C TYR A 807 -60.80 -3.36 24.88
N GLU A 808 -61.85 -2.57 25.03
CA GLU A 808 -62.52 -1.96 23.89
C GLU A 808 -61.81 -0.66 23.49
N ARG A 809 -62.15 -0.17 22.29
CA ARG A 809 -61.57 1.09 21.83
C ARG A 809 -62.07 2.27 22.65
N GLU A 810 -63.26 2.15 23.25
CA GLU A 810 -63.80 3.20 24.11
C GLU A 810 -63.37 3.04 25.56
N ASP A 811 -62.65 1.98 25.89
CA ASP A 811 -62.15 1.81 27.25
C ASP A 811 -61.11 2.88 27.55
N PRO A 812 -61.21 3.60 28.67
CA PRO A 812 -60.22 4.64 28.97
C PRO A 812 -58.80 4.13 29.14
N VAL A 813 -58.61 2.83 29.39
CA VAL A 813 -57.28 2.31 29.65
C VAL A 813 -56.38 2.48 28.43
N ILE A 814 -56.90 2.21 27.23
CA ILE A 814 -56.09 2.39 26.03
C ILE A 814 -55.82 3.88 25.80
N GLN A 815 -56.77 4.74 26.13
CA GLN A 815 -56.53 6.18 26.01
C GLN A 815 -55.41 6.62 26.94
N TRP A 816 -55.37 6.10 28.16
CA TRP A 816 -54.25 6.37 29.05
C TRP A 816 -52.95 5.83 28.48
N PHE A 817 -52.99 4.62 27.93
CA PHE A 817 -51.79 4.04 27.34
C PHE A 817 -51.32 4.85 26.13
N TRP A 818 -52.26 5.29 25.30
CA TRP A 818 -51.90 6.09 24.13
C TRP A 818 -51.45 7.50 24.53
N GLU A 819 -51.93 8.01 25.66
CA GLU A 819 -51.44 9.28 26.17
C GLU A 819 -50.06 9.15 26.80
N VAL A 820 -49.78 8.01 27.44
CA VAL A 820 -48.47 7.81 28.07
C VAL A 820 -47.37 7.75 27.01
N VAL A 821 -47.62 7.00 25.93
CA VAL A 821 -46.61 6.91 24.88
C VAL A 821 -46.41 8.25 24.18
N GLU A 822 -47.44 9.10 24.19
CA GLU A 822 -47.34 10.40 23.52
C GLU A 822 -46.49 11.38 24.32
N ASP A 823 -46.66 11.41 25.65
CA ASP A 823 -46.03 12.43 26.47
C ASP A 823 -44.63 12.05 26.96
N ILE A 824 -44.21 10.80 26.79
CA ILE A 824 -42.87 10.40 27.20
C ILE A 824 -41.85 10.87 26.17
N THR A 825 -40.58 10.91 26.60
CA THR A 825 -39.50 11.37 25.75
C THR A 825 -39.22 10.37 24.65
N GLN A 826 -38.60 10.85 23.57
CA GLN A 826 -38.22 9.98 22.46
C GLN A 826 -37.32 8.83 22.93
N GLU A 827 -36.45 9.10 23.90
CA GLU A 827 -35.64 8.04 24.48
C GLU A 827 -36.51 6.99 25.17
N GLU A 828 -37.55 7.45 25.89
CA GLU A 828 -38.45 6.50 26.55
C GLU A 828 -39.37 5.81 25.56
N ARG A 829 -39.67 6.46 24.43
CA ARG A 829 -40.55 5.86 23.44
C ARG A 829 -39.93 4.60 22.81
N VAL A 830 -38.66 4.69 22.41
CA VAL A 830 -37.99 3.52 21.85
C VAL A 830 -37.77 2.46 22.91
N LEU A 831 -37.53 2.87 24.16
CA LEU A 831 -37.42 1.91 25.25
C LEU A 831 -38.72 1.14 25.45
N LEU A 832 -39.85 1.85 25.37
CA LEU A 832 -41.15 1.16 25.42
C LEU A 832 -41.32 0.23 24.24
N LEU A 833 -40.91 0.66 23.05
CA LEU A 833 -41.00 -0.19 21.87
C LEU A 833 -40.14 -1.43 22.02
N GLN A 834 -38.93 -1.27 22.57
CA GLN A 834 -38.06 -2.41 22.82
C GLN A 834 -38.66 -3.35 23.86
N PHE A 835 -39.28 -2.79 24.90
CA PHE A 835 -39.87 -3.62 25.95
C PHE A 835 -41.04 -4.44 25.42
N VAL A 836 -41.88 -3.85 24.57
CA VAL A 836 -43.08 -4.54 24.12
C VAL A 836 -42.77 -5.47 22.94
N THR A 837 -41.86 -5.08 22.07
CA THR A 837 -41.57 -5.88 20.89
C THR A 837 -40.10 -6.20 20.71
N GLY A 838 -39.21 -5.28 21.04
CA GLY A 838 -37.79 -5.50 20.84
C GLY A 838 -37.29 -5.21 19.45
N SER A 839 -38.14 -4.70 18.55
CA SER A 839 -37.76 -4.39 17.19
C SER A 839 -38.05 -2.92 16.90
N SER A 840 -37.12 -2.27 16.20
CA SER A 840 -37.24 -0.86 15.83
C SER A 840 -37.72 -0.69 14.40
N ARG A 841 -38.60 -1.57 13.94
CA ARG A 841 -39.08 -1.52 12.57
C ARG A 841 -39.92 -0.27 12.33
N VAL A 842 -39.78 0.29 11.13
CA VAL A 842 -40.58 1.44 10.70
C VAL A 842 -41.02 1.19 9.26
N PRO A 843 -42.29 0.88 9.02
CA PRO A 843 -42.74 0.63 7.64
C PRO A 843 -42.69 1.89 6.79
N HIS A 844 -42.53 1.69 5.49
CA HIS A 844 -42.48 2.80 4.56
C HIS A 844 -43.87 3.42 4.39
N GLY A 845 -43.92 4.75 4.39
CA GLY A 845 -45.15 5.47 4.17
C GLY A 845 -46.05 5.59 5.38
N GLY A 846 -45.65 5.07 6.52
CA GLY A 846 -46.46 5.13 7.72
C GLY A 846 -46.23 3.89 8.56
N PHE A 847 -47.04 3.77 9.62
CA PHE A 847 -46.94 2.66 10.55
C PHE A 847 -48.06 1.63 10.34
N ALA A 848 -48.73 1.66 9.20
CA ALA A 848 -49.69 0.64 8.85
C ALA A 848 -48.98 -0.57 8.23
N ASN A 849 -49.72 -1.67 8.09
CA ASN A 849 -49.22 -2.89 7.46
C ASN A 849 -48.02 -3.45 8.23
N ILE A 850 -48.22 -3.66 9.54
CA ILE A 850 -47.18 -4.23 10.38
C ILE A 850 -47.23 -5.75 10.28
N MET A 851 -46.07 -6.37 10.12
CA MET A 851 -45.96 -7.82 9.96
C MET A 851 -45.62 -8.45 11.31
N GLY A 852 -46.48 -9.36 11.77
CA GLY A 852 -46.22 -10.11 12.98
C GLY A 852 -46.11 -11.60 12.72
N GLY A 853 -44.92 -12.15 12.88
CA GLY A 853 -44.69 -13.56 12.61
C GLY A 853 -44.97 -13.93 11.17
N SER A 854 -44.48 -13.11 10.24
CA SER A 854 -44.68 -13.24 8.80
C SER A 854 -46.15 -13.10 8.40
N GLY A 855 -47.00 -12.61 9.30
CA GLY A 855 -48.39 -12.39 8.99
C GLY A 855 -48.86 -10.98 9.32
N LEU A 856 -49.95 -10.55 8.70
CA LEU A 856 -50.49 -9.22 8.94
C LEU A 856 -51.07 -9.14 10.35
N GLN A 857 -50.42 -8.34 11.21
CA GLN A 857 -50.87 -8.21 12.59
C GLN A 857 -50.27 -6.93 13.18
N ASN A 858 -51.12 -6.08 13.75
CA ASN A 858 -50.70 -4.88 14.44
C ASN A 858 -50.64 -5.13 15.94
N PHE A 859 -50.11 -4.13 16.66
CA PHE A 859 -49.96 -4.26 18.10
C PHE A 859 -51.32 -4.31 18.78
N THR A 860 -51.44 -5.19 19.77
CA THR A 860 -52.69 -5.39 20.50
C THR A 860 -52.39 -5.48 21.99
N ILE A 861 -53.41 -5.17 22.80
CA ILE A 861 -53.30 -5.20 24.25
C ILE A 861 -54.41 -6.09 24.80
N ALA A 862 -54.04 -7.00 25.70
CA ALA A 862 -54.98 -7.91 26.34
C ALA A 862 -55.30 -7.44 27.75
N ALA A 863 -56.33 -8.05 28.34
CA ALA A 863 -56.82 -7.68 29.66
C ALA A 863 -56.57 -8.81 30.64
N VAL A 864 -56.00 -8.48 31.79
CA VAL A 864 -55.76 -9.47 32.85
C VAL A 864 -56.10 -8.84 34.20
N PRO A 865 -56.49 -9.67 35.17
CA PRO A 865 -56.81 -9.15 36.50
C PRO A 865 -55.58 -8.54 37.16
N TYR A 866 -55.83 -7.55 38.02
CA TYR A 866 -54.77 -6.78 38.66
C TYR A 866 -54.51 -7.31 40.07
N THR A 867 -53.25 -7.54 40.38
CA THR A 867 -52.78 -7.96 41.69
C THR A 867 -51.59 -7.09 42.07
N PRO A 868 -51.30 -6.94 43.36
CA PRO A 868 -50.15 -6.12 43.76
C PRO A 868 -48.85 -6.65 43.19
N ASN A 869 -47.96 -5.72 42.81
CA ASN A 869 -46.65 -6.03 42.24
C ASN A 869 -46.77 -6.94 41.01
N LEU A 870 -47.70 -6.61 40.13
CA LEU A 870 -47.89 -7.30 38.86
C LEU A 870 -47.57 -6.35 37.73
N LEU A 871 -46.63 -6.75 36.86
CA LEU A 871 -46.22 -5.92 35.74
C LEU A 871 -46.65 -6.55 34.41
N PRO A 872 -46.95 -5.73 33.41
CA PRO A 872 -47.37 -6.27 32.12
C PRO A 872 -46.26 -7.02 31.41
N THR A 873 -46.65 -8.03 30.64
CA THR A 873 -45.74 -8.80 29.81
C THR A 873 -46.28 -8.85 28.39
N SER A 874 -45.39 -9.08 27.43
CA SER A 874 -45.76 -9.09 26.03
C SER A 874 -45.05 -10.22 25.30
N SER A 875 -45.67 -10.66 24.22
CA SER A 875 -45.08 -11.64 23.30
C SER A 875 -45.02 -11.00 21.92
N THR A 876 -43.82 -10.95 21.35
CA THR A 876 -43.61 -10.24 20.09
C THR A 876 -44.12 -11.06 18.89
N CYS A 877 -44.31 -12.36 19.05
CA CYS A 877 -44.73 -13.21 17.94
C CYS A 877 -46.08 -12.78 17.39
N ILE A 878 -47.00 -12.37 18.25
CA ILE A 878 -48.32 -11.92 17.84
C ILE A 878 -48.57 -10.46 18.18
N ASN A 879 -47.53 -9.74 18.63
CA ASN A 879 -47.62 -8.31 18.96
C ASN A 879 -48.74 -8.06 19.97
N MET A 880 -48.78 -8.90 21.00
CA MET A 880 -49.80 -8.84 22.03
C MET A 880 -49.14 -8.59 23.39
N LEU A 881 -49.75 -7.73 24.18
CA LEU A 881 -49.31 -7.43 25.53
C LEU A 881 -50.50 -7.52 26.47
N LYS A 882 -50.30 -8.18 27.62
CA LYS A 882 -51.34 -8.29 28.63
C LYS A 882 -51.13 -7.20 29.68
N LEU A 883 -52.13 -6.33 29.83
CA LEU A 883 -52.03 -5.19 30.72
C LEU A 883 -53.04 -5.34 31.85
N PRO A 884 -52.61 -5.30 33.12
CA PRO A 884 -53.57 -5.40 34.22
C PRO A 884 -54.52 -4.20 34.25
N GLU A 885 -55.73 -4.46 34.75
CA GLU A 885 -56.72 -3.42 34.85
C GLU A 885 -56.28 -2.35 35.85
N TYR A 886 -56.41 -1.09 35.47
CA TYR A 886 -56.01 0.02 36.33
C TYR A 886 -57.13 1.05 36.40
N PRO A 887 -57.26 1.74 37.53
CA PRO A 887 -58.32 2.73 37.68
C PRO A 887 -57.94 4.15 37.28
N SER A 888 -56.65 4.45 37.09
CA SER A 888 -56.21 5.79 36.77
C SER A 888 -55.01 5.74 35.83
N LYS A 889 -54.82 6.83 35.08
CA LYS A 889 -53.69 6.92 34.17
C LYS A 889 -52.37 6.96 34.92
N GLU A 890 -52.32 7.67 36.05
CA GLU A 890 -51.08 7.77 36.82
C GLU A 890 -50.66 6.42 37.38
N ILE A 891 -51.63 5.58 37.76
CA ILE A 891 -51.30 4.22 38.16
C ILE A 891 -50.76 3.43 36.98
N LEU A 892 -51.35 3.62 35.79
CA LEU A 892 -50.89 2.92 34.61
C LEU A 892 -49.47 3.34 34.24
N LYS A 893 -49.15 4.63 34.38
CA LYS A 893 -47.86 5.12 33.94
C LYS A 893 -46.72 4.57 34.79
N ASP A 894 -46.86 4.61 36.12
CA ASP A 894 -45.78 4.15 36.97
C ASP A 894 -45.58 2.64 36.84
N ARG A 895 -46.67 1.89 36.67
CA ARG A 895 -46.54 0.46 36.43
C ARG A 895 -45.81 0.19 35.11
N LEU A 896 -46.11 0.97 34.08
CA LEU A 896 -45.39 0.84 32.82
C LEU A 896 -43.95 1.34 32.95
N LEU A 897 -43.75 2.41 33.72
CA LEU A 897 -42.41 2.97 33.88
C LEU A 897 -41.47 1.98 34.56
N VAL A 898 -41.93 1.35 35.64
CA VAL A 898 -41.11 0.35 36.31
C VAL A 898 -40.95 -0.88 35.43
N ALA A 899 -41.94 -1.18 34.59
CA ALA A 899 -41.80 -2.28 33.64
C ALA A 899 -40.70 -1.99 32.64
N LEU A 900 -40.61 -0.75 32.16
CA LEU A 900 -39.49 -0.36 31.31
C LEU A 900 -38.17 -0.46 32.04
N HIS A 901 -38.15 -0.04 33.32
CA HIS A 901 -36.93 -0.15 34.12
C HIS A 901 -36.55 -1.60 34.39
N CYS A 902 -37.53 -2.49 34.47
CA CYS A 902 -37.28 -3.90 34.75
C CYS A 902 -36.91 -4.70 33.50
N GLY A 903 -36.93 -4.07 32.32
CA GLY A 903 -36.57 -4.76 31.10
C GLY A 903 -35.12 -5.21 31.06
N MET B 2 -57.60 -28.64 37.72
CA MET B 2 -57.69 -27.98 36.42
C MET B 2 -57.85 -29.02 35.31
N GLU B 3 -58.02 -28.56 34.07
CA GLU B 3 -58.41 -29.42 32.98
C GLU B 3 -57.39 -30.53 32.71
N ARG B 4 -57.76 -31.77 33.01
CA ARG B 4 -56.90 -32.94 32.80
C ARG B 4 -55.58 -32.78 33.56
N ALA B 5 -55.69 -32.68 34.88
CA ALA B 5 -54.52 -32.43 35.70
C ALA B 5 -53.48 -33.55 35.57
N MET B 6 -53.93 -34.79 35.69
CA MET B 6 -52.99 -35.92 35.59
C MET B 6 -52.40 -36.02 34.19
N GLU B 7 -53.22 -35.85 33.15
CA GLU B 7 -52.72 -35.96 31.79
C GLU B 7 -51.72 -34.86 31.47
N GLN B 8 -52.01 -33.63 31.89
CA GLN B 8 -51.08 -32.53 31.65
C GLN B 8 -49.83 -32.65 32.50
N LEU B 9 -49.95 -33.15 33.74
CA LEU B 9 -48.79 -33.33 34.58
C LEU B 9 -47.81 -34.34 33.97
N ASN B 10 -48.34 -35.45 33.45
CA ASN B 10 -47.48 -36.42 32.76
C ASN B 10 -46.84 -35.80 31.53
N ARG B 11 -47.60 -35.01 30.77
CA ARG B 11 -47.05 -34.33 29.60
C ARG B 11 -45.97 -33.33 30.01
N LEU B 12 -46.19 -32.60 31.11
CA LEU B 12 -45.21 -31.62 31.57
C LEU B 12 -43.89 -32.29 31.94
N THR B 13 -43.96 -33.39 32.68
CA THR B 13 -42.75 -34.04 33.16
C THR B 13 -41.95 -34.66 32.02
N ARG B 14 -42.62 -35.32 31.07
CA ARG B 14 -41.90 -35.97 29.99
C ARG B 14 -41.37 -34.97 28.98
N SER B 15 -42.04 -33.83 28.82
CA SER B 15 -41.56 -32.80 27.91
C SER B 15 -40.25 -32.19 28.42
N LEU B 16 -40.20 -31.86 29.71
CA LEU B 16 -38.98 -31.30 30.27
C LEU B 16 -37.87 -32.34 30.38
N ARG B 17 -38.22 -33.60 30.64
CA ARG B 17 -37.21 -34.64 30.73
C ARG B 17 -36.57 -34.89 29.37
N ARG B 18 -37.35 -34.84 28.30
CA ARG B 18 -36.81 -34.95 26.95
C ARG B 18 -36.30 -33.62 26.41
N ALA B 19 -36.37 -32.55 27.22
CA ALA B 19 -35.82 -31.23 26.96
C ALA B 19 -36.59 -30.43 25.93
N ARG B 20 -37.62 -31.01 25.29
CA ARG B 20 -38.42 -30.29 24.32
C ARG B 20 -39.89 -30.66 24.48
N THR B 21 -40.76 -29.76 24.05
CA THR B 21 -42.19 -30.00 24.18
C THR B 21 -42.66 -31.06 23.17
N VAL B 22 -43.77 -31.70 23.51
CA VAL B 22 -44.40 -32.69 22.64
C VAL B 22 -45.63 -32.11 21.94
N GLU B 23 -46.54 -31.51 22.71
CA GLU B 23 -47.71 -30.90 22.12
C GLU B 23 -47.32 -29.67 21.30
N LEU B 24 -48.02 -29.47 20.18
CA LEU B 24 -47.72 -28.39 19.26
C LEU B 24 -48.97 -27.55 19.04
N PRO B 25 -48.91 -26.24 19.24
CA PRO B 25 -50.09 -25.40 19.01
C PRO B 25 -50.50 -25.41 17.54
N GLU B 26 -51.79 -25.19 17.31
CA GLU B 26 -52.38 -25.25 15.96
C GLU B 26 -51.98 -24.08 15.07
N ASP B 27 -51.09 -23.19 15.48
CA ASP B 27 -50.64 -22.10 14.61
C ASP B 27 -49.62 -22.63 13.60
N ASN B 28 -49.88 -22.37 12.32
CA ASN B 28 -48.96 -22.83 11.28
C ASN B 28 -47.61 -22.15 11.39
N GLU B 29 -47.61 -20.84 11.65
CA GLU B 29 -46.33 -20.12 11.78
C GLU B 29 -45.55 -20.62 12.98
N THR B 30 -46.22 -20.85 14.11
CA THR B 30 -45.53 -21.39 15.28
C THR B 30 -45.02 -22.80 15.02
N ALA B 31 -45.82 -23.61 14.32
CA ALA B 31 -45.44 -25.01 14.08
C ALA B 31 -44.16 -25.11 13.25
N VAL B 32 -44.04 -24.30 12.21
CA VAL B 32 -42.89 -24.43 11.31
C VAL B 32 -41.62 -23.96 12.00
N TYR B 33 -41.67 -22.84 12.74
CA TYR B 33 -40.47 -22.34 13.38
C TYR B 33 -40.03 -23.24 14.53
N THR B 34 -40.97 -23.80 15.28
CA THR B 34 -40.61 -24.70 16.36
C THR B 34 -40.02 -26.01 15.84
N LEU B 35 -40.34 -26.40 14.61
CA LEU B 35 -39.83 -27.62 14.02
C LEU B 35 -38.48 -27.43 13.33
N MET B 36 -38.05 -26.19 13.14
CA MET B 36 -36.74 -25.95 12.52
C MET B 36 -35.59 -26.57 13.30
N PRO B 37 -35.44 -26.37 14.62
CA PRO B 37 -34.24 -26.88 15.30
C PRO B 37 -34.03 -28.39 15.17
N MET B 38 -35.06 -29.14 14.79
CA MET B 38 -34.92 -30.58 14.61
C MET B 38 -34.70 -30.99 13.17
N VAL B 39 -35.26 -30.26 12.20
CA VAL B 39 -35.18 -30.69 10.80
C VAL B 39 -33.77 -30.51 10.24
N MET B 40 -33.07 -29.42 10.59
CA MET B 40 -31.67 -29.35 10.17
C MET B 40 -30.80 -30.32 10.96
N ALA B 41 -31.24 -30.77 12.13
CA ALA B 41 -30.48 -31.72 12.93
C ALA B 41 -30.76 -33.17 12.55
N ASP B 42 -31.68 -33.42 11.62
CA ASP B 42 -32.03 -34.77 11.19
C ASP B 42 -32.46 -35.64 12.38
N GLN B 43 -33.16 -35.02 13.32
CA GLN B 43 -33.65 -35.72 14.51
C GLN B 43 -34.92 -36.49 14.12
N HIS B 44 -34.71 -37.64 13.48
CA HIS B 44 -35.83 -38.41 12.93
C HIS B 44 -36.78 -38.89 14.03
N ARG B 45 -36.22 -39.35 15.15
CA ARG B 45 -37.07 -39.86 16.23
C ARG B 45 -37.92 -38.75 16.85
N SER B 46 -37.34 -37.55 17.00
CA SER B 46 -38.08 -36.46 17.63
C SER B 46 -39.22 -35.97 16.76
N VAL B 47 -38.95 -35.74 15.47
CA VAL B 47 -39.99 -35.25 14.57
C VAL B 47 -41.08 -36.29 14.37
N SER B 48 -40.71 -37.58 14.36
CA SER B 48 -41.71 -38.63 14.26
C SER B 48 -42.62 -38.64 15.48
N GLU B 49 -42.05 -38.46 16.67
CA GLU B 49 -42.86 -38.39 17.88
C GLU B 49 -43.77 -37.17 17.86
N LEU B 50 -43.24 -36.02 17.44
CA LEU B 50 -44.05 -34.80 17.40
C LEU B 50 -45.13 -34.89 16.33
N LEU B 51 -44.79 -35.42 15.15
CA LEU B 51 -45.78 -35.52 14.08
C LEU B 51 -46.89 -36.49 14.42
N SER B 52 -46.58 -37.56 15.16
CA SER B 52 -47.61 -38.48 15.61
C SER B 52 -48.57 -37.82 16.60
N ASN B 53 -48.10 -36.79 17.31
CA ASN B 53 -48.92 -36.05 18.25
C ASN B 53 -49.39 -34.72 17.68
N SER B 54 -49.33 -34.55 16.37
CA SER B 54 -49.72 -33.31 15.71
C SER B 54 -50.71 -33.61 14.59
N LYS B 55 -51.53 -32.61 14.27
CA LYS B 55 -52.54 -32.71 13.23
C LYS B 55 -52.30 -31.67 12.14
N PHE B 56 -51.05 -31.49 11.74
CA PHE B 56 -50.67 -30.50 10.76
C PHE B 56 -50.50 -31.13 9.38
N ASP B 57 -50.29 -30.27 8.38
CA ASP B 57 -50.09 -30.70 7.00
C ASP B 57 -48.61 -30.58 6.66
N VAL B 58 -48.03 -31.69 6.19
CA VAL B 58 -46.62 -31.71 5.81
C VAL B 58 -46.37 -30.97 4.49
N ASN B 59 -47.41 -30.60 3.76
CA ASN B 59 -47.29 -29.89 2.50
C ASN B 59 -47.49 -28.39 2.64
N TYR B 60 -47.51 -27.87 3.87
CA TYR B 60 -47.70 -26.45 4.07
C TYR B 60 -46.54 -25.65 3.50
N ALA B 61 -46.85 -24.52 2.87
CA ALA B 61 -45.86 -23.67 2.24
C ALA B 61 -45.49 -22.50 3.14
N PHE B 62 -44.20 -22.20 3.21
CA PHE B 62 -43.71 -21.11 4.06
C PHE B 62 -42.42 -20.57 3.48
N GLY B 63 -42.08 -19.36 3.89
CA GLY B 63 -40.84 -18.72 3.46
C GLY B 63 -41.05 -17.77 2.31
N ARG B 64 -39.94 -17.14 1.91
CA ARG B 64 -39.98 -16.18 0.80
C ARG B 64 -40.38 -16.85 -0.50
N VAL B 65 -39.84 -18.04 -0.77
CA VAL B 65 -40.19 -18.79 -1.98
C VAL B 65 -41.30 -19.78 -1.72
N LYS B 66 -41.98 -19.68 -0.57
CA LYS B 66 -43.07 -20.58 -0.19
C LYS B 66 -42.62 -22.04 -0.23
N ARG B 67 -41.48 -22.31 0.40
CA ARG B 67 -40.94 -23.66 0.47
C ARG B 67 -41.67 -24.48 1.54
N SER B 68 -41.36 -25.77 1.57
CA SER B 68 -42.03 -26.71 2.46
C SER B 68 -41.02 -27.32 3.43
N LEU B 69 -41.54 -28.14 4.34
CA LEU B 69 -40.67 -28.86 5.27
C LEU B 69 -39.75 -29.81 4.52
N LEU B 70 -40.27 -30.46 3.47
CA LEU B 70 -39.44 -31.32 2.63
C LEU B 70 -38.31 -30.54 1.98
N HIS B 71 -38.55 -29.27 1.64
CA HIS B 71 -37.51 -28.43 1.08
C HIS B 71 -36.39 -28.18 2.08
N ILE B 72 -36.73 -27.90 3.34
CA ILE B 72 -35.72 -27.63 4.35
C ILE B 72 -34.83 -28.86 4.57
N ALA B 73 -35.44 -30.04 4.67
CA ALA B 73 -34.67 -31.27 4.86
C ALA B 73 -33.75 -31.53 3.69
N ALA B 74 -34.24 -31.30 2.46
CA ALA B 74 -33.41 -31.50 1.28
C ALA B 74 -32.25 -30.50 1.25
N ASN B 75 -32.50 -29.26 1.66
CA ASN B 75 -31.44 -28.26 1.67
C ASN B 75 -30.33 -28.62 2.64
N CYS B 76 -30.69 -29.15 3.81
CA CYS B 76 -29.70 -29.50 4.81
C CYS B 76 -29.04 -30.85 4.55
N GLY B 77 -29.52 -31.61 3.56
CA GLY B 77 -28.94 -32.90 3.26
C GLY B 77 -29.42 -34.05 4.11
N SER B 78 -30.45 -33.85 4.92
CA SER B 78 -30.99 -34.93 5.74
C SER B 78 -31.64 -35.99 4.85
N VAL B 79 -31.69 -37.22 5.38
CA VAL B 79 -32.17 -38.36 4.61
C VAL B 79 -33.34 -39.03 5.32
N GLU B 80 -33.15 -39.37 6.60
CA GLU B 80 -34.17 -40.12 7.32
C GLU B 80 -35.46 -39.30 7.49
N CYS B 81 -35.33 -38.00 7.77
CA CYS B 81 -36.51 -37.16 7.90
C CYS B 81 -37.25 -37.01 6.58
N LEU B 82 -36.58 -37.24 5.45
CA LEU B 82 -37.28 -37.24 4.16
C LEU B 82 -38.31 -38.36 4.11
N VAL B 83 -37.94 -39.54 4.61
CA VAL B 83 -38.82 -40.70 4.56
C VAL B 83 -40.08 -40.45 5.40
N LEU B 84 -39.92 -39.91 6.60
CA LEU B 84 -41.07 -39.69 7.47
C LEU B 84 -42.05 -38.70 6.86
N LEU B 85 -41.55 -37.60 6.30
CA LEU B 85 -42.43 -36.61 5.68
C LEU B 85 -43.16 -37.22 4.48
N LEU B 86 -42.42 -37.93 3.64
CA LEU B 86 -43.04 -38.53 2.45
C LEU B 86 -44.02 -39.64 2.82
N LYS B 87 -43.72 -40.40 3.87
CA LYS B 87 -44.67 -41.42 4.32
C LYS B 87 -45.89 -40.82 4.99
N LYS B 88 -45.82 -39.55 5.40
CA LYS B 88 -46.95 -38.89 6.05
C LYS B 88 -47.81 -38.10 5.07
N GLY B 89 -47.51 -38.15 3.78
CA GLY B 89 -48.32 -37.48 2.78
C GLY B 89 -47.66 -36.32 2.06
N ALA B 90 -46.36 -36.09 2.24
CA ALA B 90 -45.69 -35.01 1.54
C ALA B 90 -45.60 -35.32 0.04
N ASN B 91 -45.81 -34.29 -0.77
CA ASN B 91 -45.76 -34.44 -2.22
C ASN B 91 -44.35 -34.16 -2.70
N PRO B 92 -43.63 -35.15 -3.26
CA PRO B 92 -42.28 -34.88 -3.78
C PRO B 92 -42.27 -33.97 -5.00
N ASN B 93 -43.39 -33.83 -5.69
CA ASN B 93 -43.46 -33.04 -6.91
C ASN B 93 -43.82 -31.58 -6.67
N TYR B 94 -44.03 -31.18 -5.41
CA TYR B 94 -44.35 -29.79 -5.11
C TYR B 94 -43.17 -28.89 -5.45
N GLN B 95 -43.48 -27.70 -5.96
CA GLN B 95 -42.46 -26.75 -6.40
C GLN B 95 -42.70 -25.40 -5.75
N ASP B 96 -41.63 -24.61 -5.68
CA ASP B 96 -41.67 -23.29 -5.07
C ASP B 96 -42.27 -22.29 -6.06
N ILE B 97 -42.27 -21.01 -5.68
CA ILE B 97 -42.70 -19.97 -6.60
C ILE B 97 -41.73 -19.84 -7.78
N SER B 98 -40.50 -20.29 -7.62
CA SER B 98 -39.51 -20.31 -8.69
C SER B 98 -39.52 -21.63 -9.45
N GLY B 99 -40.41 -22.55 -9.12
CA GLY B 99 -40.45 -23.84 -9.77
C GLY B 99 -39.47 -24.86 -9.23
N CYS B 100 -38.90 -24.64 -8.06
CA CYS B 100 -37.89 -25.53 -7.50
C CYS B 100 -38.58 -26.62 -6.68
N THR B 101 -38.37 -27.86 -7.08
CA THR B 101 -38.82 -29.05 -6.38
C THR B 101 -37.68 -29.62 -5.55
N PRO B 102 -37.98 -30.40 -4.50
CA PRO B 102 -36.90 -30.96 -3.67
C PRO B 102 -35.89 -31.79 -4.45
N LEU B 103 -36.22 -32.25 -5.66
CA LEU B 103 -35.23 -32.95 -6.47
C LEU B 103 -34.07 -32.05 -6.85
N HIS B 104 -34.36 -30.78 -7.18
CA HIS B 104 -33.29 -29.84 -7.52
C HIS B 104 -32.38 -29.58 -6.33
N LEU B 105 -32.95 -29.43 -5.14
CA LEU B 105 -32.13 -29.19 -3.95
C LEU B 105 -31.23 -30.38 -3.67
N ALA B 106 -31.75 -31.60 -3.83
CA ALA B 106 -30.90 -32.78 -3.72
C ALA B 106 -29.84 -32.79 -4.81
N ALA B 107 -30.21 -32.40 -6.03
CA ALA B 107 -29.23 -32.27 -7.10
C ALA B 107 -28.23 -31.17 -6.79
N ARG B 108 -28.70 -30.06 -6.21
CA ARG B 108 -27.79 -28.97 -5.85
C ARG B 108 -26.79 -29.42 -4.79
N ASN B 109 -27.25 -30.19 -3.80
CA ASN B 109 -26.36 -30.69 -2.76
C ASN B 109 -25.63 -31.96 -3.17
N GLY B 110 -26.01 -32.59 -4.27
CA GLY B 110 -25.34 -33.80 -4.71
C GLY B 110 -25.47 -34.96 -3.75
N GLN B 111 -26.66 -35.18 -3.21
CA GLN B 111 -26.91 -36.25 -2.24
C GLN B 111 -27.49 -37.46 -2.98
N LYS B 112 -26.72 -38.54 -3.02
CA LYS B 112 -27.20 -39.77 -3.67
C LYS B 112 -28.38 -40.37 -2.91
N LYS B 113 -28.33 -40.34 -1.58
CA LYS B 113 -29.40 -40.94 -0.78
C LYS B 113 -30.71 -40.20 -0.97
N CYS B 114 -30.68 -38.87 -1.04
CA CYS B 114 -31.91 -38.11 -1.18
C CYS B 114 -32.60 -38.38 -2.51
N MET B 115 -31.84 -38.42 -3.61
CA MET B 115 -32.44 -38.63 -4.91
C MET B 115 -32.93 -40.06 -5.09
N SER B 116 -32.20 -41.02 -4.53
CA SER B 116 -32.60 -42.43 -4.64
C SER B 116 -33.93 -42.68 -3.94
N LYS B 117 -34.10 -42.12 -2.74
CA LYS B 117 -35.35 -42.33 -2.00
C LYS B 117 -36.50 -41.54 -2.61
N LEU B 118 -36.22 -40.36 -3.16
CA LEU B 118 -37.26 -39.61 -3.86
C LEU B 118 -37.77 -40.37 -5.08
N LEU B 119 -36.85 -40.99 -5.83
CA LEU B 119 -37.26 -41.78 -6.99
C LEU B 119 -38.09 -42.99 -6.56
N GLU B 120 -37.76 -43.57 -5.41
CA GLU B 120 -38.54 -44.71 -4.91
C GLU B 120 -39.97 -44.32 -4.59
N TYR B 121 -40.21 -43.04 -4.27
CA TYR B 121 -41.54 -42.56 -3.93
C TYR B 121 -42.27 -41.96 -5.13
N SER B 122 -41.97 -42.42 -6.33
CA SER B 122 -42.64 -42.00 -7.57
C SER B 122 -42.59 -40.48 -7.75
N ALA B 123 -41.36 -39.98 -7.90
CA ALA B 123 -41.13 -38.57 -8.17
C ALA B 123 -40.83 -38.39 -9.65
N ASP B 124 -41.49 -37.42 -10.28
CA ASP B 124 -41.32 -37.20 -11.70
C ASP B 124 -39.92 -36.68 -12.00
N VAL B 125 -39.32 -37.22 -13.07
CA VAL B 125 -37.96 -36.83 -13.46
C VAL B 125 -37.95 -35.70 -14.47
N ASN B 126 -39.09 -35.31 -15.02
CA ASN B 126 -39.18 -34.26 -16.03
C ASN B 126 -39.61 -32.93 -15.45
N ILE B 127 -39.63 -32.79 -14.12
CA ILE B 127 -40.03 -31.53 -13.51
C ILE B 127 -38.96 -30.48 -13.78
N CYS B 128 -39.40 -29.31 -14.25
CA CYS B 128 -38.50 -28.20 -14.57
C CYS B 128 -38.95 -26.95 -13.85
N ASN B 129 -38.01 -26.03 -13.64
CA ASN B 129 -38.28 -24.78 -12.95
C ASN B 129 -38.92 -23.79 -13.93
N ASN B 130 -39.01 -22.53 -13.51
CA ASN B 130 -39.57 -21.50 -14.39
C ASN B 130 -38.72 -21.26 -15.63
N GLU B 131 -37.44 -21.58 -15.56
CA GLU B 131 -36.54 -21.44 -16.71
C GLU B 131 -36.53 -22.66 -17.61
N GLY B 132 -37.32 -23.69 -17.30
CA GLY B 132 -37.31 -24.90 -18.07
C GLY B 132 -36.11 -25.80 -17.83
N LEU B 133 -35.48 -25.69 -16.67
CA LEU B 133 -34.30 -26.48 -16.34
C LEU B 133 -34.68 -27.58 -15.37
N THR B 134 -34.30 -28.82 -15.69
CA THR B 134 -34.62 -29.97 -14.87
C THR B 134 -33.46 -30.28 -13.92
N ALA B 135 -33.65 -31.31 -13.09
CA ALA B 135 -32.61 -31.70 -12.14
C ALA B 135 -31.36 -32.24 -12.82
N ILE B 136 -31.46 -32.63 -14.09
CA ILE B 136 -30.30 -33.11 -14.82
C ILE B 136 -29.27 -31.99 -14.98
N HIS B 137 -29.74 -30.77 -15.18
CA HIS B 137 -28.83 -29.64 -15.37
C HIS B 137 -27.95 -29.42 -14.15
N TRP B 138 -28.55 -29.47 -12.94
CA TRP B 138 -27.77 -29.24 -11.73
C TRP B 138 -26.82 -30.40 -11.46
N LEU B 139 -27.24 -31.64 -11.74
CA LEU B 139 -26.34 -32.77 -11.58
C LEU B 139 -25.16 -32.68 -12.53
N ALA B 140 -25.39 -32.26 -13.77
CA ALA B 140 -24.30 -32.08 -14.71
C ALA B 140 -23.35 -30.97 -14.26
N VAL B 141 -23.90 -29.89 -13.70
CA VAL B 141 -23.06 -28.80 -13.19
C VAL B 141 -22.19 -29.29 -12.04
N ASN B 142 -22.78 -30.06 -11.11
CA ASN B 142 -22.03 -30.59 -9.99
C ASN B 142 -21.08 -31.71 -10.38
N GLY B 143 -21.20 -32.23 -11.60
CA GLY B 143 -20.32 -33.30 -12.06
C GLY B 143 -20.50 -34.60 -11.32
N ARG B 144 -21.75 -34.99 -11.04
CA ARG B 144 -22.05 -36.26 -10.36
C ARG B 144 -22.37 -37.29 -11.44
N THR B 145 -21.31 -37.93 -11.96
CA THR B 145 -21.48 -38.92 -13.01
C THR B 145 -22.30 -40.12 -12.52
N GLU B 146 -22.08 -40.52 -11.26
CA GLU B 146 -22.84 -41.63 -10.70
C GLU B 146 -24.33 -41.30 -10.63
N LEU B 147 -24.67 -40.07 -10.24
CA LEU B 147 -26.07 -39.68 -10.18
C LEU B 147 -26.69 -39.54 -11.57
N LEU B 148 -25.91 -39.09 -12.56
CA LEU B 148 -26.43 -39.00 -13.91
C LEU B 148 -26.80 -40.37 -14.46
N HIS B 149 -25.95 -41.37 -14.22
CA HIS B 149 -26.23 -42.72 -14.71
C HIS B 149 -27.48 -43.29 -14.06
N ASP B 150 -27.66 -43.06 -12.76
CA ASP B 150 -28.86 -43.53 -12.08
C ASP B 150 -30.11 -42.83 -12.61
N LEU B 151 -30.02 -41.52 -12.84
CA LEU B 151 -31.20 -40.77 -13.28
C LEU B 151 -31.53 -41.07 -14.74
N VAL B 152 -30.51 -41.18 -15.60
CA VAL B 152 -30.76 -41.43 -17.02
C VAL B 152 -31.40 -42.79 -17.24
N GLN B 153 -31.22 -43.73 -16.31
CA GLN B 153 -31.91 -45.01 -16.40
C GLN B 153 -33.42 -44.86 -16.20
N HIS B 154 -33.86 -43.78 -15.58
CA HIS B 154 -35.28 -43.52 -15.35
C HIS B 154 -35.79 -42.33 -16.16
N VAL B 155 -34.96 -41.75 -17.03
CA VAL B 155 -35.34 -40.61 -17.84
C VAL B 155 -35.52 -41.08 -19.27
N SER B 156 -36.72 -40.86 -19.82
CA SER B 156 -37.02 -41.32 -21.17
C SER B 156 -36.30 -40.47 -22.22
N ASP B 157 -36.32 -39.15 -22.06
CA ASP B 157 -35.77 -38.24 -23.05
C ASP B 157 -34.41 -37.75 -22.57
N VAL B 158 -33.34 -38.29 -23.14
CA VAL B 158 -31.99 -37.86 -22.78
C VAL B 158 -31.62 -36.55 -23.46
N ASP B 159 -32.26 -36.23 -24.59
CA ASP B 159 -31.93 -35.04 -25.38
C ASP B 159 -32.93 -33.91 -25.17
N VAL B 160 -33.41 -33.73 -23.95
CA VAL B 160 -34.35 -32.64 -23.67
C VAL B 160 -33.62 -31.31 -23.74
N GLU B 161 -34.29 -30.32 -24.33
CA GLU B 161 -33.74 -28.99 -24.51
C GLU B 161 -34.41 -27.99 -23.57
N ASP B 162 -33.62 -27.09 -23.02
CA ASP B 162 -34.12 -26.04 -22.13
C ASP B 162 -34.52 -24.82 -22.95
N ALA B 163 -34.77 -23.70 -22.28
CA ALA B 163 -35.16 -22.48 -22.98
C ALA B 163 -34.04 -22.01 -23.92
N MET B 164 -32.79 -22.08 -23.47
CA MET B 164 -31.68 -21.71 -24.33
C MET B 164 -31.41 -22.76 -25.41
N GLY B 165 -31.92 -23.98 -25.22
CA GLY B 165 -31.69 -25.07 -26.15
C GLY B 165 -30.59 -26.03 -25.74
N GLN B 166 -29.98 -25.83 -24.57
CA GLN B 166 -28.91 -26.69 -24.10
C GLN B 166 -29.46 -28.03 -23.62
N THR B 167 -28.58 -29.02 -23.57
CA THR B 167 -28.91 -30.36 -23.13
C THR B 167 -27.79 -30.81 -22.19
N ALA B 168 -28.00 -31.96 -21.53
CA ALA B 168 -27.00 -32.48 -20.60
C ALA B 168 -25.62 -32.62 -21.25
N LEU B 169 -25.58 -32.91 -22.55
CA LEU B 169 -24.30 -33.00 -23.26
C LEU B 169 -23.62 -31.63 -23.32
N HIS B 170 -24.38 -30.58 -23.63
CA HIS B 170 -23.78 -29.26 -23.77
C HIS B 170 -23.39 -28.67 -22.43
N VAL B 171 -24.26 -28.77 -21.43
CA VAL B 171 -23.98 -28.15 -20.14
C VAL B 171 -22.81 -28.83 -19.44
N ALA B 172 -22.68 -30.15 -19.62
CA ALA B 172 -21.52 -30.86 -19.08
C ALA B 172 -20.24 -30.41 -19.77
N CYS B 173 -20.30 -30.18 -21.09
CA CYS B 173 -19.15 -29.67 -21.81
C CYS B 173 -18.79 -28.26 -21.34
N GLN B 174 -19.80 -27.45 -21.02
CA GLN B 174 -19.55 -26.12 -20.46
C GLN B 174 -18.81 -26.23 -19.13
N ASN B 175 -19.22 -27.16 -18.27
CA ASN B 175 -18.54 -27.37 -17.00
C ASN B 175 -17.20 -28.09 -17.17
N GLY B 176 -16.99 -28.76 -18.31
CA GLY B 176 -15.72 -29.41 -18.56
C GLY B 176 -15.51 -30.74 -17.87
N HIS B 177 -16.58 -31.39 -17.41
CA HIS B 177 -16.48 -32.68 -16.76
C HIS B 177 -16.41 -33.78 -17.83
N LYS B 178 -15.26 -34.47 -17.90
CA LYS B 178 -15.08 -35.51 -18.90
C LYS B 178 -15.82 -36.79 -18.54
N THR B 179 -15.92 -37.11 -17.25
CA THR B 179 -16.63 -38.32 -16.85
C THR B 179 -18.12 -38.23 -17.17
N THR B 180 -18.72 -37.06 -16.98
CA THR B 180 -20.16 -36.90 -17.22
C THR B 180 -20.50 -37.10 -18.70
N VAL B 181 -19.69 -36.54 -19.60
CA VAL B 181 -19.98 -36.68 -21.02
C VAL B 181 -19.75 -38.12 -21.47
N GLN B 182 -18.84 -38.83 -20.82
CA GLN B 182 -18.62 -40.23 -21.18
C GLN B 182 -19.86 -41.08 -20.89
N CYS B 183 -20.48 -40.87 -19.73
CA CYS B 183 -21.70 -41.60 -19.41
C CYS B 183 -22.84 -41.21 -20.34
N LEU B 184 -22.96 -39.92 -20.66
CA LEU B 184 -24.01 -39.47 -21.57
C LEU B 184 -23.83 -40.06 -22.96
N LEU B 185 -22.59 -40.10 -23.45
CA LEU B 185 -22.33 -40.72 -24.75
C LEU B 185 -22.64 -42.21 -24.72
N ASP B 186 -22.28 -42.88 -23.62
CA ASP B 186 -22.60 -44.29 -23.48
C ASP B 186 -24.10 -44.55 -23.41
N SER B 187 -24.88 -43.55 -22.99
CA SER B 187 -26.33 -43.71 -22.92
C SER B 187 -27.00 -43.70 -24.28
N GLY B 188 -26.27 -43.37 -25.35
CA GLY B 188 -26.84 -43.32 -26.67
C GLY B 188 -27.44 -41.99 -27.07
N ALA B 189 -27.08 -40.91 -26.38
CA ALA B 189 -27.63 -39.60 -26.72
C ALA B 189 -27.03 -39.09 -28.03
N ASP B 190 -27.68 -38.09 -28.60
CA ASP B 190 -27.25 -37.52 -29.86
C ASP B 190 -25.89 -36.81 -29.69
N ILE B 191 -25.02 -37.00 -30.68
CA ILE B 191 -23.69 -36.40 -30.65
C ILE B 191 -23.62 -35.11 -31.47
N ASN B 192 -24.56 -34.89 -32.39
CA ASN B 192 -24.62 -33.68 -33.21
C ASN B 192 -25.95 -32.96 -33.04
N ARG B 193 -26.41 -32.85 -31.80
CA ARG B 193 -27.67 -32.19 -31.52
C ARG B 193 -27.54 -30.69 -31.75
N PRO B 194 -28.35 -30.08 -32.62
CA PRO B 194 -28.22 -28.65 -32.88
C PRO B 194 -29.03 -27.80 -31.90
N ASN B 195 -28.46 -26.63 -31.60
CA ASN B 195 -29.12 -25.64 -30.77
C ASN B 195 -30.01 -24.75 -31.63
N VAL B 196 -30.82 -23.91 -30.97
CA VAL B 196 -31.69 -23.00 -31.71
C VAL B 196 -30.86 -22.04 -32.56
N SER B 197 -29.62 -21.78 -32.16
CA SER B 197 -28.67 -21.01 -32.97
C SER B 197 -27.76 -21.90 -33.80
N GLY B 198 -27.98 -23.21 -33.79
CA GLY B 198 -27.16 -24.14 -34.54
C GLY B 198 -25.94 -24.66 -33.80
N ALA B 199 -25.78 -24.35 -32.52
CA ALA B 199 -24.64 -24.82 -31.77
C ALA B 199 -24.71 -26.34 -31.55
N THR B 200 -23.54 -26.96 -31.57
CA THR B 200 -23.40 -28.41 -31.39
C THR B 200 -22.57 -28.66 -30.14
N PRO B 201 -22.41 -29.93 -29.71
CA PRO B 201 -21.45 -30.19 -28.62
C PRO B 201 -20.04 -29.73 -28.93
N LEU B 202 -19.64 -29.76 -30.20
CA LEU B 202 -18.34 -29.23 -30.59
C LEU B 202 -18.29 -27.71 -30.44
N TYR B 203 -19.44 -27.04 -30.52
CA TYR B 203 -19.47 -25.58 -30.40
C TYR B 203 -18.99 -25.14 -29.03
N PHE B 204 -19.43 -25.82 -27.97
CA PHE B 204 -18.93 -25.49 -26.63
C PHE B 204 -17.56 -26.09 -26.37
N ALA B 205 -17.21 -27.17 -27.07
CA ALA B 205 -15.89 -27.78 -26.88
C ALA B 205 -14.78 -26.81 -27.31
N CYS B 206 -14.95 -26.16 -28.45
CA CYS B 206 -13.96 -25.19 -28.91
C CYS B 206 -14.03 -23.89 -28.12
N SER B 207 -15.21 -23.52 -27.61
CA SER B 207 -15.34 -22.30 -26.83
C SER B 207 -14.55 -22.39 -25.53
N HIS B 208 -14.57 -23.55 -24.88
CA HIS B 208 -13.84 -23.76 -23.63
C HIS B 208 -12.48 -24.40 -23.83
N GLY B 209 -12.28 -25.12 -24.94
CA GLY B 209 -10.98 -25.71 -25.23
C GLY B 209 -10.56 -26.81 -24.27
N GLN B 210 -11.48 -27.72 -23.92
CA GLN B 210 -11.14 -28.87 -23.09
C GLN B 210 -10.55 -29.95 -23.98
N ARG B 211 -9.24 -30.18 -23.85
CA ARG B 211 -8.57 -31.13 -24.74
C ARG B 211 -9.08 -32.55 -24.54
N ASP B 212 -9.26 -32.97 -23.29
CA ASP B 212 -9.73 -34.33 -23.03
C ASP B 212 -11.17 -34.50 -23.51
N THR B 213 -12.03 -33.51 -23.28
CA THR B 213 -13.41 -33.60 -23.74
C THR B 213 -13.49 -33.63 -25.25
N ALA B 214 -12.66 -32.81 -25.93
CA ALA B 214 -12.66 -32.81 -27.39
C ALA B 214 -12.19 -34.14 -27.95
N GLN B 215 -11.16 -34.74 -27.33
CA GLN B 215 -10.67 -36.03 -27.78
C GLN B 215 -11.74 -37.11 -27.63
N ILE B 216 -12.46 -37.12 -26.51
CA ILE B 216 -13.55 -38.08 -26.33
C ILE B 216 -14.66 -37.81 -27.34
N LEU B 217 -14.99 -36.55 -27.57
CA LEU B 217 -16.05 -36.20 -28.51
C LEU B 217 -15.70 -36.66 -29.92
N LEU B 218 -14.45 -36.44 -30.34
CA LEU B 218 -14.02 -36.88 -31.67
C LEU B 218 -13.91 -38.40 -31.75
N LEU B 219 -13.59 -39.06 -30.63
CA LEU B 219 -13.47 -40.52 -30.64
C LEU B 219 -14.83 -41.17 -30.90
N ARG B 220 -15.89 -40.61 -30.33
CA ARG B 220 -17.22 -41.20 -30.47
C ARG B 220 -17.82 -41.01 -31.85
N GLY B 221 -17.23 -40.17 -32.71
CA GLY B 221 -17.72 -39.99 -34.06
C GLY B 221 -18.50 -38.72 -34.27
N ALA B 222 -18.00 -37.61 -33.73
CA ALA B 222 -18.66 -36.32 -33.92
C ALA B 222 -18.46 -35.83 -35.36
N LYS B 223 -19.35 -34.95 -35.79
CA LYS B 223 -19.33 -34.39 -37.13
C LYS B 223 -18.94 -32.92 -37.09
N TYR B 224 -18.32 -32.46 -38.17
CA TYR B 224 -17.84 -31.09 -38.27
C TYR B 224 -18.82 -30.28 -39.11
N LEU B 225 -19.32 -29.18 -38.55
CA LEU B 225 -20.27 -28.32 -39.24
C LEU B 225 -20.31 -26.98 -38.53
N PRO B 226 -20.56 -25.90 -39.25
CA PRO B 226 -20.70 -24.58 -38.61
C PRO B 226 -22.10 -24.39 -38.05
N ASP B 227 -22.34 -23.19 -37.51
CA ASP B 227 -23.63 -22.85 -36.95
C ASP B 227 -24.53 -22.27 -38.03
N LYS B 228 -25.67 -21.70 -37.62
CA LYS B 228 -26.58 -21.08 -38.59
C LYS B 228 -25.95 -19.85 -39.24
N ASN B 229 -25.08 -19.15 -38.51
CA ASN B 229 -24.41 -17.98 -39.05
C ASN B 229 -23.16 -18.33 -39.86
N GLY B 230 -22.82 -19.62 -39.98
CA GLY B 230 -21.65 -20.02 -40.71
C GLY B 230 -20.35 -19.95 -39.94
N VAL B 231 -20.40 -19.76 -38.63
CA VAL B 231 -19.20 -19.66 -37.82
C VAL B 231 -18.61 -21.06 -37.65
N THR B 232 -17.45 -21.29 -38.24
CA THR B 232 -16.76 -22.56 -38.08
C THR B 232 -16.35 -22.77 -36.63
N PRO B 233 -16.49 -23.98 -36.09
CA PRO B 233 -16.02 -24.22 -34.72
C PRO B 233 -14.54 -23.93 -34.52
N LEU B 234 -13.73 -24.03 -35.58
CA LEU B 234 -12.32 -23.65 -35.48
C LEU B 234 -12.18 -22.16 -35.14
N ASP B 235 -13.12 -21.33 -35.59
CA ASP B 235 -13.04 -19.89 -35.31
C ASP B 235 -13.11 -19.62 -33.81
N LEU B 236 -14.00 -20.30 -33.09
CA LEU B 236 -14.06 -20.13 -31.65
C LEU B 236 -12.81 -20.67 -30.98
N CYS B 237 -12.28 -21.79 -31.48
CA CYS B 237 -11.08 -22.37 -30.88
C CYS B 237 -9.87 -21.45 -31.04
N VAL B 238 -9.69 -20.87 -32.23
CA VAL B 238 -8.58 -19.96 -32.43
C VAL B 238 -8.83 -18.64 -31.69
N GLN B 239 -10.09 -18.22 -31.58
CA GLN B 239 -10.43 -17.04 -30.79
C GLN B 239 -10.47 -17.32 -29.30
N GLY B 240 -10.32 -18.57 -28.88
CA GLY B 240 -10.21 -18.90 -27.48
C GLY B 240 -8.79 -19.24 -27.08
N GLY B 241 -7.90 -19.37 -28.05
CA GLY B 241 -6.50 -19.62 -27.80
C GLY B 241 -6.20 -20.95 -27.15
N TYR B 242 -6.83 -22.02 -27.62
CA TYR B 242 -6.62 -23.37 -27.09
C TYR B 242 -5.88 -24.18 -28.16
N GLY B 243 -4.55 -24.16 -28.08
CA GLY B 243 -3.76 -24.95 -29.01
C GLY B 243 -3.82 -26.45 -28.76
N GLU B 244 -4.16 -26.86 -27.55
CA GLU B 244 -4.28 -28.28 -27.24
C GLU B 244 -5.42 -28.91 -28.03
N THR B 245 -6.58 -28.25 -28.08
CA THR B 245 -7.69 -28.76 -28.86
C THR B 245 -7.43 -28.65 -30.35
N CYS B 246 -6.69 -27.63 -30.78
CA CYS B 246 -6.33 -27.51 -32.19
C CYS B 246 -5.51 -28.71 -32.65
N GLU B 247 -4.49 -29.08 -31.88
CA GLU B 247 -3.63 -30.19 -32.26
C GLU B 247 -4.41 -31.50 -32.34
N VAL B 248 -5.34 -31.71 -31.41
CA VAL B 248 -6.19 -32.90 -31.47
C VAL B 248 -7.00 -32.90 -32.75
N LEU B 249 -7.57 -31.75 -33.12
CA LEU B 249 -8.32 -31.65 -34.36
C LEU B 249 -7.42 -31.71 -35.58
N ILE B 250 -6.13 -31.38 -35.44
CA ILE B 250 -5.19 -31.57 -36.53
C ILE B 250 -5.06 -33.05 -36.87
N GLN B 251 -4.93 -33.89 -35.83
CA GLN B 251 -4.80 -35.33 -36.06
C GLN B 251 -6.04 -35.92 -36.71
N TYR B 252 -7.23 -35.50 -36.23
CA TYR B 252 -8.47 -36.03 -36.80
C TYR B 252 -8.72 -35.47 -38.20
N HIS B 253 -8.47 -34.17 -38.39
CA HIS B 253 -8.67 -33.52 -39.68
C HIS B 253 -7.34 -33.05 -40.23
N PRO B 254 -6.73 -33.77 -41.18
CA PRO B 254 -5.44 -33.32 -41.73
C PRO B 254 -5.51 -31.99 -42.44
N ARG B 255 -6.70 -31.56 -42.88
CA ARG B 255 -6.83 -30.30 -43.60
C ARG B 255 -6.94 -29.10 -42.67
N LEU B 256 -7.04 -29.31 -41.36
CA LEU B 256 -7.26 -28.19 -40.44
C LEU B 256 -6.09 -27.21 -40.44
N PHE B 257 -4.86 -27.73 -40.48
CA PHE B 257 -3.69 -26.85 -40.43
C PHE B 257 -3.63 -25.96 -41.67
N GLN B 258 -4.00 -26.50 -42.83
CA GLN B 258 -4.03 -25.68 -44.04
C GLN B 258 -5.10 -24.61 -43.96
N THR B 259 -6.28 -24.97 -43.44
CA THR B 259 -7.40 -24.02 -43.42
C THR B 259 -7.12 -22.84 -42.51
N ILE B 260 -6.57 -23.09 -41.31
CA ILE B 260 -6.28 -22.00 -40.39
C ILE B 260 -5.18 -21.09 -40.94
N ILE B 261 -4.21 -21.67 -41.64
CA ILE B 261 -3.12 -20.86 -42.19
C ILE B 261 -3.63 -19.99 -43.35
N GLN B 262 -4.50 -20.53 -44.19
CA GLN B 262 -5.08 -19.75 -45.27
C GLN B 262 -6.20 -18.83 -44.79
N MET B 263 -6.57 -18.91 -43.52
CA MET B 263 -7.49 -17.96 -42.89
C MET B 263 -6.78 -16.94 -42.03
N THR B 264 -5.44 -16.87 -42.12
CA THR B 264 -4.67 -15.97 -41.26
C THR B 264 -4.91 -14.51 -41.61
N GLN B 265 -5.31 -14.22 -42.85
CA GLN B 265 -5.49 -12.84 -43.30
C GLN B 265 -6.68 -12.14 -42.65
N ASN B 266 -7.40 -12.79 -41.74
CA ASN B 266 -8.49 -12.14 -41.04
C ASN B 266 -7.96 -11.05 -40.11
N GLU B 267 -8.79 -10.03 -39.87
CA GLU B 267 -8.40 -8.88 -39.08
C GLU B 267 -9.08 -8.80 -37.72
N ASP B 268 -10.01 -9.72 -37.42
CA ASP B 268 -10.78 -9.63 -36.18
C ASP B 268 -10.03 -10.18 -34.97
N LEU B 269 -8.93 -10.88 -35.16
CA LEU B 269 -8.23 -11.55 -34.08
C LEU B 269 -6.91 -10.86 -33.80
N ARG B 270 -6.50 -10.87 -32.54
CA ARG B 270 -5.40 -10.04 -32.05
C ARG B 270 -4.05 -10.54 -32.58
N GLU B 271 -3.02 -9.73 -32.35
CA GLU B 271 -1.70 -10.03 -32.90
C GLU B 271 -0.94 -11.07 -32.07
N ASN B 272 -0.75 -10.80 -30.77
CA ASN B 272 -0.06 -11.77 -29.93
C ASN B 272 -0.95 -12.98 -29.66
N MET B 273 -2.26 -12.81 -29.74
CA MET B 273 -3.18 -13.92 -29.51
C MET B 273 -3.02 -14.99 -30.58
N LEU B 274 -2.83 -14.59 -31.83
CA LEU B 274 -2.58 -15.55 -32.90
C LEU B 274 -1.21 -16.21 -32.76
N ARG B 275 -0.21 -15.47 -32.28
CA ARG B 275 1.12 -16.04 -32.13
C ARG B 275 1.15 -17.16 -31.10
N GLN B 276 0.30 -17.08 -30.08
CA GLN B 276 0.32 -18.08 -29.01
C GLN B 276 -0.06 -19.46 -29.53
N VAL B 277 -1.12 -19.55 -30.34
CA VAL B 277 -1.54 -20.84 -30.86
C VAL B 277 -0.53 -21.36 -31.90
N LEU B 278 0.05 -20.45 -32.70
CA LEU B 278 1.00 -20.88 -33.72
C LEU B 278 2.26 -21.49 -33.10
N GLU B 279 2.78 -20.87 -32.04
CA GLU B 279 3.98 -21.42 -31.39
C GLU B 279 3.65 -22.69 -30.62
N HIS B 280 2.42 -22.82 -30.11
CA HIS B 280 2.03 -24.04 -29.41
C HIS B 280 2.06 -25.24 -30.34
N LEU B 281 1.58 -25.07 -31.57
CA LEU B 281 1.61 -26.13 -32.57
C LEU B 281 2.93 -26.18 -33.33
N SER B 282 3.88 -25.30 -33.02
CA SER B 282 5.19 -25.31 -33.66
C SER B 282 6.20 -26.16 -32.91
N GLN B 283 6.20 -26.10 -31.58
CA GLN B 283 7.18 -26.78 -30.77
C GLN B 283 6.82 -28.23 -30.45
N GLN B 284 5.68 -28.71 -30.96
CA GLN B 284 5.28 -30.10 -30.71
C GLN B 284 6.29 -31.07 -31.30
N SER B 285 6.74 -30.81 -32.53
CA SER B 285 7.75 -31.64 -33.16
C SER B 285 8.48 -30.82 -34.21
N GLU B 286 9.74 -31.19 -34.47
CA GLU B 286 10.52 -30.47 -35.47
C GLU B 286 9.97 -30.68 -36.87
N SER B 287 9.43 -31.88 -37.15
CA SER B 287 8.80 -32.11 -38.44
C SER B 287 7.58 -31.21 -38.63
N GLN B 288 6.77 -31.06 -37.58
CA GLN B 288 5.67 -30.11 -37.65
C GLN B 288 6.17 -28.67 -37.65
N TYR B 289 7.32 -28.42 -37.01
CA TYR B 289 7.88 -27.07 -36.99
C TYR B 289 8.22 -26.59 -38.39
N LEU B 290 8.86 -27.47 -39.19
CA LEU B 290 9.15 -27.12 -40.58
C LEU B 290 7.91 -27.24 -41.47
N LYS B 291 6.98 -28.13 -41.13
CA LYS B 291 5.78 -28.31 -41.94
C LYS B 291 4.94 -27.05 -41.97
N ILE B 292 4.72 -26.44 -40.80
CA ILE B 292 3.97 -25.19 -40.76
C ILE B 292 4.77 -24.05 -41.37
N LEU B 293 6.10 -24.07 -41.17
CA LEU B 293 6.94 -23.06 -41.80
C LEU B 293 6.87 -23.16 -43.32
N THR B 294 6.83 -24.38 -43.84
CA THR B 294 6.59 -24.56 -45.28
C THR B 294 5.23 -24.03 -45.66
N SER B 295 4.20 -24.35 -44.86
CA SER B 295 2.83 -23.99 -45.22
C SER B 295 2.63 -22.47 -45.24
N LEU B 296 3.23 -21.75 -44.28
CA LEU B 296 3.15 -20.30 -44.29
C LEU B 296 4.00 -19.68 -45.39
N ALA B 297 4.90 -20.45 -46.00
CA ALA B 297 5.80 -19.88 -47.01
C ALA B 297 5.05 -19.55 -48.30
N GLU B 298 4.18 -20.46 -48.76
CA GLU B 298 3.39 -20.14 -49.94
C GLU B 298 2.40 -19.00 -49.67
N VAL B 299 1.86 -18.94 -48.45
CA VAL B 299 0.93 -17.86 -48.11
C VAL B 299 1.62 -16.52 -48.21
N ALA B 300 2.85 -16.43 -47.70
CA ALA B 300 3.60 -15.18 -47.78
C ALA B 300 3.91 -14.81 -49.22
N THR B 301 4.34 -15.78 -50.03
CA THR B 301 4.74 -15.47 -51.40
C THR B 301 3.54 -15.26 -52.32
N THR B 302 2.40 -15.91 -52.05
CA THR B 302 1.22 -15.66 -52.86
C THR B 302 0.55 -14.34 -52.46
N ASN B 303 0.74 -13.90 -51.21
CA ASN B 303 0.20 -12.61 -50.80
C ASN B 303 1.03 -11.47 -51.40
N GLY B 304 2.34 -11.65 -51.50
CA GLY B 304 3.17 -10.67 -52.18
C GLY B 304 3.08 -10.71 -53.68
N HIS B 305 2.68 -11.85 -54.26
CA HIS B 305 2.50 -11.95 -55.70
C HIS B 305 1.36 -11.05 -56.17
N LYS B 306 0.23 -11.05 -55.44
CA LYS B 306 -0.87 -10.17 -55.81
C LYS B 306 -0.55 -8.71 -55.53
N LEU B 307 0.20 -8.43 -54.46
CA LEU B 307 0.70 -7.08 -54.24
C LEU B 307 1.68 -6.67 -55.34
N LEU B 308 2.41 -7.63 -55.89
CA LEU B 308 3.26 -7.34 -57.05
C LEU B 308 2.41 -6.95 -58.26
N SER B 309 1.30 -7.64 -58.48
CA SER B 309 0.53 -7.49 -59.71
C SER B 309 -0.60 -6.48 -59.57
N LEU B 310 -1.54 -6.73 -58.66
CA LEU B 310 -2.76 -5.94 -58.58
C LEU B 310 -2.69 -4.88 -57.50
N SER B 311 -3.65 -3.96 -57.54
CA SER B 311 -3.78 -2.88 -56.57
C SER B 311 -5.14 -2.96 -55.92
N SER B 312 -5.18 -2.71 -54.61
CA SER B 312 -6.42 -2.83 -53.84
C SER B 312 -6.36 -1.80 -52.71
N ASN B 313 -7.21 -1.98 -51.70
CA ASN B 313 -7.23 -1.10 -50.54
C ASN B 313 -5.85 -1.06 -49.89
N TYR B 314 -5.27 0.14 -49.81
CA TYR B 314 -3.88 0.27 -49.37
C TYR B 314 -3.71 -0.20 -47.94
N ASP B 315 -4.55 0.30 -47.04
CA ASP B 315 -4.44 -0.09 -45.63
C ASP B 315 -4.72 -1.58 -45.45
N ALA B 316 -5.70 -2.11 -46.20
CA ALA B 316 -6.05 -3.52 -46.06
C ALA B 316 -4.92 -4.43 -46.56
N GLN B 317 -4.23 -4.03 -47.63
CA GLN B 317 -3.25 -4.91 -48.24
C GLN B 317 -1.96 -4.98 -47.43
N MET B 318 -1.27 -3.84 -47.26
CA MET B 318 0.03 -3.87 -46.61
C MET B 318 -0.05 -4.25 -45.14
N LYS B 319 -1.15 -3.90 -44.47
CA LYS B 319 -1.31 -4.34 -43.08
C LYS B 319 -1.39 -5.85 -42.98
N SER B 320 -2.09 -6.49 -43.92
CA SER B 320 -2.16 -7.95 -43.93
C SER B 320 -0.78 -8.56 -44.17
N LEU B 321 0.00 -7.98 -45.07
CA LEU B 321 1.35 -8.49 -45.32
C LEU B 321 2.25 -8.32 -44.10
N LEU B 322 2.28 -7.11 -43.52
CA LEU B 322 3.12 -6.92 -42.33
C LEU B 322 2.60 -7.74 -41.16
N ARG B 323 1.30 -8.04 -41.14
CA ARG B 323 0.75 -8.91 -40.10
C ARG B 323 1.32 -10.32 -40.20
N ILE B 324 1.26 -10.93 -41.39
CA ILE B 324 1.68 -12.31 -41.53
C ILE B 324 3.20 -12.44 -41.43
N VAL B 325 3.95 -11.56 -42.10
CA VAL B 325 5.39 -11.72 -42.15
C VAL B 325 6.02 -11.52 -40.77
N ARG B 326 5.46 -10.62 -39.95
CA ARG B 326 6.02 -10.40 -38.62
C ARG B 326 5.82 -11.64 -37.74
N MET B 327 4.69 -12.33 -37.89
CA MET B 327 4.48 -13.58 -37.16
C MET B 327 5.29 -14.72 -37.75
N PHE B 328 5.51 -14.71 -39.07
CA PHE B 328 6.27 -15.78 -39.71
C PHE B 328 7.72 -15.78 -39.22
N CYS B 329 8.31 -14.60 -39.06
CA CYS B 329 9.67 -14.53 -38.54
C CYS B 329 9.72 -14.74 -37.03
N HIS B 330 8.66 -14.37 -36.31
CA HIS B 330 8.65 -14.56 -34.86
C HIS B 330 8.67 -16.03 -34.49
N VAL B 331 7.89 -16.86 -35.18
CA VAL B 331 7.85 -18.29 -34.85
C VAL B 331 9.20 -18.95 -35.14
N PHE B 332 9.89 -18.50 -36.19
CA PHE B 332 11.23 -19.02 -36.45
C PHE B 332 12.20 -18.57 -35.36
N ARG B 333 12.07 -17.32 -34.90
CA ARG B 333 12.92 -16.84 -33.82
C ARG B 333 12.61 -17.52 -32.50
N ILE B 334 11.37 -18.00 -32.33
CA ILE B 334 11.00 -18.68 -31.10
C ILE B 334 11.80 -19.97 -30.93
N GLY B 335 11.94 -20.75 -31.99
CA GLY B 335 12.68 -21.99 -31.95
C GLY B 335 14.17 -21.78 -31.78
N PRO B 353 20.04 -28.44 -39.08
CA PRO B 353 19.17 -28.84 -40.20
C PRO B 353 18.02 -27.87 -40.42
N ARG B 354 17.68 -27.10 -39.39
CA ARG B 354 16.59 -26.13 -39.51
C ARG B 354 16.90 -25.07 -40.56
N SER B 355 18.14 -24.60 -40.60
CA SER B 355 18.53 -23.61 -41.61
C SER B 355 18.44 -24.18 -43.02
N GLN B 356 18.84 -25.44 -43.19
CA GLN B 356 18.82 -26.05 -44.51
C GLN B 356 17.41 -26.17 -45.04
N VAL B 357 16.46 -26.59 -44.20
CA VAL B 357 15.07 -26.67 -44.63
C VAL B 357 14.50 -25.28 -44.87
N PHE B 358 15.03 -24.27 -44.18
CA PHE B 358 14.57 -22.90 -44.39
C PHE B 358 15.02 -22.35 -45.74
N LYS B 359 16.10 -22.88 -46.31
CA LYS B 359 16.62 -22.35 -47.57
C LYS B 359 15.63 -22.48 -48.72
N PRO B 360 15.01 -23.63 -49.00
CA PRO B 360 13.94 -23.65 -50.01
C PRO B 360 12.79 -22.74 -49.65
N LEU B 361 12.42 -22.66 -48.37
CA LEU B 361 11.35 -21.76 -47.94
C LEU B 361 11.75 -20.31 -48.15
N GLU B 362 13.05 -20.00 -48.07
CA GLU B 362 13.51 -18.68 -48.46
C GLU B 362 13.23 -18.42 -49.93
N LEU B 363 13.42 -19.43 -50.78
CA LEU B 363 13.30 -19.24 -52.23
C LEU B 363 11.89 -18.87 -52.64
N LEU B 364 10.88 -19.25 -51.85
CA LEU B 364 9.50 -18.89 -52.21
C LEU B 364 9.31 -17.37 -52.23
N TRP B 365 9.82 -16.67 -51.22
CA TRP B 365 9.69 -15.22 -51.20
C TRP B 365 10.92 -14.50 -51.72
N HIS B 366 12.10 -15.15 -51.70
CA HIS B 366 13.28 -14.53 -52.30
C HIS B 366 13.13 -14.43 -53.82
N SER B 367 12.60 -15.48 -54.45
CA SER B 367 12.30 -15.41 -55.88
C SER B 367 11.27 -14.32 -56.16
N LEU B 368 10.20 -14.29 -55.35
CA LEU B 368 9.22 -13.20 -55.49
C LEU B 368 9.88 -11.85 -55.35
N ASP B 369 10.79 -11.72 -54.38
CA ASP B 369 11.58 -10.49 -54.24
C ASP B 369 12.60 -10.32 -55.35
N GLU B 370 13.01 -11.41 -56.00
CA GLU B 370 14.03 -11.32 -57.04
C GLU B 370 13.54 -10.51 -58.23
N TRP B 371 12.33 -10.80 -58.71
CA TRP B 371 11.76 -9.99 -59.78
C TRP B 371 11.11 -8.71 -59.28
N LEU B 372 10.96 -8.53 -57.97
CA LEU B 372 10.75 -7.17 -57.45
C LEU B 372 11.98 -6.32 -57.66
N VAL B 373 13.17 -6.90 -57.50
CA VAL B 373 14.41 -6.21 -57.86
C VAL B 373 14.40 -5.90 -59.35
N LEU B 374 13.90 -6.82 -60.18
CA LEU B 374 13.74 -6.53 -61.60
C LEU B 374 12.73 -5.40 -61.81
N ILE B 375 11.65 -5.39 -61.03
CA ILE B 375 10.69 -4.28 -61.11
C ILE B 375 11.36 -2.98 -60.70
N ALA B 376 12.08 -3.00 -59.58
CA ALA B 376 12.79 -1.79 -59.13
C ALA B 376 13.85 -1.36 -60.13
N THR B 377 14.44 -2.32 -60.86
CA THR B 377 15.33 -1.97 -61.95
C THR B 377 14.58 -1.21 -63.05
N GLU B 378 13.32 -1.59 -63.30
CA GLU B 378 12.52 -0.89 -64.29
C GLU B 378 12.23 0.54 -63.87
N LEU B 379 12.12 0.79 -62.57
CA LEU B 379 11.90 2.17 -62.10
C LEU B 379 13.09 3.06 -62.46
N MET B 380 14.31 2.54 -62.32
CA MET B 380 15.48 3.29 -62.79
C MET B 380 15.43 3.52 -64.29
N LYS B 381 15.01 2.51 -65.05
CA LYS B 381 14.83 2.71 -66.49
C LYS B 381 13.74 3.73 -66.77
N ASN B 382 12.66 3.69 -65.99
CA ASN B 382 11.62 4.72 -66.10
C ASN B 382 12.16 6.09 -65.71
N LYS B 383 12.94 6.15 -64.61
CA LYS B 383 13.53 7.42 -64.20
C LYS B 383 14.52 7.93 -65.23
N ARG B 384 15.32 7.03 -65.80
CA ARG B 384 16.30 7.41 -66.82
C ARG B 384 15.62 7.62 -68.17
N ASP B 444 -0.46 10.29 -58.43
CA ASP B 444 0.63 9.61 -59.14
C ASP B 444 0.64 8.12 -58.81
N VAL B 445 0.44 7.30 -59.85
CA VAL B 445 0.45 5.85 -59.66
C VAL B 445 1.84 5.33 -59.35
N ILE B 446 2.88 6.12 -59.62
CA ILE B 446 4.23 5.73 -59.24
C ILE B 446 4.39 5.75 -57.72
N SER B 447 3.79 6.74 -57.06
CA SER B 447 3.89 6.85 -55.61
C SER B 447 3.22 5.68 -54.92
N MET B 448 2.04 5.27 -55.39
CA MET B 448 1.33 4.16 -54.74
C MET B 448 2.05 2.84 -54.98
N THR B 449 2.65 2.65 -56.15
CA THR B 449 3.49 1.47 -56.36
C THR B 449 4.69 1.48 -55.43
N ALA B 450 5.27 2.65 -55.20
CA ALA B 450 6.40 2.76 -54.28
C ALA B 450 6.00 2.36 -52.86
N ASN B 451 4.80 2.75 -52.43
CA ASN B 451 4.33 2.37 -51.11
C ASN B 451 4.21 0.85 -50.98
N ARG B 452 3.64 0.20 -52.00
CA ARG B 452 3.58 -1.26 -51.99
C ARG B 452 4.98 -1.86 -52.08
N LEU B 453 5.84 -1.30 -52.93
CA LEU B 453 7.21 -1.80 -53.05
C LEU B 453 7.99 -1.57 -51.76
N SER B 454 7.79 -0.42 -51.11
CA SER B 454 8.51 -0.15 -49.87
C SER B 454 8.14 -1.14 -48.79
N ALA B 455 6.86 -1.51 -48.68
CA ALA B 455 6.42 -2.41 -47.63
C ALA B 455 7.04 -3.79 -47.80
N VAL B 456 7.01 -4.34 -49.02
CA VAL B 456 7.59 -5.66 -49.25
C VAL B 456 9.11 -5.60 -49.11
N ILE B 457 9.73 -4.49 -49.53
CA ILE B 457 11.15 -4.29 -49.26
C ILE B 457 11.39 -4.20 -47.75
N GLN B 458 10.52 -3.47 -47.04
CA GLN B 458 10.58 -3.46 -45.59
C GLN B 458 10.37 -4.85 -45.00
N ALA B 459 9.38 -5.58 -45.54
CA ALA B 459 9.14 -6.95 -45.08
C ALA B 459 10.30 -7.87 -45.45
N PHE B 460 10.99 -7.59 -46.56
CA PHE B 460 12.13 -8.40 -46.95
C PHE B 460 13.30 -8.25 -46.00
N TYR B 461 13.36 -7.15 -45.23
CA TYR B 461 14.42 -7.01 -44.24
C TYR B 461 14.27 -8.06 -43.13
N MET B 462 13.06 -8.21 -42.58
CA MET B 462 12.84 -9.23 -41.56
C MET B 462 13.06 -10.62 -42.14
N CYS B 463 12.82 -10.80 -43.43
CA CYS B 463 13.17 -12.06 -44.07
C CYS B 463 14.68 -12.28 -44.05
N CYS B 464 15.46 -11.22 -44.33
CA CYS B 464 16.91 -11.33 -44.22
C CYS B 464 17.35 -11.42 -42.77
N SER B 465 16.67 -10.71 -41.87
CA SER B 465 16.98 -10.81 -40.45
C SER B 465 16.69 -12.21 -39.92
N CYS B 466 15.74 -12.91 -40.53
CA CYS B 466 15.45 -14.29 -40.14
C CYS B 466 16.54 -15.26 -40.59
N GLN B 467 17.39 -14.85 -41.52
CA GLN B 467 18.41 -15.76 -42.05
C GLN B 467 19.55 -15.98 -41.06
N MET B 468 19.82 -15.00 -40.20
CA MET B 468 20.96 -15.10 -39.30
C MET B 468 20.60 -14.59 -37.90
N PRO B 469 21.43 -14.83 -36.89
CA PRO B 469 21.18 -14.24 -35.59
C PRO B 469 21.21 -12.72 -35.66
N PRO B 470 20.46 -12.04 -34.79
CA PRO B 470 20.38 -10.58 -34.87
C PRO B 470 21.65 -9.88 -34.40
N GLY B 471 21.60 -8.54 -34.33
CA GLY B 471 22.75 -7.75 -33.97
C GLY B 471 23.61 -7.32 -35.14
N MET B 472 23.25 -7.67 -36.37
CA MET B 472 24.01 -7.32 -37.54
C MET B 472 23.06 -7.19 -38.73
N THR B 473 23.52 -6.48 -39.76
CA THR B 473 22.73 -6.27 -40.97
C THR B 473 23.40 -7.00 -42.13
N SER B 474 22.66 -7.89 -42.77
CA SER B 474 23.21 -8.72 -43.83
C SER B 474 23.53 -7.87 -45.06
N PRO B 475 24.60 -8.20 -45.78
CA PRO B 475 24.91 -7.48 -47.02
C PRO B 475 23.93 -7.76 -48.15
N ARG B 476 23.02 -8.71 -47.99
CA ARG B 476 22.10 -9.07 -49.07
C ARG B 476 21.16 -7.92 -49.40
N PHE B 477 20.34 -7.49 -48.43
CA PHE B 477 19.45 -6.37 -48.69
C PHE B 477 20.23 -5.06 -48.82
N ILE B 478 21.41 -4.98 -48.21
CA ILE B 478 22.27 -3.83 -48.41
C ILE B 478 22.69 -3.73 -49.88
N GLU B 479 23.06 -4.87 -50.47
CA GLU B 479 23.41 -4.88 -51.89
C GLU B 479 22.21 -4.50 -52.76
N PHE B 480 21.03 -5.00 -52.41
CA PHE B 480 19.83 -4.67 -53.19
C PHE B 480 19.46 -3.20 -53.04
N VAL B 481 19.51 -2.68 -51.81
CA VAL B 481 19.10 -1.30 -51.56
C VAL B 481 20.10 -0.32 -52.18
N CYS B 482 21.40 -0.58 -52.02
CA CYS B 482 22.39 0.35 -52.55
C CYS B 482 22.33 0.44 -54.07
N LYS B 483 22.13 -0.71 -54.74
CA LYS B 483 21.99 -0.69 -56.19
C LYS B 483 20.70 -0.01 -56.64
N HIS B 484 19.71 0.10 -55.76
CA HIS B 484 18.42 0.71 -56.09
C HIS B 484 18.09 1.84 -55.13
N ASP B 485 19.04 2.73 -54.90
CA ASP B 485 18.88 3.82 -53.95
C ASP B 485 18.23 5.06 -54.55
N GLU B 486 18.39 5.28 -55.85
CA GLU B 486 17.93 6.54 -56.45
C GLU B 486 16.42 6.70 -56.35
N VAL B 487 15.67 5.63 -56.66
CA VAL B 487 14.22 5.70 -56.49
C VAL B 487 13.85 5.80 -55.02
N LEU B 488 14.62 5.17 -54.13
CA LEU B 488 14.39 5.34 -52.70
C LEU B 488 14.61 6.78 -52.29
N LYS B 489 15.67 7.42 -52.80
CA LYS B 489 15.91 8.83 -52.50
C LYS B 489 14.79 9.71 -53.03
N CYS B 490 14.30 9.42 -54.23
CA CYS B 490 13.27 10.25 -54.85
C CYS B 490 11.98 10.23 -54.03
N PHE B 491 11.57 9.06 -53.55
CA PHE B 491 10.34 8.97 -52.78
C PHE B 491 10.52 9.47 -51.35
N VAL B 492 11.72 9.30 -50.78
CA VAL B 492 11.99 9.84 -49.45
C VAL B 492 11.89 11.37 -49.49
N ASN B 493 12.35 11.98 -50.57
CA ASN B 493 12.16 13.42 -50.74
C ASN B 493 10.69 13.78 -50.80
N ARG B 494 9.90 12.98 -51.51
CA ARG B 494 8.46 13.21 -51.57
C ARG B 494 7.81 13.03 -50.21
N ASN B 495 8.20 11.99 -49.47
CA ASN B 495 7.62 11.68 -48.17
C ASN B 495 8.75 11.32 -47.22
N PRO B 496 9.27 12.29 -46.47
CA PRO B 496 10.34 11.97 -45.50
C PRO B 496 9.91 10.99 -44.42
N LYS B 497 8.62 10.94 -44.09
CA LYS B 497 8.14 10.06 -43.03
C LYS B 497 8.12 8.59 -43.44
N ILE B 498 8.36 8.28 -44.73
CA ILE B 498 8.45 6.90 -45.15
C ILE B 498 9.65 6.22 -44.50
N ILE B 499 10.63 7.00 -44.04
CA ILE B 499 11.80 6.45 -43.38
C ILE B 499 11.43 5.84 -42.03
N PHE B 500 10.50 6.48 -41.31
CA PHE B 500 10.21 6.07 -39.94
C PHE B 500 9.66 4.65 -39.85
N ASP B 501 8.70 4.31 -40.73
CA ASP B 501 8.03 3.02 -40.67
C ASP B 501 8.67 1.98 -41.60
N HIS B 502 8.70 2.27 -42.90
CA HIS B 502 9.18 1.28 -43.86
C HIS B 502 10.69 1.13 -43.81
N PHE B 503 11.41 2.18 -43.43
CA PHE B 503 12.86 2.11 -43.26
C PHE B 503 13.25 2.17 -41.78
N HIS B 504 12.43 1.60 -40.91
CA HIS B 504 12.79 1.51 -39.50
C HIS B 504 13.98 0.60 -39.27
N PHE B 505 14.36 -0.19 -40.29
CA PHE B 505 15.50 -1.09 -40.19
C PHE B 505 16.84 -0.38 -40.36
N LEU B 506 16.85 0.88 -40.81
CA LEU B 506 18.12 1.59 -40.97
C LEU B 506 18.75 1.96 -39.63
N LEU B 507 18.04 1.79 -38.52
CA LEU B 507 18.58 2.11 -37.21
C LEU B 507 19.72 1.18 -36.79
N GLU B 508 19.90 0.05 -37.49
CA GLU B 508 20.95 -0.90 -37.15
C GLU B 508 21.97 -1.11 -38.25
N CYS B 509 21.84 -0.40 -39.38
CA CYS B 509 22.77 -0.55 -40.50
C CYS B 509 23.60 0.71 -40.65
N PRO B 510 24.85 0.74 -40.15
CA PRO B 510 25.64 1.98 -40.21
C PRO B 510 25.87 2.49 -41.63
N GLU B 511 25.98 1.59 -42.61
CA GLU B 511 26.22 2.03 -43.98
C GLU B 511 25.03 2.82 -44.53
N LEU B 512 23.81 2.41 -44.18
CA LEU B 512 22.62 3.01 -44.76
C LEU B 512 22.05 4.19 -43.96
N MET B 513 22.33 4.29 -42.65
CA MET B 513 21.89 5.48 -41.93
C MET B 513 22.59 6.72 -42.45
N SER B 514 23.91 6.63 -42.64
CA SER B 514 24.69 7.83 -42.97
C SER B 514 24.41 8.31 -44.38
N ARG B 515 24.23 7.39 -45.33
CA ARG B 515 23.96 7.81 -46.70
C ARG B 515 22.60 8.49 -46.82
N PHE B 516 21.62 8.05 -46.03
CA PHE B 516 20.34 8.73 -45.94
C PHE B 516 20.31 9.82 -44.87
N MET B 517 21.40 9.98 -44.12
CA MET B 517 21.42 10.98 -43.05
C MET B 517 21.44 12.40 -43.63
N HIS B 518 22.29 12.63 -44.62
CA HIS B 518 22.38 13.98 -45.20
C HIS B 518 21.16 14.29 -46.06
N ILE B 519 20.49 13.27 -46.59
CA ILE B 519 19.31 13.52 -47.43
C ILE B 519 18.15 14.02 -46.57
N ILE B 520 17.92 13.40 -45.41
CA ILE B 520 16.86 13.85 -44.52
C ILE B 520 17.22 15.13 -43.78
N LYS B 521 18.48 15.54 -43.83
CA LYS B 521 18.88 16.80 -43.20
C LYS B 521 18.32 18.02 -43.92
N ALA B 522 17.95 17.89 -45.19
CA ALA B 522 17.45 19.01 -45.97
C ALA B 522 16.06 19.48 -45.52
N GLN B 523 15.36 18.67 -44.74
CA GLN B 523 14.02 19.04 -44.30
C GLN B 523 14.10 20.18 -43.30
N PRO B 524 13.03 20.98 -43.17
CA PRO B 524 13.02 22.06 -42.18
C PRO B 524 13.04 21.51 -40.76
N PHE B 525 13.61 22.30 -39.84
CA PHE B 525 13.75 21.87 -38.46
C PHE B 525 12.40 21.66 -37.79
N LYS B 526 11.43 22.55 -38.06
CA LYS B 526 10.14 22.47 -37.39
C LYS B 526 9.42 21.16 -37.73
N ASP B 527 9.47 20.75 -39.00
CA ASP B 527 8.89 19.47 -39.37
C ASP B 527 9.66 18.31 -38.76
N ARG B 528 11.00 18.39 -38.75
CA ARG B 528 11.81 17.29 -38.25
C ARG B 528 11.60 17.07 -36.75
N CYS B 529 11.56 18.15 -35.97
CA CYS B 529 11.42 18.01 -34.53
C CYS B 529 10.08 17.39 -34.15
N GLU B 530 9.00 17.79 -34.84
CA GLU B 530 7.69 17.23 -34.54
C GLU B 530 7.64 15.73 -34.81
N TRP B 531 8.29 15.29 -35.89
CA TRP B 531 8.38 13.85 -36.15
C TRP B 531 9.16 13.14 -35.05
N PHE B 532 10.24 13.77 -34.57
CA PHE B 532 11.06 13.16 -33.54
C PHE B 532 10.28 12.98 -32.23
N TYR B 533 9.48 13.99 -31.86
CA TYR B 533 8.68 13.88 -30.64
C TYR B 533 7.62 12.79 -30.78
N GLU B 534 7.03 12.64 -31.96
CA GLU B 534 6.00 11.61 -32.15
C GLU B 534 6.58 10.22 -31.96
N HIS B 535 7.77 9.97 -32.50
CA HIS B 535 8.38 8.65 -32.40
C HIS B 535 9.19 8.46 -31.11
N LEU B 536 9.46 9.54 -30.37
CA LEU B 536 10.06 9.38 -29.05
C LEU B 536 9.11 8.66 -28.10
N HIS B 537 7.82 9.00 -28.15
CA HIS B 537 6.81 8.37 -27.32
C HIS B 537 6.18 7.16 -27.97
N SER B 538 6.54 6.85 -29.22
CA SER B 538 5.99 5.70 -29.91
C SER B 538 6.75 4.44 -29.54
N GLY B 539 6.05 3.30 -29.62
CA GLY B 539 6.65 2.02 -29.28
C GLY B 539 6.77 1.74 -27.80
N GLN B 540 6.21 2.61 -26.94
CA GLN B 540 6.27 2.42 -25.51
C GLN B 540 4.92 1.91 -25.02
N PRO B 541 4.82 0.67 -24.54
CA PRO B 541 3.54 0.19 -24.03
C PRO B 541 3.12 0.93 -22.77
N ASP B 542 1.80 1.10 -22.63
CA ASP B 542 1.21 1.78 -21.47
C ASP B 542 1.81 3.17 -21.27
N SER B 543 2.00 3.88 -22.37
CA SER B 543 2.58 5.23 -22.34
C SER B 543 1.44 6.25 -22.41
N ASP B 544 1.03 6.75 -21.25
CA ASP B 544 -0.02 7.75 -21.15
C ASP B 544 0.58 9.04 -20.61
N MET B 545 0.36 10.14 -21.32
CA MET B 545 0.90 11.44 -20.95
C MET B 545 -0.21 12.42 -20.55
N VAL B 546 -1.41 11.92 -20.29
CA VAL B 546 -2.55 12.79 -19.95
C VAL B 546 -2.99 12.52 -18.51
N HIS B 547 -2.45 13.30 -17.58
CA HIS B 547 -2.82 13.24 -16.16
C HIS B 547 -2.67 11.82 -15.60
N ARG B 548 -1.45 11.32 -15.66
CA ARG B 548 -1.16 10.02 -15.07
C ARG B 548 -1.24 10.12 -13.55
N PRO B 549 -1.88 9.17 -12.88
CA PRO B 549 -1.98 9.24 -11.41
C PRO B 549 -0.60 9.21 -10.76
N VAL B 550 -0.45 9.98 -9.69
CA VAL B 550 0.81 10.09 -8.96
C VAL B 550 0.89 8.90 -8.01
N ASN B 551 1.60 7.86 -8.43
CA ASN B 551 1.75 6.67 -7.59
C ASN B 551 2.72 6.95 -6.45
N GLU B 552 2.61 6.13 -5.40
CA GLU B 552 3.50 6.28 -4.24
C GLU B 552 4.94 5.99 -4.63
N ASN B 553 5.17 4.98 -5.47
CA ASN B 553 6.53 4.63 -5.87
C ASN B 553 7.15 5.74 -6.72
N ASP B 554 6.34 6.39 -7.56
CA ASP B 554 6.85 7.42 -8.45
C ASP B 554 7.29 8.68 -7.71
N ILE B 555 6.90 8.85 -6.46
CA ILE B 555 7.26 10.05 -5.70
C ILE B 555 8.71 9.95 -5.25
N LEU B 556 9.50 10.97 -5.58
CA LEU B 556 10.90 11.05 -5.22
C LEU B 556 11.09 12.17 -4.19
N LEU B 557 11.68 11.83 -3.06
CA LEU B 557 11.89 12.79 -1.97
C LEU B 557 13.34 13.23 -1.96
N VAL B 558 13.56 14.54 -2.03
CA VAL B 558 14.90 15.12 -2.02
C VAL B 558 14.92 16.30 -1.07
N HIS B 559 16.00 16.42 -0.30
CA HIS B 559 16.16 17.53 0.62
C HIS B 559 16.68 18.76 -0.12
N ARG B 560 16.22 19.94 0.30
CA ARG B 560 16.61 21.17 -0.36
C ARG B 560 18.10 21.45 -0.22
N ASP B 561 18.65 21.21 0.97
CA ASP B 561 20.07 21.49 1.21
C ASP B 561 20.97 20.57 0.39
N SER B 562 20.59 19.30 0.27
CA SER B 562 21.40 18.32 -0.43
C SER B 562 20.69 17.80 -1.66
N ILE B 563 20.11 18.71 -2.45
CA ILE B 563 19.30 18.31 -3.61
C ILE B 563 20.15 17.57 -4.63
N PHE B 564 21.41 17.97 -4.80
CA PHE B 564 22.28 17.29 -5.76
C PHE B 564 22.59 15.86 -5.31
N ARG B 565 22.90 15.68 -4.03
CA ARG B 565 23.21 14.34 -3.53
C ARG B 565 21.97 13.48 -3.43
N SER B 566 20.87 14.04 -2.91
CA SER B 566 19.66 13.26 -2.73
C SER B 566 19.06 12.81 -4.06
N SER B 567 19.08 13.69 -5.07
CA SER B 567 18.53 13.32 -6.37
C SER B 567 19.33 12.19 -7.01
N CYS B 568 20.66 12.21 -6.87
CA CYS B 568 21.47 11.13 -7.40
C CYS B 568 21.16 9.82 -6.72
N GLU B 569 20.93 9.85 -5.40
CA GLU B 569 20.67 8.61 -4.66
C GLU B 569 19.33 8.01 -5.03
N VAL B 570 18.28 8.84 -5.11
CA VAL B 570 16.95 8.32 -5.41
C VAL B 570 16.88 7.83 -6.86
N VAL B 571 17.58 8.49 -7.78
CA VAL B 571 17.61 8.03 -9.17
C VAL B 571 18.34 6.69 -9.27
N SER B 572 19.38 6.50 -8.46
CA SER B 572 20.13 5.25 -8.49
C SER B 572 19.26 4.06 -8.09
N LYS B 573 18.41 4.24 -7.08
CA LYS B 573 17.52 3.17 -6.63
C LYS B 573 16.24 3.08 -7.44
N ALA B 574 16.00 4.02 -8.36
CA ALA B 574 14.79 4.02 -9.16
C ALA B 574 15.04 3.23 -10.46
N ASN B 575 14.06 3.26 -11.36
CA ASN B 575 14.15 2.57 -12.65
C ASN B 575 13.81 3.53 -13.76
N CYS B 576 14.33 3.24 -14.96
CA CYS B 576 14.10 4.12 -16.10
C CYS B 576 12.63 4.16 -16.50
N ALA B 577 11.95 3.01 -16.45
CA ALA B 577 10.55 2.95 -16.87
C ALA B 577 9.64 3.77 -15.97
N LYS B 578 9.95 3.81 -14.66
CA LYS B 578 9.10 4.56 -13.73
C LYS B 578 9.10 6.05 -14.04
N LEU B 579 10.26 6.61 -14.35
CA LEU B 579 10.37 8.03 -14.65
C LEU B 579 10.17 8.35 -16.13
N LYS B 580 10.09 7.34 -16.99
CA LYS B 580 9.91 7.59 -18.42
C LYS B 580 8.53 8.19 -18.70
N GLN B 581 7.50 7.68 -18.03
CA GLN B 581 6.13 8.13 -18.28
C GLN B 581 5.75 9.31 -17.37
N GLY B 582 5.83 9.12 -16.06
CA GLY B 582 5.48 10.15 -15.10
C GLY B 582 6.70 10.63 -14.31
N ILE B 583 6.45 11.65 -13.51
CA ILE B 583 7.48 12.24 -12.66
C ILE B 583 6.81 12.87 -11.44
N ALA B 584 7.45 12.72 -10.28
CA ALA B 584 6.94 13.29 -9.04
C ALA B 584 8.11 13.61 -8.14
N VAL B 585 8.21 14.89 -7.75
CA VAL B 585 9.30 15.37 -6.90
C VAL B 585 8.69 15.99 -5.65
N ARG B 586 9.20 15.61 -4.49
CA ARG B 586 8.75 16.15 -3.21
C ARG B 586 9.95 16.52 -2.36
N PHE B 587 9.74 17.48 -1.45
CA PHE B 587 10.79 17.96 -0.56
C PHE B 587 10.32 17.85 0.88
N HIS B 588 11.28 17.69 1.78
CA HIS B 588 10.96 17.58 3.20
C HIS B 588 10.41 18.89 3.74
N GLY B 589 9.36 18.79 4.54
CA GLY B 589 8.73 19.95 5.15
C GLY B 589 7.78 20.71 4.26
N GLU B 590 7.50 20.22 3.05
CA GLU B 590 6.59 20.91 2.15
C GLU B 590 5.92 19.88 1.25
N GLU B 591 4.79 20.29 0.65
CA GLU B 591 4.00 19.45 -0.23
C GLU B 591 3.92 20.05 -1.63
N GLY B 592 5.01 20.66 -2.09
CA GLY B 592 5.05 21.25 -3.41
C GLY B 592 4.88 20.23 -4.52
N MET B 593 3.96 20.51 -5.44
CA MET B 593 3.70 19.60 -6.55
C MET B 593 3.20 20.41 -7.75
N GLY B 594 3.64 20.01 -8.93
CA GLY B 594 3.21 20.67 -10.15
C GLY B 594 4.33 20.64 -11.18
N GLN B 595 4.00 21.16 -12.37
CA GLN B 595 4.98 21.23 -13.44
C GLN B 595 6.11 22.21 -13.09
N GLY B 596 5.78 23.29 -12.39
CA GLY B 596 6.79 24.24 -11.98
C GLY B 596 7.83 23.64 -11.06
N VAL B 597 7.42 22.69 -10.20
CA VAL B 597 8.36 22.00 -9.33
C VAL B 597 9.38 21.22 -10.15
N VAL B 598 8.92 20.52 -11.19
CA VAL B 598 9.83 19.81 -12.07
C VAL B 598 10.73 20.79 -12.82
N ARG B 599 10.17 21.91 -13.28
CA ARG B 599 10.95 22.89 -14.02
C ARG B 599 12.06 23.49 -13.16
N GLU B 600 11.75 23.83 -11.90
CA GLU B 600 12.76 24.40 -11.03
C GLU B 600 13.75 23.34 -10.56
N TRP B 601 13.32 22.08 -10.46
CA TRP B 601 14.24 21.01 -10.11
C TRP B 601 15.30 20.81 -11.18
N PHE B 602 14.90 20.86 -12.46
CA PHE B 602 15.87 20.76 -13.53
C PHE B 602 16.69 22.04 -13.66
N ASP B 603 16.10 23.19 -13.33
CA ASP B 603 16.83 24.46 -13.43
C ASP B 603 17.91 24.56 -12.37
N ILE B 604 17.60 24.17 -11.12
CA ILE B 604 18.60 24.24 -10.06
C ILE B 604 19.72 23.24 -10.31
N LEU B 605 19.40 22.07 -10.87
CA LEU B 605 20.44 21.11 -11.20
C LEU B 605 21.35 21.63 -12.30
N SER B 606 20.78 22.30 -13.30
CA SER B 606 21.58 22.88 -14.37
C SER B 606 22.48 23.99 -13.84
N ASN B 607 21.97 24.81 -12.93
CA ASN B 607 22.77 25.90 -12.38
C ASN B 607 23.90 25.40 -11.49
N GLU B 608 23.71 24.23 -10.85
CA GLU B 608 24.72 23.68 -9.96
C GLU B 608 25.81 22.92 -10.69
N ILE B 609 25.65 22.63 -11.98
CA ILE B 609 26.61 21.82 -12.71
C ILE B 609 27.46 22.69 -13.62
N VAL B 610 26.93 23.85 -14.02
CA VAL B 610 27.66 24.72 -14.94
C VAL B 610 28.87 25.34 -14.24
N ASN B 611 28.69 25.84 -13.03
CA ASN B 611 29.78 26.48 -12.31
C ASN B 611 30.72 25.44 -11.69
N PRO B 612 31.98 25.81 -11.46
CA PRO B 612 32.97 24.83 -10.97
C PRO B 612 32.87 24.53 -9.48
N ASP B 613 31.75 24.87 -8.85
CA ASP B 613 31.61 24.62 -7.41
C ASP B 613 31.81 23.14 -7.09
N TYR B 614 31.32 22.25 -7.94
CA TYR B 614 31.54 20.83 -7.82
C TYR B 614 32.82 20.38 -8.50
N ALA B 615 33.56 21.31 -9.12
CA ALA B 615 34.81 21.00 -9.84
C ALA B 615 34.58 19.96 -10.92
N LEU B 616 33.42 20.04 -11.59
CA LEU B 616 33.10 19.13 -12.68
C LEU B 616 33.08 19.82 -14.05
N PHE B 617 32.87 21.13 -14.09
CA PHE B 617 32.88 21.88 -15.34
C PHE B 617 33.69 23.15 -15.15
N THR B 618 34.26 23.64 -16.25
CA THR B 618 35.12 24.82 -16.23
C THR B 618 34.63 25.84 -17.25
N GLN B 619 34.95 27.10 -17.00
CA GLN B 619 34.53 28.17 -17.89
C GLN B 619 35.36 28.17 -19.17
N SER B 620 34.77 28.70 -20.24
CA SER B 620 35.42 28.78 -21.53
C SER B 620 36.11 30.15 -21.67
N ALA B 621 36.61 30.44 -22.87
CA ALA B 621 37.28 31.71 -23.11
C ALA B 621 36.32 32.88 -22.99
N ASP B 622 35.09 32.72 -23.51
CA ASP B 622 34.12 33.81 -23.44
C ASP B 622 33.67 34.09 -22.02
N GLY B 623 33.67 33.07 -21.16
CA GLY B 623 33.27 33.21 -19.77
C GLY B 623 31.81 32.92 -19.52
N THR B 624 30.97 32.91 -20.55
CA THR B 624 29.56 32.57 -20.42
C THR B 624 29.24 31.16 -20.91
N THR B 625 30.27 30.37 -21.24
CA THR B 625 30.11 29.01 -21.72
C THR B 625 31.01 28.10 -20.92
N PHE B 626 30.57 26.85 -20.73
CA PHE B 626 31.25 25.91 -19.84
C PHE B 626 31.61 24.63 -20.57
N GLN B 627 32.73 24.03 -20.15
CA GLN B 627 33.23 22.78 -20.68
C GLN B 627 33.64 21.87 -19.53
N PRO B 628 33.65 20.55 -19.75
CA PRO B 628 33.93 19.63 -18.65
C PRO B 628 35.35 19.74 -18.13
N ASN B 629 35.53 19.40 -16.86
CA ASN B 629 36.86 19.32 -16.28
C ASN B 629 37.58 18.09 -16.83
N SER B 630 38.89 18.24 -17.05
CA SER B 630 39.65 17.21 -17.74
C SER B 630 40.05 16.07 -16.81
N ASN B 631 40.77 16.38 -15.74
CA ASN B 631 41.34 15.34 -14.88
C ASN B 631 40.23 14.52 -14.21
N SER B 632 40.36 13.20 -14.28
CA SER B 632 39.41 12.32 -13.62
C SER B 632 39.67 12.25 -12.13
N TYR B 633 38.60 12.05 -11.36
CA TYR B 633 38.63 11.93 -9.91
C TYR B 633 39.00 13.26 -9.23
N VAL B 634 38.74 14.38 -9.90
CA VAL B 634 38.76 15.66 -9.20
C VAL B 634 37.68 15.66 -8.12
N ASN B 635 36.48 15.18 -8.48
CA ASN B 635 35.42 14.89 -7.54
C ASN B 635 35.31 13.38 -7.37
N PRO B 636 35.35 12.86 -6.13
CA PRO B 636 35.38 11.40 -5.95
C PRO B 636 34.21 10.67 -6.60
N ASP B 637 33.02 11.27 -6.61
CA ASP B 637 31.83 10.66 -7.19
C ASP B 637 31.52 11.22 -8.58
N HIS B 638 32.55 11.61 -9.32
CA HIS B 638 32.34 12.27 -10.62
C HIS B 638 31.66 11.34 -11.62
N LEU B 639 32.05 10.07 -11.65
CA LEU B 639 31.46 9.14 -12.60
C LEU B 639 29.97 8.97 -12.36
N ASN B 640 29.54 8.98 -11.09
CA ASN B 640 28.12 8.89 -10.79
C ASN B 640 27.37 10.12 -11.26
N TYR B 641 27.95 11.31 -11.07
CA TYR B 641 27.27 12.53 -11.47
C TYR B 641 27.18 12.63 -12.98
N PHE B 642 28.21 12.17 -13.68
CA PHE B 642 28.21 12.22 -15.13
C PHE B 642 27.12 11.33 -15.71
N ARG B 643 26.94 10.14 -15.14
CA ARG B 643 25.79 9.31 -15.48
C ARG B 643 24.49 9.98 -15.04
N PHE B 644 24.48 10.56 -13.83
CA PHE B 644 23.28 11.22 -13.32
C PHE B 644 22.90 12.41 -14.19
N ALA B 645 23.89 13.18 -14.66
CA ALA B 645 23.59 14.30 -15.53
C ALA B 645 22.95 13.85 -16.83
N GLY B 646 23.42 12.73 -17.39
CA GLY B 646 22.79 12.20 -18.59
C GLY B 646 21.36 11.74 -18.34
N GLN B 647 21.10 11.19 -17.16
CA GLN B 647 19.77 10.71 -16.83
C GLN B 647 18.76 11.85 -16.78
N ILE B 648 19.10 12.94 -16.09
CA ILE B 648 18.16 14.03 -15.90
C ILE B 648 17.92 14.78 -17.20
N LEU B 649 18.98 14.98 -18.00
CA LEU B 649 18.80 15.69 -19.27
C LEU B 649 18.00 14.87 -20.27
N GLY B 650 18.10 13.54 -20.20
CA GLY B 650 17.23 12.70 -21.02
C GLY B 650 15.78 12.83 -20.62
N LEU B 651 15.51 12.92 -19.31
CA LEU B 651 14.15 13.14 -18.84
C LEU B 651 13.62 14.50 -19.27
N ALA B 652 14.46 15.53 -19.23
CA ALA B 652 14.04 16.85 -19.66
C ALA B 652 13.66 16.86 -21.13
N LEU B 653 14.45 16.18 -21.97
CA LEU B 653 14.09 16.04 -23.38
C LEU B 653 12.88 15.15 -23.56
N ASN B 654 12.72 14.12 -22.73
CA ASN B 654 11.57 13.23 -22.86
C ASN B 654 10.26 13.97 -22.61
N HIS B 655 10.24 14.86 -21.62
CA HIS B 655 9.04 15.62 -21.28
C HIS B 655 8.92 16.92 -22.09
N ARG B 656 9.89 17.22 -22.95
CA ARG B 656 9.81 18.30 -23.94
C ARG B 656 9.63 19.66 -23.26
N GLN B 657 10.64 20.05 -22.50
CA GLN B 657 10.74 21.40 -21.98
C GLN B 657 12.16 21.91 -22.12
N LEU B 658 12.30 23.23 -22.20
CA LEU B 658 13.61 23.84 -22.36
C LEU B 658 14.40 23.78 -21.06
N VAL B 659 15.72 23.84 -21.19
CA VAL B 659 16.62 23.87 -20.04
C VAL B 659 17.59 25.03 -20.23
N ASN B 660 18.14 25.49 -19.10
CA ASN B 660 19.06 26.61 -19.09
C ASN B 660 20.52 26.18 -19.22
N ILE B 661 20.76 24.92 -19.59
CA ILE B 661 22.13 24.45 -19.74
C ILE B 661 22.77 25.10 -20.96
N TYR B 662 24.08 25.34 -20.88
CA TYR B 662 24.83 25.96 -21.97
C TYR B 662 26.24 25.39 -21.97
N PHE B 663 26.54 24.55 -22.95
CA PHE B 663 27.86 23.95 -23.10
C PHE B 663 28.55 24.47 -24.36
N THR B 664 29.81 24.10 -24.51
CA THR B 664 30.60 24.52 -25.65
C THR B 664 30.12 23.82 -26.92
N ARG B 665 30.51 24.39 -28.06
CA ARG B 665 30.16 23.77 -29.34
C ARG B 665 30.83 22.41 -29.50
N SER B 666 32.06 22.28 -29.02
CA SER B 666 32.74 20.98 -29.06
C SER B 666 32.01 19.95 -28.21
N PHE B 667 31.31 20.39 -27.17
CA PHE B 667 30.52 19.47 -26.35
C PHE B 667 29.42 18.82 -27.18
N TYR B 668 28.72 19.60 -28.00
CA TYR B 668 27.67 19.05 -28.85
C TYR B 668 28.25 18.16 -29.95
N LYS B 669 29.47 18.49 -30.42
CA LYS B 669 30.11 17.64 -31.41
C LYS B 669 30.44 16.26 -30.83
N HIS B 670 30.88 16.22 -29.57
CA HIS B 670 31.21 14.94 -28.93
C HIS B 670 29.97 14.07 -28.78
N ILE B 671 28.85 14.66 -28.36
CA ILE B 671 27.64 13.89 -28.13
C ILE B 671 26.99 13.47 -29.43
N LEU B 672 27.36 14.08 -30.56
CA LEU B 672 26.76 13.75 -31.84
C LEU B 672 27.53 12.62 -32.53
N GLY B 673 28.83 12.80 -32.73
CA GLY B 673 29.65 11.75 -33.32
C GLY B 673 30.67 12.23 -34.34
N ILE B 674 30.38 13.33 -35.03
CA ILE B 674 31.28 13.86 -36.04
C ILE B 674 32.55 14.40 -35.38
N PRO B 675 33.69 14.36 -36.05
CA PRO B 675 34.93 14.82 -35.42
C PRO B 675 34.91 16.32 -35.14
N VAL B 676 35.68 16.71 -34.13
CA VAL B 676 35.74 18.11 -33.71
C VAL B 676 36.72 18.86 -34.61
N ASN B 677 36.25 19.98 -35.17
CA ASN B 677 37.09 20.80 -36.04
C ASN B 677 37.98 21.72 -35.21
N TYR B 678 38.88 22.42 -35.91
CA TYR B 678 39.81 23.33 -35.23
C TYR B 678 39.12 24.58 -34.72
N GLN B 679 37.93 24.91 -35.25
CA GLN B 679 37.21 26.08 -34.76
C GLN B 679 36.80 25.90 -33.30
N ASP B 680 36.39 24.69 -32.92
CA ASP B 680 36.06 24.42 -31.53
C ASP B 680 37.27 24.55 -30.63
N VAL B 681 38.45 24.15 -31.14
CA VAL B 681 39.68 24.31 -30.37
C VAL B 681 39.98 25.78 -30.13
N ALA B 682 39.65 26.64 -31.12
CA ALA B 682 39.85 28.07 -30.95
C ALA B 682 38.97 28.66 -29.85
N SER B 683 37.86 27.99 -29.51
CA SER B 683 36.99 28.46 -28.45
C SER B 683 37.64 28.36 -27.07
N ILE B 684 38.72 27.61 -26.93
CA ILE B 684 39.47 27.52 -25.68
C ILE B 684 40.76 28.33 -25.74
N ASP B 685 41.56 28.12 -26.78
CA ASP B 685 42.80 28.87 -26.98
C ASP B 685 42.88 29.25 -28.46
N PRO B 686 42.51 30.48 -28.81
CA PRO B 686 42.55 30.87 -30.24
C PRO B 686 43.93 30.82 -30.86
N GLU B 687 44.98 31.10 -30.08
CA GLU B 687 46.33 31.13 -30.66
C GLU B 687 46.77 29.74 -31.12
N TYR B 688 46.46 28.70 -30.35
CA TYR B 688 46.85 27.35 -30.74
C TYR B 688 46.17 26.93 -32.03
N ALA B 689 44.88 27.22 -32.17
CA ALA B 689 44.16 26.85 -33.39
C ALA B 689 44.54 27.77 -34.55
N LYS B 690 44.92 29.01 -34.27
CA LYS B 690 45.31 29.94 -35.33
C LYS B 690 46.55 29.44 -36.07
N ASN B 691 47.53 28.91 -35.34
CA ASN B 691 48.71 28.35 -35.98
C ASN B 691 48.36 27.10 -36.77
N LEU B 692 47.47 26.26 -36.23
CA LEU B 692 47.12 25.01 -36.91
C LEU B 692 46.38 25.28 -38.22
N GLN B 693 45.47 26.27 -38.23
CA GLN B 693 44.72 26.55 -39.45
C GLN B 693 45.58 27.24 -40.50
N TRP B 694 46.61 27.98 -40.07
CA TRP B 694 47.48 28.65 -41.03
C TRP B 694 48.32 27.64 -41.81
N ILE B 695 48.93 26.68 -41.09
CA ILE B 695 49.76 25.69 -41.76
C ILE B 695 48.93 24.74 -42.62
N LEU B 696 47.63 24.61 -42.33
CA LEU B 696 46.76 23.77 -43.14
C LEU B 696 46.63 24.32 -44.56
N ASP B 697 46.69 25.63 -44.72
CA ASP B 697 46.55 26.28 -46.02
C ASP B 697 47.86 26.42 -46.76
N ASN B 698 48.98 25.98 -46.18
CA ASN B 698 50.29 26.09 -46.79
C ASN B 698 50.82 24.71 -47.16
N ASP B 699 51.96 24.71 -47.86
CA ASP B 699 52.58 23.47 -48.32
C ASP B 699 53.44 22.87 -47.22
N ILE B 700 54.25 21.87 -47.58
CA ILE B 700 55.06 21.17 -46.59
C ILE B 700 56.12 22.08 -45.98
N SER B 701 56.80 22.86 -46.82
CA SER B 701 57.94 23.66 -46.38
C SER B 701 57.88 25.07 -46.97
N ASP B 702 56.70 25.67 -46.94
CA ASP B 702 56.55 27.03 -47.43
C ASP B 702 57.31 28.01 -46.54
N LEU B 703 58.13 28.85 -47.16
CA LEU B 703 58.94 29.85 -46.46
C LEU B 703 59.83 29.20 -45.39
N GLY B 704 60.39 28.04 -45.73
CA GLY B 704 61.29 27.35 -44.81
C GLY B 704 60.64 26.91 -43.52
N LEU B 705 59.43 26.37 -43.59
CA LEU B 705 58.74 25.91 -42.40
C LEU B 705 59.37 24.62 -41.88
N GLU B 706 59.37 24.46 -40.56
CA GLU B 706 59.91 23.29 -39.91
C GLU B 706 58.76 22.37 -39.47
N LEU B 707 58.87 21.10 -39.82
CA LEU B 707 57.81 20.12 -39.56
C LEU B 707 58.39 18.89 -38.88
N THR B 708 57.58 18.28 -38.02
CA THR B 708 57.96 17.05 -37.32
C THR B 708 56.80 16.06 -37.39
N PHE B 709 57.15 14.78 -37.30
CA PHE B 709 56.17 13.70 -37.37
C PHE B 709 55.93 13.04 -36.02
N SER B 710 56.39 13.67 -34.93
CA SER B 710 56.11 13.20 -33.58
C SER B 710 55.76 14.40 -32.72
N VAL B 711 54.77 14.23 -31.85
CA VAL B 711 54.30 15.32 -30.99
C VAL B 711 54.46 14.90 -29.54
N GLU B 712 54.51 15.90 -28.67
CA GLU B 712 54.74 15.71 -27.25
C GLU B 712 53.72 16.51 -26.46
N THR B 713 53.16 15.89 -25.42
CA THR B 713 52.17 16.53 -24.56
C THR B 713 52.59 16.37 -23.10
N ASP B 714 52.31 17.39 -22.31
CA ASP B 714 52.64 17.39 -20.88
C ASP B 714 51.36 17.21 -20.07
N VAL B 715 51.35 16.19 -19.20
CA VAL B 715 50.23 15.93 -18.32
C VAL B 715 50.75 15.82 -16.89
N PHE B 716 50.12 16.58 -15.98
CA PHE B 716 50.46 16.57 -14.56
C PHE B 716 51.94 16.87 -14.33
N GLY B 717 52.53 17.68 -15.18
CA GLY B 717 53.95 17.99 -15.10
C GLY B 717 54.85 16.90 -15.62
N ALA B 718 54.30 15.82 -16.17
CA ALA B 718 55.09 14.72 -16.70
C ALA B 718 55.20 14.86 -18.21
N MET B 719 56.37 14.55 -18.75
CA MET B 719 56.68 14.81 -20.14
C MET B 719 56.48 13.51 -20.92
N GLU B 720 55.52 13.50 -21.86
CA GLU B 720 55.18 12.31 -22.62
C GLU B 720 55.21 12.60 -24.11
N GLU B 721 55.57 11.58 -24.89
CA GLU B 721 55.72 11.69 -26.33
C GLU B 721 54.80 10.68 -27.03
N VAL B 722 54.15 11.14 -28.09
CA VAL B 722 53.29 10.30 -28.91
C VAL B 722 53.71 10.48 -30.37
N PRO B 723 54.11 9.41 -31.10
CA PRO B 723 54.57 9.54 -32.49
C PRO B 723 53.43 9.59 -33.51
N LEU B 724 52.43 10.43 -33.23
CA LEU B 724 51.29 10.64 -34.14
C LEU B 724 50.60 9.33 -34.51
N LYS B 725 50.77 8.90 -35.75
CA LYS B 725 50.11 7.70 -36.23
C LYS B 725 50.67 6.47 -35.50
N PRO B 726 49.83 5.46 -35.27
CA PRO B 726 50.33 4.24 -34.62
C PRO B 726 51.35 3.52 -35.48
N GLY B 727 52.28 2.84 -34.81
CA GLY B 727 53.34 2.11 -35.49
C GLY B 727 54.56 2.92 -35.84
N GLY B 728 54.58 4.21 -35.52
CA GLY B 728 55.71 5.07 -35.80
C GLY B 728 55.31 6.30 -36.57
N GLY B 729 56.30 7.18 -36.77
CA GLY B 729 56.06 8.41 -37.50
C GLY B 729 55.90 8.18 -38.99
N SER B 730 55.34 9.18 -39.66
CA SER B 730 55.12 9.10 -41.09
C SER B 730 56.43 9.15 -41.85
N ILE B 731 56.46 8.46 -43.00
CA ILE B 731 57.64 8.39 -43.84
C ILE B 731 57.40 8.95 -45.24
N LEU B 732 56.17 9.34 -45.57
CA LEU B 732 55.85 9.85 -46.89
C LEU B 732 54.96 11.07 -46.76
N VAL B 733 54.99 11.91 -47.80
CA VAL B 733 54.22 13.15 -47.83
C VAL B 733 52.83 12.83 -48.37
N THR B 734 51.80 13.19 -47.60
CA THR B 734 50.42 12.96 -48.00
C THR B 734 49.59 14.18 -47.65
N GLN B 735 48.94 14.78 -48.66
CA GLN B 735 48.07 15.93 -48.49
C GLN B 735 48.79 17.08 -47.80
N ASN B 736 49.82 17.59 -48.47
CA ASN B 736 50.67 18.67 -48.00
C ASN B 736 51.40 18.33 -46.69
N ASN B 737 51.40 17.05 -46.29
CA ASN B 737 52.07 16.58 -45.09
C ASN B 737 51.56 17.25 -43.82
N LYS B 738 50.38 17.89 -43.89
CA LYS B 738 49.82 18.55 -42.72
C LYS B 738 48.32 18.33 -42.54
N ALA B 739 47.59 17.81 -43.54
CA ALA B 739 46.15 17.71 -43.44
C ALA B 739 45.72 16.76 -42.31
N GLU B 740 46.08 15.49 -42.42
CA GLU B 740 45.70 14.52 -41.40
C GLU B 740 46.49 14.71 -40.12
N TYR B 741 47.70 15.27 -40.22
CA TYR B 741 48.53 15.49 -39.02
C TYR B 741 47.89 16.51 -38.10
N VAL B 742 47.33 17.59 -38.66
CA VAL B 742 46.60 18.56 -37.85
C VAL B 742 45.34 17.92 -37.26
N GLN B 743 44.64 17.11 -38.06
CA GLN B 743 43.44 16.44 -37.57
C GLN B 743 43.77 15.49 -36.44
N LEU B 744 44.91 14.79 -36.54
CA LEU B 744 45.30 13.85 -35.50
C LEU B 744 45.63 14.55 -34.19
N VAL B 745 46.40 15.64 -34.25
CA VAL B 745 46.82 16.31 -33.02
C VAL B 745 45.63 16.97 -32.32
N THR B 746 44.69 17.51 -33.09
CA THR B 746 43.51 18.14 -32.48
C THR B 746 42.64 17.10 -31.77
N GLU B 747 42.34 15.99 -32.45
CA GLU B 747 41.50 14.97 -31.83
C GLU B 747 42.16 14.38 -30.58
N LEU B 748 43.46 14.08 -30.66
CA LEU B 748 44.15 13.49 -29.53
C LEU B 748 44.14 14.44 -28.33
N ARG B 749 44.32 15.74 -28.58
CA ARG B 749 44.37 16.70 -27.49
C ARG B 749 42.97 17.01 -26.95
N MET B 750 41.93 16.89 -27.77
CA MET B 750 40.59 17.27 -27.34
C MET B 750 39.79 16.14 -26.70
N THR B 751 40.08 14.88 -26.99
CA THR B 751 39.25 13.80 -26.47
C THR B 751 39.99 12.76 -25.63
N ARG B 752 41.30 12.62 -25.79
CA ARG B 752 42.01 11.60 -25.00
C ARG B 752 42.02 11.95 -23.52
N ALA B 753 42.07 13.24 -23.19
CA ALA B 753 42.05 13.65 -21.79
C ALA B 753 40.67 13.65 -21.17
N ILE B 754 39.61 13.55 -21.98
CA ILE B 754 38.25 13.56 -21.45
C ILE B 754 37.45 12.38 -21.99
N GLN B 755 38.14 11.36 -22.50
CA GLN B 755 37.43 10.20 -23.04
C GLN B 755 36.59 9.45 -22.01
N PRO B 756 37.11 9.09 -20.83
CA PRO B 756 36.28 8.31 -19.89
C PRO B 756 35.04 9.07 -19.40
N GLN B 757 35.14 10.39 -19.23
CA GLN B 757 33.99 11.16 -18.75
C GLN B 757 32.94 11.38 -19.82
N ILE B 758 33.33 11.45 -21.09
CA ILE B 758 32.33 11.54 -22.16
C ILE B 758 31.49 10.28 -22.21
N ASN B 759 32.14 9.12 -22.08
CA ASN B 759 31.41 7.85 -22.14
C ASN B 759 30.40 7.75 -21.01
N ALA B 760 30.78 8.17 -19.80
CA ALA B 760 29.86 8.13 -18.68
C ALA B 760 28.64 9.02 -18.93
N PHE B 761 28.87 10.21 -19.49
CA PHE B 761 27.76 11.12 -19.75
C PHE B 761 26.81 10.57 -20.80
N LEU B 762 27.34 10.12 -21.95
CA LEU B 762 26.49 9.68 -23.03
C LEU B 762 25.68 8.44 -22.65
N GLN B 763 26.30 7.53 -21.88
CA GLN B 763 25.60 6.31 -21.47
C GLN B 763 24.34 6.64 -20.69
N GLY B 764 24.40 7.62 -19.80
CA GLY B 764 23.22 8.05 -19.08
C GLY B 764 22.23 8.81 -19.93
N PHE B 765 22.68 9.39 -21.04
CA PHE B 765 21.81 10.18 -21.91
C PHE B 765 21.12 9.33 -22.96
N HIS B 766 21.86 8.45 -23.64
CA HIS B 766 21.29 7.70 -24.75
C HIS B 766 20.49 6.47 -24.32
N MET B 767 20.48 6.14 -23.02
CA MET B 767 19.66 5.02 -22.58
C MET B 767 18.17 5.39 -22.54
N PHE B 768 17.86 6.69 -22.47
CA PHE B 768 16.48 7.14 -22.57
C PHE B 768 16.04 7.34 -24.02
N ILE B 769 16.92 7.91 -24.84
CA ILE B 769 16.68 8.10 -26.27
C ILE B 769 17.78 7.37 -27.01
N PRO B 770 17.48 6.34 -27.79
CA PRO B 770 18.53 5.55 -28.42
C PRO B 770 19.33 6.41 -29.39
N PRO B 771 20.61 6.10 -29.58
CA PRO B 771 21.45 6.95 -30.46
C PRO B 771 20.93 7.05 -31.88
N SER B 772 20.31 5.99 -32.41
CA SER B 772 19.79 6.04 -33.77
C SER B 772 18.67 7.07 -33.90
N LEU B 773 17.80 7.17 -32.89
CA LEU B 773 16.68 8.08 -32.91
C LEU B 773 17.03 9.48 -32.44
N ILE B 774 18.28 9.72 -32.04
CA ILE B 774 18.70 11.05 -31.60
C ILE B 774 19.78 11.65 -32.49
N GLN B 775 20.49 10.84 -33.29
CA GLN B 775 21.55 11.34 -34.16
C GLN B 775 21.02 11.97 -35.44
N LEU B 776 19.71 12.08 -35.61
CA LEU B 776 19.14 12.63 -36.84
C LEU B 776 19.09 14.15 -36.84
N PHE B 777 19.54 14.81 -35.77
CA PHE B 777 19.66 16.25 -35.71
C PHE B 777 21.13 16.65 -35.65
N ASP B 778 21.43 17.84 -36.16
CA ASP B 778 22.78 18.37 -36.06
C ASP B 778 22.92 19.17 -34.76
N GLU B 779 24.10 19.76 -34.56
CA GLU B 779 24.38 20.46 -33.30
C GLU B 779 23.45 21.65 -33.12
N TYR B 780 23.19 22.42 -34.18
CA TYR B 780 22.35 23.61 -34.05
C TYR B 780 20.90 23.25 -33.78
N GLU B 781 20.39 22.19 -34.41
CA GLU B 781 19.00 21.80 -34.18
C GLU B 781 18.77 21.35 -32.74
N LEU B 782 19.70 20.57 -32.19
CA LEU B 782 19.54 20.11 -30.81
C LEU B 782 19.69 21.26 -29.81
N GLU B 783 20.57 22.23 -30.12
CA GLU B 783 20.76 23.36 -29.22
C GLU B 783 19.48 24.17 -29.05
N LEU B 784 18.79 24.44 -30.17
CA LEU B 784 17.60 25.27 -30.10
C LEU B 784 16.46 24.57 -29.35
N LEU B 785 16.32 23.26 -29.54
CA LEU B 785 15.21 22.54 -28.90
C LEU B 785 15.43 22.36 -27.41
N LEU B 786 16.69 22.30 -26.95
CA LEU B 786 16.96 22.17 -25.53
C LEU B 786 17.04 23.51 -24.82
N SER B 787 17.57 24.55 -25.48
CA SER B 787 17.73 25.86 -24.86
C SER B 787 16.57 26.80 -25.20
N GLY B 788 16.30 27.01 -26.48
CA GLY B 788 15.23 27.90 -26.89
C GLY B 788 15.67 29.34 -27.03
#